data_3I4C
#
_entry.id   3I4C
#
_cell.length_a   215.729
_cell.length_b   91.545
_cell.length_c   118.368
_cell.angle_alpha   90.00
_cell.angle_beta   99.20
_cell.angle_gamma   90.00
#
_symmetry.space_group_name_H-M   'C 1 2 1'
#
loop_
_entity.id
_entity.type
_entity.pdbx_description
1 polymer 'NAD-dependent alcohol dehydrogenase'
2 non-polymer 'ZINC ION'
3 water water
#
_entity_poly.entity_id   1
_entity_poly.type   'polypeptide(L)'
_entity_poly.pdbx_seq_one_letter_code
;MRAVRLVEIGKPLSLQEIGVPKPKGPQVLIKVEAAGVCHSDVHMRQGRFGNLRIVEDLGVKLPVTLGHEIAGKIEEVGDE
VVGYSKGDLVAVNPLQGEGNCYYCRIGEEHLCDSPRWLGINFDGAYAEYVIVPHYKYMYKLRRLNAVEAAPLTCSGITTY
RAVRKASLDPTKTLLVVGAGGGLGTMAVQIAKAVSGATIIGVDVREEAVEAAKRAGADYVINASMQDPLAEIRRITESKG
VDAVIDLNYSEKTLSVYPKALAKQGKYVMVGLFGADLHYHAPLITLSEIQFVGSLVGNQSDFLGIMRLAEAGKVKPMITK
TMKLEEANEAIDNLENFKAIGRQVLIP
;
_entity_poly.pdbx_strand_id   A,B,C,D,E,H
#
loop_
_chem_comp.id
_chem_comp.type
_chem_comp.name
_chem_comp.formula
ZN non-polymer 'ZINC ION' 'Zn 2'
#
# COMPACT_ATOMS: atom_id res chain seq x y z
N MET A 1 -16.38 34.82 -28.46
CA MET A 1 -15.67 33.64 -29.03
C MET A 1 -16.57 32.90 -30.00
N ARG A 2 -15.97 32.06 -30.84
CA ARG A 2 -16.74 31.27 -31.79
C ARG A 2 -17.21 30.01 -31.08
N ALA A 3 -18.30 29.43 -31.56
CA ALA A 3 -18.85 28.22 -30.98
C ALA A 3 -19.87 27.61 -31.91
N VAL A 4 -19.75 26.32 -32.17
CA VAL A 4 -20.69 25.62 -33.04
C VAL A 4 -21.73 25.05 -32.09
N ARG A 5 -22.99 25.41 -32.30
CA ARG A 5 -24.04 24.97 -31.39
C ARG A 5 -25.25 24.33 -32.06
N LEU A 6 -25.99 23.58 -31.24
CA LEU A 6 -27.20 22.93 -31.71
C LEU A 6 -28.29 23.96 -31.41
N VAL A 7 -28.86 24.54 -32.46
CA VAL A 7 -29.90 25.54 -32.29
C VAL A 7 -31.29 24.97 -32.50
N GLU A 8 -31.39 23.93 -33.32
CA GLU A 8 -32.68 23.31 -33.57
C GLU A 8 -32.53 21.81 -33.83
N PRO A 12 -28.89 21.22 -38.68
CA PRO A 12 -27.43 21.30 -38.59
C PRO A 12 -26.94 22.29 -37.55
N LEU A 13 -25.74 22.08 -37.04
CA LEU A 13 -25.16 22.96 -36.03
C LEU A 13 -24.83 24.32 -36.64
N SER A 14 -24.97 25.37 -35.85
CA SER A 14 -24.71 26.72 -36.32
C SER A 14 -23.57 27.41 -35.58
N LEU A 15 -22.67 28.02 -36.35
CA LEU A 15 -21.53 28.74 -35.80
C LEU A 15 -21.94 30.10 -35.29
N GLN A 16 -22.07 30.23 -33.98
CA GLN A 16 -22.45 31.51 -33.39
C GLN A 16 -21.23 32.21 -32.83
N GLU A 17 -21.44 33.46 -32.41
CA GLU A 17 -20.39 34.28 -31.82
C GLU A 17 -20.90 34.73 -30.47
N ILE A 18 -20.74 33.86 -29.46
CA ILE A 18 -21.21 34.16 -28.11
C ILE A 18 -20.08 34.67 -27.23
N GLY A 19 -20.44 35.16 -26.05
CA GLY A 19 -19.45 35.68 -25.13
C GLY A 19 -18.71 34.60 -24.36
N VAL A 20 -17.55 34.97 -23.82
CA VAL A 20 -16.73 34.04 -23.05
C VAL A 20 -17.13 34.09 -21.57
N PRO A 21 -17.69 32.99 -21.06
CA PRO A 21 -18.12 32.91 -19.66
C PRO A 21 -16.98 33.26 -18.71
N LYS A 22 -17.35 33.77 -17.53
CA LYS A 22 -16.34 34.12 -16.53
C LYS A 22 -16.45 33.11 -15.38
N PRO A 23 -15.37 32.36 -15.12
CA PRO A 23 -15.34 31.35 -14.05
C PRO A 23 -15.51 31.94 -12.65
N LYS A 24 -16.43 31.37 -11.89
CA LYS A 24 -16.69 31.81 -10.53
C LYS A 24 -16.71 30.62 -9.59
N GLY A 25 -16.18 30.81 -8.37
CA GLY A 25 -16.16 29.74 -7.40
C GLY A 25 -15.26 28.58 -7.78
N PRO A 26 -15.81 27.35 -7.85
CA PRO A 26 -15.04 26.15 -8.21
C PRO A 26 -14.90 25.96 -9.72
N GLN A 27 -15.57 26.82 -10.48
CA GLN A 27 -15.55 26.74 -11.94
C GLN A 27 -14.15 26.95 -12.51
N VAL A 28 -13.94 26.41 -13.71
CA VAL A 28 -12.67 26.55 -14.41
C VAL A 28 -12.95 26.89 -15.86
N LEU A 29 -12.23 27.89 -16.38
CA LEU A 29 -12.39 28.29 -17.77
C LEU A 29 -11.26 27.63 -18.54
N ILE A 30 -11.60 26.86 -19.56
CA ILE A 30 -10.58 26.19 -20.35
C ILE A 30 -10.55 26.66 -21.80
N LYS A 31 -9.33 26.89 -22.29
CA LYS A 31 -9.14 27.28 -23.68
C LYS A 31 -9.00 25.95 -24.37
N VAL A 32 -10.03 25.56 -25.10
CA VAL A 32 -10.07 24.28 -25.81
C VAL A 32 -8.96 24.05 -26.83
N GLU A 33 -8.24 22.95 -26.67
CA GLU A 33 -7.17 22.57 -27.56
C GLU A 33 -7.55 21.33 -28.34
N ALA A 34 -8.57 20.63 -27.86
CA ALA A 34 -9.05 19.42 -28.52
C ALA A 34 -10.49 19.15 -28.13
N ALA A 35 -11.34 18.93 -29.14
CA ALA A 35 -12.74 18.65 -28.92
C ALA A 35 -13.09 17.42 -29.75
N GLY A 36 -13.10 16.26 -29.09
CA GLY A 36 -13.42 15.02 -29.77
C GLY A 36 -14.86 14.98 -30.26
N VAL A 37 -15.08 14.23 -31.33
CA VAL A 37 -16.40 14.06 -31.92
C VAL A 37 -16.66 12.57 -32.07
N CYS A 38 -17.83 12.12 -31.63
CA CYS A 38 -18.17 10.69 -31.77
C CYS A 38 -19.63 10.51 -32.17
N HIS A 39 -20.00 9.27 -32.47
CA HIS A 39 -21.36 8.96 -32.91
C HIS A 39 -22.44 9.52 -32.00
N SER A 40 -22.12 9.72 -30.72
CA SER A 40 -23.10 10.27 -29.80
C SER A 40 -23.55 11.67 -30.23
N ASP A 41 -22.67 12.39 -30.93
CA ASP A 41 -23.00 13.73 -31.39
C ASP A 41 -24.01 13.67 -32.54
N VAL A 42 -24.10 12.52 -33.19
CA VAL A 42 -25.04 12.33 -34.28
C VAL A 42 -26.41 12.23 -33.62
N HIS A 43 -26.49 11.45 -32.54
CA HIS A 43 -27.74 11.27 -31.81
C HIS A 43 -28.16 12.65 -31.28
N MET A 44 -27.19 13.41 -30.79
CA MET A 44 -27.46 14.73 -30.27
C MET A 44 -28.12 15.60 -31.32
N ARG A 45 -27.49 15.69 -32.48
CA ARG A 45 -28.01 16.51 -33.57
C ARG A 45 -29.39 16.05 -34.02
N GLN A 46 -29.71 14.77 -33.79
CA GLN A 46 -31.01 14.24 -34.18
C GLN A 46 -32.06 14.48 -33.09
N GLY A 47 -31.61 14.89 -31.91
CA GLY A 47 -32.53 15.14 -30.81
C GLY A 47 -32.72 13.95 -29.90
N ARG A 48 -32.72 12.75 -30.49
CA ARG A 48 -32.89 11.52 -29.74
C ARG A 48 -31.61 11.13 -29.01
N PHE A 49 -31.60 9.95 -28.40
CA PHE A 49 -30.42 9.50 -27.67
C PHE A 49 -30.61 8.09 -27.12
N ILE A 54 -33.92 14.56 -25.90
CA ILE A 54 -32.93 15.18 -25.03
C ILE A 54 -33.53 16.32 -24.20
N VAL A 55 -34.42 17.08 -24.81
CA VAL A 55 -35.06 18.20 -24.13
C VAL A 55 -36.07 17.67 -23.12
N GLU A 56 -36.75 16.60 -23.51
CA GLU A 56 -37.77 15.98 -22.67
C GLU A 56 -37.20 15.25 -21.45
N ASP A 57 -36.08 14.56 -21.66
CA ASP A 57 -35.47 13.79 -20.58
C ASP A 57 -34.17 14.33 -20.01
N LEU A 58 -33.22 14.64 -20.90
CA LEU A 58 -31.93 15.14 -20.45
C LEU A 58 -31.91 16.60 -20.04
N GLY A 59 -33.08 17.23 -20.03
CA GLY A 59 -33.17 18.63 -19.64
C GLY A 59 -32.41 19.57 -20.55
N VAL A 60 -32.25 19.17 -21.81
CA VAL A 60 -31.54 19.99 -22.78
C VAL A 60 -32.37 21.21 -23.17
N LYS A 61 -31.74 22.38 -23.19
CA LYS A 61 -32.42 23.61 -23.55
C LYS A 61 -31.67 24.34 -24.66
N LEU A 62 -32.14 24.18 -25.88
CA LEU A 62 -31.53 24.81 -27.05
C LEU A 62 -31.53 26.33 -26.94
N PRO A 63 -30.47 26.99 -27.42
CA PRO A 63 -29.30 26.37 -28.05
C PRO A 63 -28.26 25.91 -27.03
N VAL A 64 -27.39 24.98 -27.45
CA VAL A 64 -26.35 24.48 -26.57
C VAL A 64 -25.10 24.13 -27.38
N THR A 65 -23.93 24.44 -26.83
CA THR A 65 -22.68 24.14 -27.50
C THR A 65 -22.39 22.65 -27.28
N LEU A 66 -22.21 21.89 -28.35
CA LEU A 66 -21.92 20.48 -28.23
C LEU A 66 -20.44 20.28 -27.88
N GLY A 67 -20.01 19.02 -27.74
CA GLY A 67 -18.63 18.74 -27.40
C GLY A 67 -18.45 18.23 -25.98
N HIS A 68 -18.57 16.91 -25.82
CA HIS A 68 -18.43 16.29 -24.50
C HIS A 68 -17.06 15.62 -24.30
N GLU A 69 -16.16 15.79 -25.28
CA GLU A 69 -14.82 15.21 -25.20
C GLU A 69 -13.87 16.41 -25.14
N ILE A 70 -13.57 16.83 -23.92
CA ILE A 70 -12.79 18.02 -23.63
C ILE A 70 -11.35 17.91 -23.11
N ALA A 71 -10.46 18.70 -23.72
CA ALA A 71 -9.08 18.77 -23.29
C ALA A 71 -8.54 20.14 -23.71
N GLY A 72 -7.77 20.76 -22.83
CA GLY A 72 -7.23 22.06 -23.16
C GLY A 72 -6.40 22.66 -22.05
N LYS A 73 -6.10 23.95 -22.21
CA LYS A 73 -5.28 24.69 -21.28
C LYS A 73 -6.17 25.55 -20.37
N ILE A 74 -5.86 25.58 -19.09
CA ILE A 74 -6.64 26.37 -18.14
C ILE A 74 -6.42 27.85 -18.45
N GLU A 75 -7.51 28.55 -18.77
CA GLU A 75 -7.45 29.97 -19.10
C GLU A 75 -7.60 30.80 -17.83
N GLU A 76 -8.59 30.46 -17.00
CA GLU A 76 -8.84 31.16 -15.76
C GLU A 76 -9.55 30.24 -14.78
N VAL A 77 -9.26 30.40 -13.50
CA VAL A 77 -9.89 29.57 -12.48
C VAL A 77 -10.70 30.39 -11.50
N GLY A 78 -11.66 29.73 -10.85
CA GLY A 78 -12.49 30.41 -9.87
C GLY A 78 -11.64 30.60 -8.62
N ASP A 79 -12.09 31.50 -7.75
CA ASP A 79 -11.37 31.78 -6.51
C ASP A 79 -11.40 30.62 -5.52
N GLU A 80 -12.30 29.67 -5.76
CA GLU A 80 -12.41 28.51 -4.88
C GLU A 80 -11.62 27.33 -5.45
N VAL A 81 -11.18 27.45 -6.70
CA VAL A 81 -10.41 26.38 -7.31
C VAL A 81 -9.12 26.17 -6.54
N VAL A 82 -8.79 24.90 -6.32
CA VAL A 82 -7.58 24.54 -5.60
C VAL A 82 -6.86 23.41 -6.33
N GLY A 83 -5.54 23.53 -6.42
CA GLY A 83 -4.76 22.49 -7.07
C GLY A 83 -4.56 22.64 -8.56
N TYR A 84 -5.08 23.71 -9.15
CA TYR A 84 -4.90 23.93 -10.58
C TYR A 84 -4.59 25.41 -10.82
N SER A 85 -3.77 25.68 -11.83
CA SER A 85 -3.39 27.04 -12.18
C SER A 85 -3.55 27.31 -13.67
N LYS A 86 -3.65 28.58 -14.02
CA LYS A 86 -3.77 28.96 -15.43
C LYS A 86 -2.58 28.35 -16.13
N GLY A 87 -2.79 27.83 -17.34
CA GLY A 87 -1.69 27.23 -18.05
C GLY A 87 -1.64 25.72 -17.95
N ASP A 88 -2.28 25.16 -16.93
CA ASP A 88 -2.29 23.69 -16.79
C ASP A 88 -3.04 23.05 -17.96
N LEU A 89 -2.52 21.93 -18.43
CA LEU A 89 -3.16 21.18 -19.51
C LEU A 89 -4.02 20.12 -18.81
N VAL A 90 -5.29 20.05 -19.16
CA VAL A 90 -6.20 19.09 -18.52
C VAL A 90 -7.18 18.41 -19.46
N ALA A 91 -7.75 17.30 -18.99
CA ALA A 91 -8.79 16.55 -19.71
C ALA A 91 -9.96 16.68 -18.75
N VAL A 92 -11.19 16.50 -19.22
CA VAL A 92 -12.35 16.67 -18.35
C VAL A 92 -13.39 15.55 -18.39
N ASN A 93 -13.91 15.19 -17.22
CA ASN A 93 -14.97 14.18 -17.13
C ASN A 93 -16.22 15.03 -17.28
N PRO A 94 -16.92 14.90 -18.42
CA PRO A 94 -18.14 15.66 -18.74
C PRO A 94 -19.45 15.32 -18.03
N LEU A 95 -19.53 14.13 -17.45
CA LEU A 95 -20.75 13.69 -16.78
C LEU A 95 -20.69 13.97 -15.28
N GLN A 96 -21.45 14.97 -14.84
CA GLN A 96 -21.41 15.40 -13.45
C GLN A 96 -22.75 15.39 -12.72
N GLY A 97 -22.85 14.55 -11.70
CA GLY A 97 -24.09 14.42 -10.94
C GLY A 97 -24.50 15.58 -10.05
N GLU A 98 -25.81 15.71 -9.84
CA GLU A 98 -26.34 16.79 -9.01
C GLU A 98 -26.07 16.52 -7.52
N GLY A 99 -25.86 15.26 -7.18
CA GLY A 99 -25.50 14.92 -5.80
C GLY A 99 -26.53 14.35 -4.83
N ASN A 100 -27.79 14.74 -4.98
CA ASN A 100 -28.84 14.29 -4.07
C ASN A 100 -29.43 12.91 -4.34
N CYS A 101 -29.50 12.52 -5.61
CA CYS A 101 -30.10 11.24 -5.94
C CYS A 101 -29.32 10.03 -5.43
N TYR A 102 -29.98 8.88 -5.47
CA TYR A 102 -29.41 7.61 -5.02
C TYR A 102 -28.07 7.28 -5.68
N TYR A 103 -28.01 7.40 -7.00
CA TYR A 103 -26.80 7.07 -7.73
C TYR A 103 -25.64 7.98 -7.38
N CYS A 104 -25.94 9.24 -7.12
CA CYS A 104 -24.90 10.19 -6.74
C CYS A 104 -24.41 9.82 -5.34
N ARG A 105 -25.33 9.45 -4.46
CA ARG A 105 -24.92 9.10 -3.10
C ARG A 105 -24.05 7.84 -3.02
N ILE A 106 -24.32 6.86 -3.88
CA ILE A 106 -23.52 5.64 -3.83
C ILE A 106 -22.28 5.71 -4.71
N GLY A 107 -22.01 6.89 -5.26
CA GLY A 107 -20.82 7.07 -6.08
C GLY A 107 -20.90 6.64 -7.54
N GLU A 108 -22.11 6.54 -8.07
CA GLU A 108 -22.28 6.16 -9.47
C GLU A 108 -22.95 7.33 -10.17
N GLU A 109 -22.35 8.50 -10.06
CA GLU A 109 -22.93 9.72 -10.59
C GLU A 109 -23.23 9.74 -12.08
N HIS A 110 -22.58 8.88 -12.86
CA HIS A 110 -22.87 8.86 -14.29
C HIS A 110 -24.31 8.37 -14.52
N LEU A 111 -24.89 7.75 -13.49
CA LEU A 111 -26.27 7.27 -13.63
C LEU A 111 -27.21 8.22 -12.89
N CYS A 112 -26.73 9.43 -12.64
CA CYS A 112 -27.51 10.46 -11.94
C CYS A 112 -28.88 10.67 -12.59
N ASP A 113 -29.89 10.92 -11.76
CA ASP A 113 -31.25 11.16 -12.27
C ASP A 113 -31.35 12.47 -13.06
N SER A 114 -30.53 13.45 -12.72
CA SER A 114 -30.54 14.74 -13.41
C SER A 114 -29.12 15.27 -13.49
N PRO A 115 -28.30 14.65 -14.33
CA PRO A 115 -26.91 15.05 -14.49
C PRO A 115 -26.65 16.33 -15.27
N ARG A 116 -25.47 16.89 -15.03
CA ARG A 116 -25.00 18.06 -15.73
C ARG A 116 -24.02 17.37 -16.69
N TRP A 117 -24.33 17.39 -17.98
CA TRP A 117 -23.49 16.72 -18.97
C TRP A 117 -22.94 17.69 -20.02
N LEU A 118 -21.66 18.06 -19.88
CA LEU A 118 -21.04 18.99 -20.83
C LEU A 118 -21.12 18.49 -22.28
N GLY A 119 -21.63 19.34 -23.16
CA GLY A 119 -21.75 18.95 -24.56
C GLY A 119 -23.07 18.24 -24.85
N ILE A 120 -23.85 18.02 -23.81
CA ILE A 120 -25.13 17.34 -23.96
C ILE A 120 -26.28 18.24 -23.50
N ASN A 121 -26.28 18.62 -22.23
CA ASN A 121 -27.32 19.51 -21.72
C ASN A 121 -26.67 20.73 -21.06
N PHE A 122 -25.40 20.93 -21.38
CA PHE A 122 -24.63 22.07 -20.86
C PHE A 122 -23.61 22.37 -21.97
N ASP A 123 -23.23 23.64 -22.13
CA ASP A 123 -22.30 23.98 -23.20
C ASP A 123 -21.00 23.19 -23.15
N GLY A 124 -20.62 22.62 -24.30
CA GLY A 124 -19.43 21.81 -24.41
C GLY A 124 -18.19 22.45 -25.04
N ALA A 125 -17.34 21.60 -25.60
CA ALA A 125 -16.08 22.03 -26.19
C ALA A 125 -16.06 22.48 -27.65
N TYR A 126 -17.19 22.45 -28.34
CA TYR A 126 -17.24 22.90 -29.73
C TYR A 126 -17.17 24.43 -29.71
N ALA A 127 -16.12 24.96 -29.06
CA ALA A 127 -15.94 26.40 -28.95
C ALA A 127 -14.50 26.71 -28.57
N GLU A 128 -14.17 27.99 -28.54
CA GLU A 128 -12.81 28.40 -28.19
C GLU A 128 -12.55 28.25 -26.70
N TYR A 129 -13.60 28.39 -25.90
CA TYR A 129 -13.48 28.24 -24.45
C TYR A 129 -14.67 27.47 -23.91
N VAL A 130 -14.48 26.83 -22.75
CA VAL A 130 -15.56 26.07 -22.13
C VAL A 130 -15.42 26.14 -20.62
N ILE A 131 -16.56 26.19 -19.93
CA ILE A 131 -16.58 26.25 -18.49
C ILE A 131 -16.80 24.87 -17.88
N VAL A 132 -15.96 24.52 -16.92
CA VAL A 132 -16.08 23.26 -16.20
C VAL A 132 -16.70 23.66 -14.86
N PRO A 133 -17.93 23.22 -14.60
CA PRO A 133 -18.64 23.54 -13.35
C PRO A 133 -17.81 23.40 -12.07
N HIS A 134 -17.04 22.31 -11.95
CA HIS A 134 -16.23 22.10 -10.75
C HIS A 134 -14.88 21.49 -11.13
N TYR A 135 -13.80 22.04 -10.58
CA TYR A 135 -12.44 21.59 -10.87
C TYR A 135 -12.14 20.12 -10.57
N LYS A 136 -12.94 19.48 -9.71
CA LYS A 136 -12.68 18.10 -9.37
C LYS A 136 -12.86 17.14 -10.54
N TYR A 137 -13.50 17.62 -11.60
CA TYR A 137 -13.75 16.79 -12.78
C TYR A 137 -12.60 16.83 -13.79
N MET A 138 -11.53 17.52 -13.47
CA MET A 138 -10.41 17.60 -14.38
C MET A 138 -9.32 16.61 -14.02
N TYR A 139 -8.38 16.40 -14.94
CA TYR A 139 -7.25 15.52 -14.71
C TYR A 139 -6.08 16.21 -15.41
N LYS A 140 -5.05 16.53 -14.64
CA LYS A 140 -3.87 17.22 -15.14
C LYS A 140 -3.04 16.32 -16.04
N LEU A 141 -2.80 16.77 -17.28
CA LEU A 141 -2.01 15.99 -18.21
C LEU A 141 -0.53 16.30 -18.03
N ARG A 142 0.30 15.26 -18.11
CA ARG A 142 1.74 15.46 -17.98
C ARG A 142 2.45 14.82 -19.16
N ARG A 143 1.97 13.65 -19.59
CA ARG A 143 2.58 12.94 -20.73
C ARG A 143 1.81 13.15 -22.03
N LEU A 144 0.48 13.15 -21.94
CA LEU A 144 -0.38 13.31 -23.12
C LEU A 144 -0.66 14.76 -23.49
N ASN A 145 -0.88 15.00 -24.78
CA ASN A 145 -1.25 16.33 -25.23
C ASN A 145 -2.78 16.32 -25.33
N ALA A 146 -3.39 17.49 -25.50
CA ALA A 146 -4.84 17.60 -25.56
C ALA A 146 -5.52 16.67 -26.57
N VAL A 147 -4.98 16.61 -27.77
CA VAL A 147 -5.53 15.76 -28.82
C VAL A 147 -5.56 14.29 -28.43
N GLU A 148 -4.48 13.81 -27.84
CA GLU A 148 -4.40 12.42 -27.42
C GLU A 148 -5.36 12.09 -26.26
N ALA A 149 -5.59 13.08 -25.40
CA ALA A 149 -6.44 12.89 -24.22
C ALA A 149 -7.96 13.05 -24.38
N ALA A 150 -8.38 14.00 -25.22
CA ALA A 150 -9.82 14.26 -25.39
C ALA A 150 -10.69 13.03 -25.59
N PRO A 151 -10.33 12.13 -26.51
CA PRO A 151 -11.15 10.94 -26.73
C PRO A 151 -11.25 10.02 -25.50
N LEU A 152 -10.26 10.09 -24.61
CA LEU A 152 -10.26 9.25 -23.41
C LEU A 152 -11.36 9.61 -22.43
N THR A 153 -11.86 10.84 -22.53
CA THR A 153 -12.91 11.30 -21.63
C THR A 153 -14.25 10.68 -22.00
N CYS A 154 -14.29 9.99 -23.14
CA CYS A 154 -15.53 9.37 -23.59
C CYS A 154 -15.31 7.89 -23.84
N SER A 155 -14.63 7.56 -24.92
CA SER A 155 -14.36 6.17 -25.26
C SER A 155 -13.46 5.49 -24.21
N GLY A 156 -12.54 6.25 -23.62
CA GLY A 156 -11.65 5.69 -22.62
C GLY A 156 -12.41 5.28 -21.37
N ILE A 157 -13.21 6.20 -20.85
CA ILE A 157 -14.02 5.92 -19.65
C ILE A 157 -14.97 4.75 -19.94
N THR A 158 -15.65 4.81 -21.07
CA THR A 158 -16.60 3.77 -21.44
C THR A 158 -15.97 2.39 -21.47
N THR A 159 -14.88 2.26 -22.21
CA THR A 159 -14.18 1.00 -22.35
C THR A 159 -13.56 0.52 -21.04
N TYR A 160 -13.03 1.45 -20.25
CA TYR A 160 -12.43 1.11 -18.98
C TYR A 160 -13.47 0.44 -18.08
N ARG A 161 -14.66 1.02 -18.04
CA ARG A 161 -15.73 0.48 -17.23
C ARG A 161 -16.21 -0.87 -17.77
N ALA A 162 -16.27 -0.99 -19.10
CA ALA A 162 -16.72 -2.24 -19.69
C ALA A 162 -15.78 -3.37 -19.28
N VAL A 163 -14.48 -3.11 -19.30
CA VAL A 163 -13.52 -4.14 -18.92
C VAL A 163 -13.74 -4.52 -17.46
N ARG A 164 -13.95 -3.53 -16.59
CA ARG A 164 -14.17 -3.81 -15.17
C ARG A 164 -15.42 -4.71 -15.01
N LYS A 165 -16.47 -4.41 -15.75
CA LYS A 165 -17.69 -5.21 -15.64
C LYS A 165 -17.52 -6.65 -16.14
N ALA A 166 -16.45 -6.91 -16.89
CA ALA A 166 -16.19 -8.25 -17.40
C ALA A 166 -15.70 -9.19 -16.29
N SER A 167 -15.36 -8.61 -15.13
CA SER A 167 -14.88 -9.38 -13.97
C SER A 167 -13.80 -10.38 -14.36
N LEU A 168 -12.73 -9.88 -14.96
CA LEU A 168 -11.62 -10.72 -15.42
C LEU A 168 -10.62 -11.03 -14.32
N ASP A 169 -9.88 -12.11 -14.51
CA ASP A 169 -8.80 -12.52 -13.61
C ASP A 169 -7.91 -13.47 -14.42
N PRO A 170 -6.70 -13.78 -13.92
CA PRO A 170 -5.75 -14.66 -14.62
C PRO A 170 -6.24 -16.05 -15.04
N THR A 171 -7.32 -16.53 -14.44
CA THR A 171 -7.81 -17.87 -14.81
C THR A 171 -8.83 -17.81 -15.93
N LYS A 172 -9.17 -16.60 -16.36
CA LYS A 172 -10.18 -16.39 -17.38
C LYS A 172 -9.70 -15.99 -18.76
N THR A 173 -10.63 -16.04 -19.71
CA THR A 173 -10.40 -15.67 -21.09
C THR A 173 -11.51 -14.72 -21.52
N LEU A 174 -11.12 -13.65 -22.21
CA LEU A 174 -12.04 -12.62 -22.69
C LEU A 174 -12.09 -12.60 -24.20
N LEU A 175 -13.28 -12.33 -24.74
CA LEU A 175 -13.46 -12.17 -26.18
C LEU A 175 -13.88 -10.72 -26.41
N VAL A 176 -13.16 -10.02 -27.29
CA VAL A 176 -13.53 -8.66 -27.63
C VAL A 176 -14.06 -8.70 -29.06
N VAL A 177 -15.32 -8.33 -29.24
CA VAL A 177 -15.95 -8.32 -30.56
C VAL A 177 -15.56 -7.04 -31.30
N GLY A 178 -15.28 -7.16 -32.60
CA GLY A 178 -14.86 -5.99 -33.37
C GLY A 178 -13.59 -5.44 -32.75
N ALA A 179 -12.66 -6.34 -32.41
CA ALA A 179 -11.41 -6.02 -31.75
C ALA A 179 -10.41 -5.15 -32.53
N GLY A 180 -10.64 -5.01 -33.83
CA GLY A 180 -9.75 -4.20 -34.65
C GLY A 180 -10.18 -2.75 -34.83
N GLY A 181 -11.33 -2.41 -34.26
CA GLY A 181 -11.83 -1.04 -34.38
C GLY A 181 -11.29 -0.12 -33.28
N GLY A 182 -11.67 1.16 -33.32
CA GLY A 182 -11.20 2.10 -32.33
C GLY A 182 -11.47 1.65 -30.90
N LEU A 183 -12.73 1.35 -30.62
CA LEU A 183 -13.15 0.91 -29.30
C LEU A 183 -12.57 -0.46 -28.97
N GLY A 184 -12.57 -1.33 -29.97
CA GLY A 184 -12.06 -2.67 -29.79
C GLY A 184 -10.61 -2.75 -29.37
N THR A 185 -9.73 -2.04 -30.09
CA THR A 185 -8.31 -2.06 -29.75
C THR A 185 -8.12 -1.45 -28.36
N MET A 186 -8.92 -0.43 -28.04
CA MET A 186 -8.82 0.20 -26.74
C MET A 186 -9.17 -0.81 -25.64
N ALA A 187 -10.23 -1.58 -25.86
CA ALA A 187 -10.68 -2.59 -24.91
C ALA A 187 -9.59 -3.64 -24.74
N VAL A 188 -9.01 -4.07 -25.85
CA VAL A 188 -7.95 -5.07 -25.84
C VAL A 188 -6.77 -4.56 -25.01
N GLN A 189 -6.35 -3.32 -25.28
CA GLN A 189 -5.22 -2.74 -24.55
C GLN A 189 -5.49 -2.63 -23.06
N ILE A 190 -6.68 -2.16 -22.71
CA ILE A 190 -7.04 -2.00 -21.30
C ILE A 190 -7.08 -3.36 -20.61
N ALA A 191 -7.70 -4.35 -21.25
CA ALA A 191 -7.79 -5.67 -20.66
C ALA A 191 -6.38 -6.25 -20.48
N LYS A 192 -5.52 -6.02 -21.47
CA LYS A 192 -4.15 -6.51 -21.41
C LYS A 192 -3.38 -5.85 -20.26
N ALA A 193 -3.63 -4.57 -20.04
CA ALA A 193 -2.93 -3.83 -18.99
C ALA A 193 -3.47 -4.01 -17.57
N VAL A 194 -4.75 -4.35 -17.43
CA VAL A 194 -5.32 -4.45 -16.09
C VAL A 194 -5.81 -5.79 -15.57
N SER A 195 -5.76 -6.86 -16.35
CA SER A 195 -6.33 -8.12 -15.85
C SER A 195 -5.54 -9.43 -15.79
N GLY A 196 -4.66 -9.66 -16.74
CA GLY A 196 -3.93 -10.92 -16.74
C GLY A 196 -4.74 -12.01 -17.44
N ALA A 197 -5.93 -11.67 -17.90
CA ALA A 197 -6.77 -12.66 -18.61
C ALA A 197 -6.26 -12.92 -20.02
N THR A 198 -6.61 -14.07 -20.59
CA THR A 198 -6.21 -14.38 -21.95
C THR A 198 -7.18 -13.56 -22.81
N ILE A 199 -6.66 -12.93 -23.85
CA ILE A 199 -7.49 -12.11 -24.69
C ILE A 199 -7.62 -12.61 -26.12
N ILE A 200 -8.87 -12.79 -26.54
CA ILE A 200 -9.17 -13.22 -27.90
C ILE A 200 -9.88 -12.06 -28.59
N GLY A 201 -9.36 -11.65 -29.73
CA GLY A 201 -10.00 -10.56 -30.47
C GLY A 201 -10.59 -11.10 -31.75
N VAL A 202 -11.82 -10.69 -32.06
CA VAL A 202 -12.44 -11.14 -33.30
C VAL A 202 -12.91 -9.95 -34.12
N ASP A 203 -12.73 -10.05 -35.43
CA ASP A 203 -13.19 -9.01 -36.33
C ASP A 203 -13.45 -9.64 -37.69
N VAL A 204 -13.77 -8.84 -38.70
CA VAL A 204 -14.11 -9.41 -39.99
C VAL A 204 -13.23 -9.01 -41.18
N ARG A 205 -12.21 -8.20 -40.93
CA ARG A 205 -11.32 -7.77 -42.00
C ARG A 205 -9.89 -8.06 -41.60
N GLU A 206 -9.07 -8.45 -42.57
CA GLU A 206 -7.67 -8.77 -42.31
C GLU A 206 -6.94 -7.64 -41.57
N GLU A 207 -7.17 -6.40 -42.00
CA GLU A 207 -6.50 -5.28 -41.35
C GLU A 207 -7.02 -5.07 -39.93
N ALA A 208 -8.31 -5.33 -39.71
CA ALA A 208 -8.88 -5.15 -38.38
C ALA A 208 -8.30 -6.23 -37.45
N VAL A 209 -8.20 -7.45 -37.99
CA VAL A 209 -7.66 -8.57 -37.24
C VAL A 209 -6.20 -8.28 -36.86
N GLU A 210 -5.46 -7.69 -37.78
CA GLU A 210 -4.06 -7.36 -37.53
C GLU A 210 -3.93 -6.25 -36.47
N ALA A 211 -4.86 -5.31 -36.51
CA ALA A 211 -4.86 -4.21 -35.55
C ALA A 211 -5.13 -4.75 -34.14
N ALA A 212 -5.96 -5.79 -34.05
CA ALA A 212 -6.30 -6.41 -32.77
C ALA A 212 -5.06 -7.08 -32.20
N LYS A 213 -4.27 -7.68 -33.08
CA LYS A 213 -3.05 -8.34 -32.68
C LYS A 213 -2.07 -7.32 -32.11
N ARG A 214 -1.87 -6.23 -32.86
CA ARG A 214 -0.97 -5.16 -32.44
C ARG A 214 -1.45 -4.51 -31.15
N ALA A 215 -2.74 -4.62 -30.87
CA ALA A 215 -3.29 -4.05 -29.64
C ALA A 215 -2.95 -4.89 -28.42
N GLY A 216 -2.55 -6.14 -28.66
CA GLY A 216 -2.18 -7.01 -27.55
C GLY A 216 -2.95 -8.31 -27.40
N ALA A 217 -3.88 -8.58 -28.31
CA ALA A 217 -4.67 -9.81 -28.21
C ALA A 217 -3.77 -11.03 -28.31
N ASP A 218 -4.02 -12.00 -27.43
CA ASP A 218 -3.23 -13.23 -27.41
C ASP A 218 -3.60 -14.09 -28.62
N TYR A 219 -4.87 -14.01 -29.02
CA TYR A 219 -5.37 -14.76 -30.16
C TYR A 219 -6.29 -13.84 -30.94
N VAL A 220 -6.32 -13.99 -32.25
CA VAL A 220 -7.20 -13.18 -33.08
C VAL A 220 -7.95 -14.12 -34.03
N ILE A 221 -9.17 -13.72 -34.39
CA ILE A 221 -10.01 -14.51 -35.28
C ILE A 221 -10.63 -13.63 -36.36
N ASN A 222 -10.58 -14.10 -37.60
CA ASN A 222 -11.19 -13.38 -38.72
C ASN A 222 -12.46 -14.18 -38.98
N ALA A 223 -13.58 -13.68 -38.44
CA ALA A 223 -14.87 -14.33 -38.56
C ALA A 223 -15.34 -14.46 -40.00
N SER A 224 -14.68 -13.76 -40.92
CA SER A 224 -15.06 -13.86 -42.33
C SER A 224 -14.37 -15.04 -42.98
N MET A 225 -13.31 -15.54 -42.34
CA MET A 225 -12.53 -16.67 -42.86
C MET A 225 -12.78 -17.97 -42.12
N GLN A 226 -12.72 -17.93 -40.79
CA GLN A 226 -12.97 -19.11 -39.97
C GLN A 226 -14.30 -18.96 -39.25
N ASP A 227 -14.91 -20.08 -38.90
CA ASP A 227 -16.14 -20.01 -38.14
C ASP A 227 -15.67 -19.52 -36.78
N PRO A 228 -16.09 -18.32 -36.37
CA PRO A 228 -15.64 -17.79 -35.07
C PRO A 228 -15.93 -18.64 -33.85
N LEU A 229 -17.13 -19.17 -33.74
CA LEU A 229 -17.47 -19.98 -32.58
C LEU A 229 -16.60 -21.23 -32.48
N ALA A 230 -16.32 -21.86 -33.61
CA ALA A 230 -15.49 -23.07 -33.59
C ALA A 230 -14.06 -22.74 -33.17
N GLU A 231 -13.53 -21.61 -33.65
CA GLU A 231 -12.18 -21.22 -33.26
C GLU A 231 -12.12 -20.91 -31.77
N ILE A 232 -13.15 -20.23 -31.27
CA ILE A 232 -13.18 -19.90 -29.85
C ILE A 232 -13.20 -21.18 -29.04
N ARG A 233 -13.99 -22.16 -29.47
CA ARG A 233 -14.05 -23.42 -28.75
C ARG A 233 -12.68 -24.11 -28.77
N ARG A 234 -11.98 -24.03 -29.89
CA ARG A 234 -10.66 -24.67 -29.99
C ARG A 234 -9.70 -23.99 -29.03
N ILE A 235 -9.61 -22.67 -29.10
CA ILE A 235 -8.71 -21.93 -28.25
C ILE A 235 -8.97 -22.17 -26.76
N THR A 236 -10.25 -22.21 -26.38
CA THR A 236 -10.61 -22.39 -24.97
C THR A 236 -10.84 -23.85 -24.59
N GLU A 237 -10.50 -24.76 -25.50
CA GLU A 237 -10.66 -26.18 -25.27
C GLU A 237 -12.08 -26.56 -24.87
N SER A 238 -13.05 -26.04 -25.62
CA SER A 238 -14.47 -26.32 -25.41
C SER A 238 -15.17 -25.63 -24.25
N LYS A 239 -14.41 -24.90 -23.44
CA LYS A 239 -15.02 -24.22 -22.30
C LYS A 239 -15.78 -22.95 -22.67
N GLY A 240 -15.30 -22.24 -23.68
CA GLY A 240 -15.93 -20.99 -24.09
C GLY A 240 -15.25 -19.87 -23.34
N VAL A 241 -15.66 -18.63 -23.56
CA VAL A 241 -15.03 -17.50 -22.87
C VAL A 241 -15.77 -17.07 -21.60
N ASP A 242 -15.03 -16.56 -20.63
CA ASP A 242 -15.61 -16.14 -19.37
C ASP A 242 -16.28 -14.78 -19.47
N ALA A 243 -15.98 -14.06 -20.55
CA ALA A 243 -16.58 -12.76 -20.76
C ALA A 243 -16.48 -12.37 -22.21
N VAL A 244 -17.44 -11.55 -22.62
CA VAL A 244 -17.45 -11.01 -23.97
C VAL A 244 -17.72 -9.53 -23.81
N ILE A 245 -16.94 -8.70 -24.50
CA ILE A 245 -17.18 -7.29 -24.48
C ILE A 245 -17.56 -7.00 -25.93
N ASP A 246 -18.78 -6.53 -26.10
CA ASP A 246 -19.33 -6.23 -27.41
C ASP A 246 -19.57 -4.74 -27.44
N LEU A 247 -18.59 -4.00 -27.98
CA LEU A 247 -18.70 -2.55 -28.07
C LEU A 247 -19.38 -2.25 -29.39
N ASN A 248 -20.41 -1.44 -29.33
CA ASN A 248 -21.17 -1.10 -30.53
C ASN A 248 -21.79 -2.38 -31.09
N TYR A 249 -22.55 -3.05 -30.24
CA TYR A 249 -23.23 -4.30 -30.60
C TYR A 249 -24.17 -4.10 -31.79
N SER A 250 -24.49 -5.19 -32.46
CA SER A 250 -25.40 -5.15 -33.60
C SER A 250 -26.37 -6.30 -33.43
N GLU A 251 -27.35 -6.38 -34.32
CA GLU A 251 -28.32 -7.47 -34.26
C GLU A 251 -27.57 -8.78 -34.47
N LYS A 252 -26.58 -8.75 -35.35
CA LYS A 252 -25.79 -9.94 -35.63
C LYS A 252 -24.93 -10.39 -34.46
N THR A 253 -24.15 -9.48 -33.88
CA THR A 253 -23.29 -9.87 -32.76
C THR A 253 -24.06 -10.44 -31.58
N LEU A 254 -25.19 -9.84 -31.25
CA LEU A 254 -26.00 -10.33 -30.14
C LEU A 254 -26.59 -11.70 -30.39
N SER A 255 -26.76 -12.07 -31.65
CA SER A 255 -27.33 -13.38 -31.95
C SER A 255 -26.24 -14.44 -32.03
N VAL A 256 -25.00 -14.02 -32.24
CA VAL A 256 -23.91 -14.97 -32.36
C VAL A 256 -23.02 -15.20 -31.14
N TYR A 257 -22.35 -14.14 -30.68
CA TYR A 257 -21.41 -14.30 -29.59
C TYR A 257 -21.86 -14.79 -28.22
N PRO A 258 -23.14 -14.59 -27.86
CA PRO A 258 -23.47 -15.12 -26.54
C PRO A 258 -23.27 -16.64 -26.51
N LYS A 259 -23.27 -17.26 -27.69
CA LYS A 259 -23.09 -18.70 -27.77
C LYS A 259 -21.67 -19.13 -27.42
N ALA A 260 -20.75 -18.17 -27.39
CA ALA A 260 -19.36 -18.45 -27.07
C ALA A 260 -19.09 -18.40 -25.57
N LEU A 261 -20.10 -18.00 -24.80
CA LEU A 261 -19.93 -17.89 -23.36
C LEU A 261 -19.77 -19.20 -22.62
N ALA A 262 -18.86 -19.21 -21.67
CA ALA A 262 -18.64 -20.37 -20.83
C ALA A 262 -19.67 -20.24 -19.73
N LYS A 263 -19.78 -21.26 -18.88
CA LYS A 263 -20.70 -21.18 -17.76
C LYS A 263 -20.19 -20.01 -16.89
N GLN A 264 -21.14 -19.26 -16.34
CA GLN A 264 -20.86 -18.08 -15.54
C GLN A 264 -20.28 -16.93 -16.38
N GLY A 265 -20.25 -17.10 -17.70
CA GLY A 265 -19.73 -16.05 -18.55
C GLY A 265 -20.57 -14.79 -18.48
N LYS A 266 -19.92 -13.64 -18.66
CA LYS A 266 -20.63 -12.36 -18.63
C LYS A 266 -20.52 -11.71 -20.01
N TYR A 267 -21.67 -11.33 -20.56
CA TYR A 267 -21.71 -10.68 -21.86
C TYR A 267 -21.93 -9.19 -21.62
N VAL A 268 -20.86 -8.42 -21.76
CA VAL A 268 -20.89 -6.97 -21.54
C VAL A 268 -21.19 -6.25 -22.86
N MET A 269 -22.40 -5.70 -22.95
CA MET A 269 -22.87 -4.97 -24.13
C MET A 269 -22.72 -3.46 -23.94
N VAL A 270 -22.16 -2.79 -24.94
CA VAL A 270 -21.98 -1.35 -24.89
C VAL A 270 -22.50 -0.76 -26.20
N GLY A 271 -23.28 0.31 -26.11
CA GLY A 271 -23.81 0.93 -27.31
C GLY A 271 -25.26 1.36 -27.25
N LEU A 272 -25.75 1.90 -28.37
CA LEU A 272 -27.11 2.37 -28.46
C LEU A 272 -27.85 1.95 -29.74
N PHE A 273 -27.30 0.99 -30.46
CA PHE A 273 -27.96 0.56 -31.69
C PHE A 273 -29.34 -0.02 -31.40
N GLY A 274 -30.30 0.30 -32.29
CA GLY A 274 -31.65 -0.18 -32.13
C GLY A 274 -31.79 -1.67 -32.41
N ALA A 275 -31.51 -2.49 -31.40
CA ALA A 275 -31.61 -3.94 -31.54
C ALA A 275 -32.07 -4.52 -30.21
N ASP A 276 -32.64 -5.72 -30.27
CA ASP A 276 -33.12 -6.38 -29.07
C ASP A 276 -32.28 -7.60 -28.74
N LEU A 277 -32.15 -7.87 -27.45
CA LEU A 277 -31.42 -9.04 -27.01
C LEU A 277 -32.46 -10.15 -27.01
N HIS A 278 -32.14 -11.27 -27.65
CA HIS A 278 -33.04 -12.41 -27.72
C HIS A 278 -32.26 -13.65 -27.29
N TYR A 279 -32.63 -14.25 -26.17
CA TYR A 279 -31.92 -15.45 -25.73
C TYR A 279 -32.82 -16.38 -24.93
N HIS A 280 -32.66 -17.68 -25.18
CA HIS A 280 -33.46 -18.70 -24.51
C HIS A 280 -33.16 -18.73 -23.02
N ALA A 281 -34.19 -18.44 -22.21
CA ALA A 281 -34.05 -18.38 -20.77
C ALA A 281 -33.37 -19.57 -20.09
N PRO A 282 -33.77 -20.80 -20.44
CA PRO A 282 -33.14 -21.99 -19.83
C PRO A 282 -31.64 -22.01 -20.03
N LEU A 283 -31.17 -21.42 -21.13
CA LEU A 283 -29.73 -21.38 -21.40
C LEU A 283 -29.05 -20.48 -20.37
N ILE A 284 -29.73 -19.39 -20.02
CA ILE A 284 -29.20 -18.45 -19.03
C ILE A 284 -29.11 -19.04 -17.63
N THR A 285 -30.17 -19.71 -17.19
CA THR A 285 -30.18 -20.30 -15.86
C THR A 285 -29.27 -21.52 -15.72
N LEU A 286 -29.24 -22.36 -16.74
CA LEU A 286 -28.41 -23.56 -16.71
C LEU A 286 -26.92 -23.26 -16.62
N SER A 287 -26.50 -22.19 -17.28
CA SER A 287 -25.09 -21.80 -17.30
C SER A 287 -24.73 -20.61 -16.42
N GLU A 288 -25.71 -20.08 -15.68
CA GLU A 288 -25.46 -18.91 -14.84
C GLU A 288 -24.82 -17.77 -15.64
N ILE A 289 -25.21 -17.59 -16.90
CA ILE A 289 -24.61 -16.49 -17.64
C ILE A 289 -25.28 -15.19 -17.27
N GLN A 290 -24.63 -14.08 -17.60
CA GLN A 290 -25.14 -12.76 -17.30
C GLN A 290 -25.00 -11.86 -18.52
N PHE A 291 -26.01 -11.03 -18.74
CA PHE A 291 -26.01 -10.05 -19.81
C PHE A 291 -25.98 -8.73 -19.03
N VAL A 292 -24.95 -7.93 -19.27
CA VAL A 292 -24.81 -6.69 -18.52
C VAL A 292 -24.53 -5.53 -19.46
N GLY A 293 -25.21 -4.40 -19.22
CA GLY A 293 -25.02 -3.25 -20.08
C GLY A 293 -24.14 -2.20 -19.44
N SER A 294 -23.54 -1.36 -20.28
CA SER A 294 -22.69 -0.28 -19.81
C SER A 294 -22.65 0.75 -20.94
N LEU A 295 -22.36 2.01 -20.60
CA LEU A 295 -22.32 3.04 -21.63
C LEU A 295 -21.31 4.13 -21.37
N VAL A 296 -21.24 4.60 -20.13
CA VAL A 296 -20.32 5.65 -19.76
C VAL A 296 -19.48 5.26 -18.53
N GLY A 297 -19.26 6.19 -17.60
CA GLY A 297 -18.47 5.87 -16.42
C GLY A 297 -18.36 7.02 -15.45
N ASN A 298 -17.87 6.74 -14.24
CA ASN A 298 -17.74 7.74 -13.19
C ASN A 298 -16.30 8.25 -12.97
N GLN A 299 -16.11 9.01 -11.89
CA GLN A 299 -14.81 9.59 -11.54
C GLN A 299 -13.72 8.53 -11.38
N SER A 300 -14.10 7.40 -10.82
CA SER A 300 -13.16 6.29 -10.62
C SER A 300 -12.72 5.73 -11.98
N ASP A 301 -13.66 5.64 -12.91
CA ASP A 301 -13.34 5.15 -14.25
C ASP A 301 -12.40 6.13 -14.97
N PHE A 302 -12.69 7.42 -14.81
CA PHE A 302 -11.88 8.46 -15.44
C PHE A 302 -10.46 8.41 -14.86
N LEU A 303 -10.38 8.33 -13.54
CA LEU A 303 -9.09 8.28 -12.86
C LEU A 303 -8.27 7.09 -13.39
N GLY A 304 -8.92 5.93 -13.52
CA GLY A 304 -8.24 4.73 -13.99
C GLY A 304 -7.68 4.79 -15.41
N ILE A 305 -8.51 5.24 -16.36
CA ILE A 305 -8.07 5.31 -17.74
C ILE A 305 -7.00 6.39 -17.95
N MET A 306 -7.11 7.50 -17.24
CA MET A 306 -6.12 8.57 -17.39
C MET A 306 -4.77 8.11 -16.83
N ARG A 307 -4.80 7.39 -15.71
CA ARG A 307 -3.55 6.91 -15.11
C ARG A 307 -2.87 5.92 -16.05
N LEU A 308 -3.66 5.04 -16.66
CA LEU A 308 -3.11 4.07 -17.60
C LEU A 308 -2.52 4.78 -18.83
N ALA A 309 -3.29 5.72 -19.38
CA ALA A 309 -2.84 6.45 -20.56
C ALA A 309 -1.61 7.30 -20.28
N GLU A 310 -1.61 8.01 -19.15
CA GLU A 310 -0.48 8.86 -18.81
C GLU A 310 0.79 8.03 -18.59
N ALA A 311 0.61 6.77 -18.20
CA ALA A 311 1.75 5.87 -17.97
C ALA A 311 2.14 5.18 -19.27
N GLY A 312 1.39 5.43 -20.34
CA GLY A 312 1.69 4.82 -21.61
C GLY A 312 1.22 3.37 -21.74
N LYS A 313 0.55 2.87 -20.72
CA LYS A 313 0.06 1.48 -20.74
C LYS A 313 -1.09 1.30 -21.72
N VAL A 314 -1.68 2.42 -22.14
CA VAL A 314 -2.79 2.42 -23.08
C VAL A 314 -2.52 3.56 -24.06
N LYS A 315 -2.46 3.24 -25.34
CA LYS A 315 -2.17 4.25 -26.36
C LYS A 315 -3.38 5.07 -26.80
N PRO A 316 -3.14 6.30 -27.27
CA PRO A 316 -4.20 7.21 -27.73
C PRO A 316 -4.85 6.62 -28.99
N MET A 317 -6.09 7.00 -29.25
CA MET A 317 -6.79 6.51 -30.43
C MET A 317 -6.24 7.11 -31.72
N ILE A 318 -6.38 6.38 -32.82
CA ILE A 318 -5.94 6.87 -34.12
C ILE A 318 -6.85 8.08 -34.32
N THR A 319 -6.25 9.24 -34.54
CA THR A 319 -7.01 10.47 -34.65
C THR A 319 -6.87 11.27 -35.94
N LYS A 320 -7.91 12.02 -36.25
CA LYS A 320 -7.93 12.88 -37.41
C LYS A 320 -8.33 14.26 -36.93
N THR A 321 -7.40 15.21 -36.97
CA THR A 321 -7.67 16.57 -36.52
C THR A 321 -8.38 17.39 -37.59
N MET A 322 -9.34 18.20 -37.15
CA MET A 322 -10.13 19.04 -38.04
C MET A 322 -10.35 20.40 -37.37
N LYS A 323 -10.91 21.35 -38.10
CA LYS A 323 -11.15 22.67 -37.54
C LYS A 323 -12.57 22.75 -36.99
N LEU A 324 -12.77 23.69 -36.06
CA LEU A 324 -14.07 23.87 -35.42
C LEU A 324 -15.23 24.02 -36.40
N GLU A 325 -15.01 24.74 -37.50
CA GLU A 325 -16.05 24.96 -38.50
C GLU A 325 -16.48 23.68 -39.20
N GLU A 326 -15.66 22.65 -39.11
CA GLU A 326 -15.96 21.38 -39.76
C GLU A 326 -16.75 20.43 -38.87
N ALA A 327 -17.31 20.95 -37.79
CA ALA A 327 -18.08 20.13 -36.86
C ALA A 327 -19.21 19.36 -37.56
N ASN A 328 -20.05 20.07 -38.30
CA ASN A 328 -21.16 19.42 -39.01
C ASN A 328 -20.65 18.35 -39.95
N GLU A 329 -19.54 18.65 -40.62
CA GLU A 329 -18.91 17.74 -41.55
C GLU A 329 -18.51 16.47 -40.79
N ALA A 330 -17.80 16.66 -39.69
CA ALA A 330 -17.33 15.55 -38.86
C ALA A 330 -18.50 14.66 -38.47
N ILE A 331 -19.59 15.29 -38.03
CA ILE A 331 -20.78 14.54 -37.62
C ILE A 331 -21.42 13.84 -38.81
N ASP A 332 -21.37 14.47 -39.98
CA ASP A 332 -21.94 13.86 -41.18
C ASP A 332 -21.17 12.59 -41.49
N ASN A 333 -19.85 12.67 -41.40
CA ASN A 333 -19.01 11.52 -41.67
C ASN A 333 -19.42 10.37 -40.76
N LEU A 334 -19.98 10.71 -39.60
CA LEU A 334 -20.42 9.71 -38.64
C LEU A 334 -21.80 9.15 -38.99
N GLU A 335 -22.68 10.00 -39.51
CA GLU A 335 -24.02 9.56 -39.91
C GLU A 335 -23.91 8.63 -41.10
N ASN A 336 -23.08 9.03 -42.06
CA ASN A 336 -22.88 8.25 -43.28
C ASN A 336 -21.75 7.24 -43.11
N PHE A 337 -21.47 6.88 -41.86
CA PHE A 337 -20.42 5.92 -41.53
C PHE A 337 -19.20 6.02 -42.44
N LYS A 338 -18.76 7.25 -42.68
CA LYS A 338 -17.59 7.51 -43.51
C LYS A 338 -16.58 8.29 -42.67
N ALA A 339 -16.44 7.91 -41.41
CA ALA A 339 -15.51 8.57 -40.49
C ALA A 339 -14.67 7.59 -39.67
N ILE A 340 -13.92 6.74 -40.35
CA ILE A 340 -13.07 5.77 -39.66
C ILE A 340 -11.92 6.54 -39.03
N GLY A 341 -11.85 6.55 -37.71
CA GLY A 341 -10.79 7.28 -37.03
C GLY A 341 -11.40 8.40 -36.22
N ARG A 342 -11.02 8.50 -34.95
CA ARG A 342 -11.55 9.53 -34.07
C ARG A 342 -11.23 10.94 -34.54
N GLN A 343 -12.28 11.69 -34.87
CA GLN A 343 -12.14 13.05 -35.32
C GLN A 343 -12.07 13.98 -34.12
N VAL A 344 -11.07 14.84 -34.12
CA VAL A 344 -10.89 15.79 -33.03
C VAL A 344 -10.77 17.19 -33.61
N LEU A 345 -11.57 18.11 -33.08
CA LEU A 345 -11.55 19.50 -33.53
C LEU A 345 -10.54 20.31 -32.73
N ILE A 346 -9.75 21.12 -33.43
CA ILE A 346 -8.78 21.99 -32.80
C ILE A 346 -9.17 23.44 -33.05
N PRO A 347 -9.98 24.03 -32.13
CA PRO A 347 -10.47 25.40 -32.19
C PRO A 347 -9.39 26.45 -32.48
N MET B 1 -33.57 -54.20 -0.84
CA MET B 1 -34.39 -53.00 -0.53
C MET B 1 -35.25 -52.58 -1.72
N ARG B 2 -36.24 -51.73 -1.45
CA ARG B 2 -37.13 -51.24 -2.50
C ARG B 2 -36.47 -50.03 -3.15
N ALA B 3 -36.89 -49.71 -4.37
CA ALA B 3 -36.32 -48.58 -5.08
C ALA B 3 -37.08 -48.27 -6.37
N VAL B 4 -37.67 -47.08 -6.43
CA VAL B 4 -38.39 -46.66 -7.62
C VAL B 4 -37.33 -46.06 -8.55
N ARG B 5 -37.13 -46.69 -9.70
CA ARG B 5 -36.12 -46.23 -10.63
C ARG B 5 -36.66 -45.86 -12.00
N LEU B 6 -35.87 -45.08 -12.75
CA LEU B 6 -36.25 -44.64 -14.08
C LEU B 6 -35.85 -45.71 -15.10
N GLN B 16 -38.59 -51.43 -8.16
CA GLN B 16 -37.72 -52.60 -8.17
C GLN B 16 -37.29 -53.03 -6.77
N GLU B 17 -36.65 -54.19 -6.71
CA GLU B 17 -36.17 -54.75 -5.45
C GLU B 17 -34.68 -55.04 -5.62
N ILE B 18 -33.86 -54.01 -5.45
CA ILE B 18 -32.41 -54.15 -5.59
C ILE B 18 -31.72 -54.33 -4.24
N GLY B 19 -30.43 -54.61 -4.29
CA GLY B 19 -29.65 -54.81 -3.08
C GLY B 19 -29.21 -53.52 -2.42
N VAL B 20 -28.85 -53.63 -1.15
CA VAL B 20 -28.40 -52.48 -0.38
C VAL B 20 -26.89 -52.32 -0.50
N PRO B 21 -26.44 -51.25 -1.18
CA PRO B 21 -25.00 -51.02 -1.36
C PRO B 21 -24.25 -50.96 -0.04
N LYS B 22 -22.98 -51.33 -0.07
CA LYS B 22 -22.13 -51.32 1.12
C LYS B 22 -21.18 -50.13 1.03
N PRO B 23 -21.23 -49.23 2.02
CA PRO B 23 -20.38 -48.03 2.06
C PRO B 23 -18.90 -48.34 2.27
N LYS B 24 -18.06 -47.83 1.37
CA LYS B 24 -16.62 -48.04 1.47
C LYS B 24 -15.88 -46.72 1.38
N GLY B 25 -14.81 -46.59 2.16
CA GLY B 25 -14.02 -45.38 2.14
C GLY B 25 -14.72 -44.18 2.76
N PRO B 26 -14.87 -43.08 2.00
CA PRO B 26 -15.53 -41.86 2.49
C PRO B 26 -17.04 -41.90 2.31
N GLN B 27 -17.54 -42.96 1.69
CA GLN B 27 -18.96 -43.10 1.44
C GLN B 27 -19.77 -43.27 2.73
N VAL B 28 -21.06 -42.99 2.63
CA VAL B 28 -21.96 -43.11 3.77
C VAL B 28 -23.26 -43.72 3.27
N LEU B 29 -23.79 -44.69 4.01
CA LEU B 29 -25.05 -45.31 3.62
C LEU B 29 -26.13 -44.68 4.50
N ILE B 30 -27.11 -44.08 3.86
CA ILE B 30 -28.19 -43.43 4.59
C ILE B 30 -29.52 -44.16 4.50
N LYS B 31 -30.21 -44.24 5.64
CA LYS B 31 -31.52 -44.86 5.71
C LYS B 31 -32.47 -43.69 5.48
N VAL B 32 -32.95 -43.58 4.25
CA VAL B 32 -33.83 -42.49 3.84
C VAL B 32 -35.08 -42.33 4.69
N GLU B 33 -35.26 -41.14 5.26
CA GLU B 33 -36.44 -40.85 6.08
C GLU B 33 -37.29 -39.81 5.35
N ALA B 34 -36.73 -39.20 4.33
CA ALA B 34 -37.43 -38.19 3.55
C ALA B 34 -36.80 -38.02 2.17
N ALA B 35 -37.63 -38.14 1.15
CA ALA B 35 -37.17 -37.99 -0.23
C ALA B 35 -38.08 -37.01 -0.93
N GLY B 36 -37.63 -35.77 -1.04
CA GLY B 36 -38.42 -34.74 -1.68
C GLY B 36 -38.61 -34.97 -3.16
N VAL B 37 -39.69 -34.41 -3.70
CA VAL B 37 -40.00 -34.51 -5.11
C VAL B 37 -40.31 -33.12 -5.62
N CYS B 38 -39.76 -32.76 -6.77
CA CYS B 38 -40.01 -31.44 -7.33
C CYS B 38 -40.16 -31.54 -8.83
N HIS B 39 -40.56 -30.45 -9.47
CA HIS B 39 -40.77 -30.45 -10.91
C HIS B 39 -39.59 -31.00 -11.71
N SER B 40 -38.38 -30.90 -11.16
CA SER B 40 -37.21 -31.39 -11.87
C SER B 40 -37.30 -32.89 -12.12
N ASP B 41 -38.00 -33.61 -11.25
CA ASP B 41 -38.16 -35.05 -11.44
C ASP B 41 -39.08 -35.31 -12.62
N VAL B 42 -39.79 -34.27 -13.05
CA VAL B 42 -40.69 -34.38 -14.18
C VAL B 42 -39.86 -34.43 -15.45
N HIS B 43 -38.84 -33.58 -15.50
CA HIS B 43 -37.95 -33.53 -16.66
C HIS B 43 -37.19 -34.84 -16.80
N MET B 44 -36.96 -35.50 -15.67
CA MET B 44 -36.25 -36.78 -15.67
C MET B 44 -37.06 -37.88 -16.35
N ARG B 45 -38.30 -38.05 -15.87
CA ARG B 45 -39.19 -39.07 -16.42
C ARG B 45 -39.70 -38.64 -17.79
N LEU B 62 -29.27 -45.53 -16.95
CA LEU B 62 -30.45 -46.37 -16.82
C LEU B 62 -30.09 -47.84 -16.65
N PRO B 63 -30.66 -48.49 -15.62
CA PRO B 63 -31.60 -47.92 -14.65
C PRO B 63 -30.96 -46.94 -13.68
N VAL B 64 -31.75 -45.99 -13.18
CA VAL B 64 -31.26 -45.00 -12.22
C VAL B 64 -32.35 -44.62 -11.22
N THR B 65 -32.01 -44.71 -9.93
CA THR B 65 -32.95 -44.37 -8.87
C THR B 65 -33.01 -42.85 -8.69
N LEU B 66 -34.22 -42.29 -8.77
CA LEU B 66 -34.38 -40.86 -8.62
C LEU B 66 -34.36 -40.42 -7.17
N GLY B 67 -34.50 -39.11 -6.95
CA GLY B 67 -34.49 -38.57 -5.60
C GLY B 67 -33.23 -37.79 -5.29
N HIS B 68 -33.25 -36.50 -5.59
CA HIS B 68 -32.09 -35.64 -5.34
C HIS B 68 -32.29 -34.76 -4.10
N GLU B 69 -33.39 -34.98 -3.40
CA GLU B 69 -33.69 -34.24 -2.16
C GLU B 69 -33.63 -35.27 -1.04
N ILE B 70 -32.42 -35.45 -0.50
CA ILE B 70 -32.14 -36.45 0.53
C ILE B 70 -31.96 -36.01 1.98
N ALA B 71 -32.55 -36.79 2.88
CA ALA B 71 -32.47 -36.57 4.32
C ALA B 71 -32.75 -37.91 5.00
N GLY B 72 -32.02 -38.21 6.07
CA GLY B 72 -32.24 -39.47 6.77
C GLY B 72 -31.21 -39.77 7.83
N LYS B 73 -31.25 -40.98 8.39
CA LYS B 73 -30.31 -41.40 9.42
C LYS B 73 -29.18 -42.22 8.82
N ILE B 74 -27.97 -42.02 9.34
CA ILE B 74 -26.82 -42.75 8.86
C ILE B 74 -26.92 -44.22 9.29
N GLU B 75 -26.97 -45.10 8.30
CA GLU B 75 -27.06 -46.53 8.54
C GLU B 75 -25.67 -47.10 8.80
N GLU B 76 -24.72 -46.74 7.93
CA GLU B 76 -23.35 -47.20 8.06
C GLU B 76 -22.39 -46.25 7.35
N VAL B 77 -21.17 -46.14 7.88
CA VAL B 77 -20.17 -45.25 7.28
C VAL B 77 -18.94 -46.02 6.81
N GLY B 78 -18.29 -45.50 5.78
CA GLY B 78 -17.08 -46.13 5.27
C GLY B 78 -15.97 -45.96 6.28
N ASP B 79 -14.94 -46.80 6.19
CA ASP B 79 -13.83 -46.74 7.13
C ASP B 79 -13.18 -45.37 7.25
N GLU B 80 -13.12 -44.64 6.13
CA GLU B 80 -12.49 -43.32 6.10
C GLU B 80 -13.37 -42.18 6.60
N VAL B 81 -14.68 -42.39 6.67
CA VAL B 81 -15.58 -41.34 7.14
C VAL B 81 -15.14 -40.81 8.50
N VAL B 82 -15.16 -39.49 8.63
CA VAL B 82 -14.76 -38.82 9.87
C VAL B 82 -15.81 -37.80 10.28
N GLY B 83 -16.08 -37.70 11.57
CA GLY B 83 -17.04 -36.74 12.06
C GLY B 83 -18.50 -37.15 12.06
N TYR B 84 -18.81 -38.32 11.54
CA TYR B 84 -20.18 -38.80 11.51
C TYR B 84 -20.27 -40.23 12.02
N SER B 85 -21.38 -40.55 12.69
CA SER B 85 -21.60 -41.88 13.25
C SER B 85 -22.97 -42.42 12.86
N LYS B 86 -23.13 -43.75 12.95
CA LYS B 86 -24.41 -44.35 12.62
C LYS B 86 -25.44 -43.72 13.55
N GLY B 87 -26.65 -43.50 13.03
CA GLY B 87 -27.68 -42.89 13.84
C GLY B 87 -27.80 -41.38 13.65
N ASP B 88 -26.76 -40.76 13.10
CA ASP B 88 -26.81 -39.32 12.88
C ASP B 88 -27.90 -38.98 11.87
N LEU B 89 -28.61 -37.89 12.12
CA LEU B 89 -29.65 -37.42 11.22
C LEU B 89 -28.97 -36.38 10.31
N VAL B 90 -29.08 -36.56 9.00
CA VAL B 90 -28.45 -35.62 8.07
C VAL B 90 -29.25 -35.31 6.81
N ALA B 91 -28.86 -34.21 6.17
CA ALA B 91 -29.44 -33.77 4.91
C ALA B 91 -28.24 -33.86 3.97
N VAL B 92 -28.47 -33.94 2.65
CA VAL B 92 -27.35 -34.08 1.74
C VAL B 92 -27.37 -33.17 0.51
N ASN B 93 -26.17 -32.68 0.15
CA ASN B 93 -25.99 -31.84 -1.03
C ASN B 93 -25.75 -32.88 -2.14
N PRO B 94 -26.71 -33.04 -3.06
CA PRO B 94 -26.66 -34.00 -4.17
C PRO B 94 -25.72 -33.74 -5.34
N LEU B 95 -25.38 -32.48 -5.56
CA LEU B 95 -24.52 -32.11 -6.69
C LEU B 95 -23.06 -32.10 -6.27
N GLN B 96 -22.29 -33.07 -6.77
CA GLN B 96 -20.89 -33.24 -6.39
C GLN B 96 -19.94 -33.28 -7.59
N GLY B 97 -19.04 -32.30 -7.65
CA GLY B 97 -18.10 -32.20 -8.75
C GLY B 97 -16.98 -33.21 -8.75
N GLU B 98 -16.46 -33.53 -9.95
CA GLU B 98 -15.38 -34.49 -10.10
C GLU B 98 -14.04 -33.92 -9.65
N GLY B 99 -13.98 -32.60 -9.52
CA GLY B 99 -12.77 -31.94 -9.03
C GLY B 99 -11.70 -31.38 -9.96
N ASN B 100 -11.53 -31.98 -11.14
CA ASN B 100 -10.47 -31.51 -12.04
C ASN B 100 -10.80 -30.34 -12.96
N CYS B 101 -12.08 -30.20 -13.34
CA CYS B 101 -12.47 -29.12 -14.24
C CYS B 101 -12.33 -27.73 -13.63
N TYR B 102 -12.39 -26.72 -14.49
CA TYR B 102 -12.25 -25.32 -14.07
C TYR B 102 -13.20 -24.92 -12.94
N TYR B 103 -14.48 -25.25 -13.11
CA TYR B 103 -15.49 -24.88 -12.13
C TYR B 103 -15.27 -25.53 -10.77
N CYS B 104 -14.78 -26.75 -10.77
CA CYS B 104 -14.49 -27.41 -9.50
C CYS B 104 -13.29 -26.69 -8.86
N ARG B 105 -12.28 -26.40 -9.66
CA ARG B 105 -11.10 -25.74 -9.13
C ARG B 105 -11.37 -24.36 -8.54
N ILE B 106 -12.25 -23.58 -9.15
CA ILE B 106 -12.53 -22.26 -8.59
C ILE B 106 -13.60 -22.27 -7.49
N GLY B 107 -14.08 -23.45 -7.13
CA GLY B 107 -15.08 -23.54 -6.07
C GLY B 107 -16.54 -23.43 -6.49
N GLU B 108 -16.82 -23.67 -7.76
CA GLU B 108 -18.20 -23.60 -8.26
C GLU B 108 -18.54 -25.00 -8.80
N GLU B 109 -18.41 -26.02 -7.94
CA GLU B 109 -18.63 -27.40 -8.34
C GLU B 109 -20.03 -27.74 -8.86
N HIS B 110 -21.01 -26.91 -8.54
CA HIS B 110 -22.35 -27.17 -9.04
C HIS B 110 -22.37 -26.99 -10.56
N LEU B 111 -21.36 -26.31 -11.09
CA LEU B 111 -21.25 -26.08 -12.52
C LEU B 111 -20.18 -26.98 -13.13
N CYS B 112 -19.87 -28.06 -12.43
CA CYS B 112 -18.88 -29.04 -12.87
C CYS B 112 -19.21 -29.57 -14.28
N ASP B 113 -18.18 -29.82 -15.09
CA ASP B 113 -18.39 -30.33 -16.44
C ASP B 113 -18.90 -31.76 -16.47
N SER B 114 -18.57 -32.54 -15.43
CA SER B 114 -19.00 -33.94 -15.34
C SER B 114 -19.35 -34.24 -13.89
N PRO B 115 -20.44 -33.65 -13.39
CA PRO B 115 -20.87 -33.87 -12.01
C PRO B 115 -21.47 -35.23 -11.68
N ARG B 116 -21.43 -35.54 -10.39
CA ARG B 116 -22.01 -36.75 -9.84
C ARG B 116 -23.23 -36.15 -9.15
N TRP B 117 -24.40 -36.35 -9.75
CA TRP B 117 -25.64 -35.79 -9.21
C TRP B 117 -26.61 -36.85 -8.70
N LEU B 118 -26.69 -36.99 -7.38
CA LEU B 118 -27.59 -37.98 -6.78
C LEU B 118 -29.04 -37.76 -7.18
N GLY B 119 -29.68 -38.80 -7.72
CA GLY B 119 -31.06 -38.70 -8.13
C GLY B 119 -31.20 -38.23 -9.57
N ILE B 120 -30.07 -37.97 -10.21
CA ILE B 120 -30.06 -37.50 -11.59
C ILE B 120 -29.23 -38.43 -12.47
N ASN B 121 -27.97 -38.61 -12.14
CA ASN B 121 -27.11 -39.49 -12.91
C ASN B 121 -26.43 -40.49 -11.98
N PHE B 122 -26.96 -40.57 -10.76
CA PHE B 122 -26.47 -41.47 -9.73
C PHE B 122 -27.71 -41.84 -8.92
N ASP B 123 -27.77 -43.05 -8.39
CA ASP B 123 -28.96 -43.46 -7.62
C ASP B 123 -29.28 -42.50 -6.48
N GLY B 124 -30.55 -42.09 -6.40
CA GLY B 124 -30.98 -41.16 -5.38
C GLY B 124 -31.72 -41.73 -4.17
N ALA B 125 -32.54 -40.89 -3.55
CA ALA B 125 -33.29 -41.25 -2.35
C ALA B 125 -34.67 -41.91 -2.54
N TYR B 126 -35.03 -42.23 -3.78
CA TYR B 126 -36.31 -42.90 -4.03
C TYR B 126 -36.14 -44.36 -3.63
N ALA B 127 -35.64 -44.60 -2.42
CA ALA B 127 -35.42 -45.95 -1.94
C ALA B 127 -35.27 -45.97 -0.43
N GLU B 128 -35.09 -47.15 0.12
CA GLU B 128 -34.97 -47.33 1.57
C GLU B 128 -33.59 -46.87 2.05
N TYR B 129 -32.60 -47.02 1.18
CA TYR B 129 -31.23 -46.63 1.50
C TYR B 129 -30.60 -45.92 0.30
N VAL B 130 -29.61 -45.08 0.58
CA VAL B 130 -28.93 -44.34 -0.47
C VAL B 130 -27.47 -44.11 -0.07
N ILE B 131 -26.57 -44.18 -1.03
CA ILE B 131 -25.14 -43.98 -0.79
C ILE B 131 -24.71 -42.55 -1.14
N VAL B 132 -24.01 -41.92 -0.20
CA VAL B 132 -23.48 -40.57 -0.40
C VAL B 132 -22.00 -40.77 -0.72
N PRO B 133 -21.59 -40.47 -1.97
CA PRO B 133 -20.20 -40.62 -2.40
C PRO B 133 -19.15 -40.21 -1.37
N HIS B 134 -19.32 -39.03 -0.78
CA HIS B 134 -18.37 -38.54 0.22
C HIS B 134 -19.11 -37.85 1.36
N TYR B 135 -18.67 -38.11 2.59
CA TYR B 135 -19.32 -37.54 3.77
C TYR B 135 -19.36 -36.02 3.88
N LYS B 136 -18.45 -35.32 3.19
CA LYS B 136 -18.42 -33.86 3.28
C LYS B 136 -19.69 -33.19 2.73
N TYR B 137 -20.46 -33.92 1.94
CA TYR B 137 -21.67 -33.34 1.37
C TYR B 137 -22.87 -33.43 2.30
N MET B 138 -22.66 -33.93 3.51
CA MET B 138 -23.74 -34.06 4.47
C MET B 138 -23.78 -32.87 5.43
N TYR B 139 -24.92 -32.73 6.10
CA TYR B 139 -25.13 -31.68 7.08
C TYR B 139 -25.89 -32.30 8.25
N LYS B 140 -25.28 -32.32 9.44
CA LYS B 140 -25.93 -32.90 10.61
C LYS B 140 -27.11 -32.07 11.08
N LEU B 141 -28.29 -32.69 11.14
CA LEU B 141 -29.48 -31.99 11.60
C LEU B 141 -29.52 -32.02 13.12
N ARG B 142 -29.89 -30.90 13.72
CA ARG B 142 -29.96 -30.80 15.17
C ARG B 142 -31.33 -30.31 15.58
N ARG B 143 -31.89 -29.39 14.79
CA ARG B 143 -33.18 -28.79 15.06
C ARG B 143 -34.27 -29.31 14.12
N LEU B 144 -33.93 -29.49 12.84
CA LEU B 144 -34.89 -29.97 11.86
C LEU B 144 -34.94 -31.49 11.77
N ASN B 145 -36.07 -32.01 11.29
CA ASN B 145 -36.22 -33.44 11.11
C ASN B 145 -36.02 -33.70 9.61
N ALA B 146 -35.83 -34.96 9.25
CA ALA B 146 -35.61 -35.33 7.86
C ALA B 146 -36.59 -34.72 6.84
N VAL B 147 -37.87 -34.74 7.18
CA VAL B 147 -38.90 -34.21 6.28
C VAL B 147 -38.78 -32.70 6.06
N GLU B 148 -38.44 -31.96 7.10
CA GLU B 148 -38.32 -30.52 7.00
C GLU B 148 -37.05 -30.11 6.25
N ALA B 149 -36.01 -30.94 6.34
CA ALA B 149 -34.73 -30.65 5.71
C ALA B 149 -34.60 -31.05 4.24
N ALA B 150 -35.14 -32.21 3.87
CA ALA B 150 -35.04 -32.72 2.50
C ALA B 150 -35.23 -31.69 1.39
N PRO B 151 -36.29 -30.88 1.45
CA PRO B 151 -36.53 -29.87 0.41
C PRO B 151 -35.43 -28.81 0.34
N LEU B 152 -34.80 -28.53 1.48
CA LEU B 152 -33.75 -27.51 1.57
C LEU B 152 -32.53 -27.85 0.71
N THR B 153 -32.31 -29.14 0.47
CA THR B 153 -31.18 -29.60 -0.33
C THR B 153 -31.35 -29.25 -1.79
N CYS B 154 -32.53 -28.75 -2.15
CA CYS B 154 -32.81 -28.39 -3.54
C CYS B 154 -33.29 -26.95 -3.64
N SER B 155 -34.53 -26.73 -3.20
CA SER B 155 -35.13 -25.40 -3.23
C SER B 155 -34.40 -24.42 -2.31
N GLY B 156 -33.89 -24.93 -1.20
CA GLY B 156 -33.18 -24.09 -0.25
C GLY B 156 -31.87 -23.58 -0.83
N ILE B 157 -31.08 -24.50 -1.37
CA ILE B 157 -29.79 -24.15 -1.99
C ILE B 157 -30.02 -23.19 -3.16
N THR B 158 -31.01 -23.52 -3.99
CA THR B 158 -31.35 -22.70 -5.15
C THR B 158 -31.73 -21.28 -4.78
N THR B 159 -32.67 -21.16 -3.84
CA THR B 159 -33.13 -19.85 -3.41
C THR B 159 -32.06 -19.05 -2.68
N TYR B 160 -31.25 -19.73 -1.87
CA TYR B 160 -30.18 -19.05 -1.14
C TYR B 160 -29.20 -18.41 -2.13
N ARG B 161 -28.82 -19.14 -3.17
CA ARG B 161 -27.90 -18.61 -4.16
C ARG B 161 -28.54 -17.47 -4.96
N ALA B 162 -29.84 -17.59 -5.23
CA ALA B 162 -30.54 -16.56 -5.98
C ALA B 162 -30.52 -15.23 -5.24
N VAL B 163 -30.68 -15.28 -3.92
CA VAL B 163 -30.67 -14.05 -3.12
C VAL B 163 -29.25 -13.46 -3.12
N ARG B 164 -28.26 -14.34 -3.07
CA ARG B 164 -26.86 -13.90 -3.09
C ARG B 164 -26.59 -13.16 -4.41
N LYS B 165 -27.08 -13.70 -5.50
CA LYS B 165 -26.88 -13.08 -6.80
C LYS B 165 -27.57 -11.72 -6.96
N ALA B 166 -28.57 -11.46 -6.13
CA ALA B 166 -29.29 -10.17 -6.21
C ALA B 166 -28.44 -9.03 -5.66
N SER B 167 -27.33 -9.38 -5.01
CA SER B 167 -26.41 -8.38 -4.45
C SER B 167 -27.15 -7.32 -3.65
N LEU B 168 -27.84 -7.75 -2.60
CA LEU B 168 -28.62 -6.82 -1.78
C LEU B 168 -27.84 -6.19 -0.62
N ASP B 169 -28.29 -5.02 -0.19
CA ASP B 169 -27.73 -4.32 0.95
C ASP B 169 -28.85 -3.39 1.49
N PRO B 170 -28.70 -2.84 2.70
CA PRO B 170 -29.73 -1.97 3.28
C PRO B 170 -30.18 -0.76 2.44
N THR B 171 -29.38 -0.35 1.46
CA THR B 171 -29.74 0.79 0.64
C THR B 171 -30.64 0.39 -0.53
N LYS B 172 -30.82 -0.91 -0.73
CA LYS B 172 -31.57 -1.43 -1.85
C LYS B 172 -32.96 -1.99 -1.56
N THR B 173 -33.73 -2.19 -2.63
CA THR B 173 -35.07 -2.74 -2.56
C THR B 173 -35.14 -3.92 -3.52
N LEU B 174 -35.74 -5.00 -3.06
CA LEU B 174 -35.89 -6.24 -3.82
C LEU B 174 -37.34 -6.55 -4.12
N LEU B 175 -37.58 -7.14 -5.29
CA LEU B 175 -38.92 -7.56 -5.65
C LEU B 175 -38.85 -9.07 -5.85
N VAL B 176 -39.72 -9.79 -5.15
CA VAL B 176 -39.78 -11.23 -5.31
C VAL B 176 -41.08 -11.53 -6.05
N VAL B 177 -40.95 -12.15 -7.23
CA VAL B 177 -42.10 -12.49 -8.06
C VAL B 177 -42.73 -13.77 -7.53
N GLY B 178 -44.05 -13.84 -7.54
CA GLY B 178 -44.74 -15.03 -7.04
C GLY B 178 -44.32 -15.26 -5.61
N ALA B 179 -44.21 -14.17 -4.86
CA ALA B 179 -43.77 -14.20 -3.48
C ALA B 179 -44.59 -15.04 -2.51
N GLY B 180 -45.79 -15.44 -2.92
CA GLY B 180 -46.63 -16.23 -2.04
C GLY B 180 -46.52 -17.73 -2.24
N GLY B 181 -45.72 -18.16 -3.21
CA GLY B 181 -45.55 -19.58 -3.47
C GLY B 181 -44.48 -20.21 -2.62
N GLY B 182 -44.25 -21.50 -2.81
CA GLY B 182 -43.23 -22.19 -2.03
C GLY B 182 -41.86 -21.54 -2.14
N LEU B 183 -41.35 -21.42 -3.36
CA LEU B 183 -40.05 -20.81 -3.61
C LEU B 183 -40.05 -19.35 -3.24
N GLY B 184 -41.16 -18.68 -3.52
CA GLY B 184 -41.28 -17.26 -3.23
C GLY B 184 -41.18 -16.90 -1.76
N THR B 185 -41.91 -17.60 -0.91
CA THR B 185 -41.86 -17.31 0.52
C THR B 185 -40.47 -17.60 1.07
N MET B 186 -39.83 -18.65 0.56
CA MET B 186 -38.49 -18.98 1.03
C MET B 186 -37.52 -17.88 0.63
N ALA B 187 -37.69 -17.33 -0.57
CA ALA B 187 -36.84 -16.25 -1.05
C ALA B 187 -37.05 -15.02 -0.17
N VAL B 188 -38.30 -14.74 0.17
CA VAL B 188 -38.59 -13.59 1.02
C VAL B 188 -37.95 -13.79 2.39
N GLN B 189 -38.10 -14.99 2.95
CA GLN B 189 -37.52 -15.27 4.26
C GLN B 189 -36.01 -15.14 4.26
N ILE B 190 -35.35 -15.70 3.25
CA ILE B 190 -33.90 -15.62 3.18
C ILE B 190 -33.45 -14.17 3.03
N ALA B 191 -34.06 -13.45 2.10
CA ALA B 191 -33.70 -12.05 1.89
C ALA B 191 -33.91 -11.23 3.15
N LYS B 192 -34.95 -11.55 3.91
CA LYS B 192 -35.21 -10.80 5.14
C LYS B 192 -34.21 -11.18 6.23
N ALA B 193 -33.74 -12.41 6.21
CA ALA B 193 -32.79 -12.84 7.22
C ALA B 193 -31.34 -12.49 6.93
N VAL B 194 -30.99 -12.30 5.66
CA VAL B 194 -29.59 -12.04 5.31
C VAL B 194 -29.16 -10.72 4.68
N SER B 195 -30.07 -9.78 4.41
CA SER B 195 -29.63 -8.56 3.74
C SER B 195 -29.97 -7.19 4.31
N GLY B 196 -31.11 -7.05 4.95
CA GLY B 196 -31.51 -5.76 5.45
C GLY B 196 -32.14 -4.90 4.36
N ALA B 197 -32.31 -5.45 3.17
CA ALA B 197 -32.92 -4.70 2.08
C ALA B 197 -34.44 -4.63 2.26
N THR B 198 -35.07 -3.67 1.60
CA THR B 198 -36.52 -3.53 1.65
C THR B 198 -37.05 -4.61 0.70
N ILE B 199 -38.09 -5.33 1.11
CA ILE B 199 -38.61 -6.42 0.29
C ILE B 199 -40.04 -6.22 -0.16
N ILE B 200 -40.25 -6.29 -1.47
CA ILE B 200 -41.59 -6.15 -2.04
C ILE B 200 -41.94 -7.51 -2.63
N GLY B 201 -43.07 -8.06 -2.24
CA GLY B 201 -43.49 -9.34 -2.77
C GLY B 201 -44.73 -9.16 -3.61
N VAL B 202 -44.77 -9.81 -4.76
CA VAL B 202 -45.95 -9.70 -5.61
C VAL B 202 -46.49 -11.07 -5.94
N ASP B 203 -47.81 -11.19 -5.91
CA ASP B 203 -48.46 -12.44 -6.27
C ASP B 203 -49.82 -12.13 -6.87
N VAL B 204 -50.58 -13.16 -7.20
CA VAL B 204 -51.86 -12.93 -7.85
C VAL B 204 -53.15 -13.27 -7.11
N ARG B 205 -53.03 -13.84 -5.90
CA ARG B 205 -54.22 -14.19 -5.13
C ARG B 205 -54.08 -13.68 -3.70
N GLU B 206 -55.21 -13.22 -3.15
CA GLU B 206 -55.27 -12.69 -1.79
C GLU B 206 -54.55 -13.61 -0.79
N GLU B 207 -54.68 -14.91 -0.99
CA GLU B 207 -54.06 -15.90 -0.11
C GLU B 207 -52.54 -15.87 -0.21
N ALA B 208 -52.04 -15.88 -1.45
CA ALA B 208 -50.59 -15.85 -1.69
C ALA B 208 -49.99 -14.54 -1.22
N VAL B 209 -50.66 -13.44 -1.56
CA VAL B 209 -50.21 -12.12 -1.15
C VAL B 209 -50.09 -12.14 0.36
N GLU B 210 -51.03 -12.81 1.00
CA GLU B 210 -51.01 -12.88 2.45
C GLU B 210 -49.84 -13.76 2.90
N ALA B 211 -49.59 -14.84 2.17
CA ALA B 211 -48.48 -15.73 2.53
C ALA B 211 -47.17 -14.96 2.39
N ALA B 212 -47.09 -14.10 1.38
CA ALA B 212 -45.89 -13.31 1.15
C ALA B 212 -45.65 -12.39 2.34
N LYS B 213 -46.73 -11.80 2.85
CA LYS B 213 -46.61 -10.89 3.99
C LYS B 213 -46.13 -11.64 5.22
N ARG B 214 -46.69 -12.82 5.45
CA ARG B 214 -46.30 -13.62 6.60
C ARG B 214 -44.85 -14.09 6.47
N ALA B 215 -44.36 -14.16 5.24
CA ALA B 215 -42.97 -14.58 5.02
C ALA B 215 -42.03 -13.46 5.42
N GLY B 216 -42.56 -12.24 5.54
CA GLY B 216 -41.72 -11.12 5.93
C GLY B 216 -41.59 -9.97 4.95
N ALA B 217 -42.37 -9.98 3.88
CA ALA B 217 -42.31 -8.90 2.90
C ALA B 217 -42.66 -7.57 3.57
N ASP B 218 -41.95 -6.51 3.21
CA ASP B 218 -42.22 -5.18 3.77
C ASP B 218 -43.42 -4.57 3.04
N TYR B 219 -43.59 -4.96 1.78
CA TYR B 219 -44.70 -4.49 0.95
C TYR B 219 -45.14 -5.68 0.15
N VAL B 220 -46.44 -5.77 -0.13
CA VAL B 220 -46.97 -6.86 -0.94
C VAL B 220 -47.90 -6.24 -1.97
N ILE B 221 -47.92 -6.84 -3.14
CA ILE B 221 -48.74 -6.36 -4.24
C ILE B 221 -49.54 -7.52 -4.77
N ASN B 222 -50.79 -7.27 -5.14
CA ASN B 222 -51.65 -8.29 -5.71
C ASN B 222 -51.82 -7.88 -7.16
N ALA B 223 -51.08 -8.52 -8.05
CA ALA B 223 -51.14 -8.19 -9.48
C ALA B 223 -52.54 -8.36 -10.07
N SER B 224 -53.42 -9.05 -9.34
CA SER B 224 -54.77 -9.27 -9.83
C SER B 224 -55.73 -8.14 -9.48
N MET B 225 -55.35 -7.32 -8.50
CA MET B 225 -56.18 -6.20 -8.06
C MET B 225 -55.46 -4.86 -8.28
N GLN B 226 -54.17 -4.92 -8.59
CA GLN B 226 -53.37 -3.70 -8.79
C GLN B 226 -52.41 -3.80 -9.97
N ASP B 227 -51.84 -2.68 -10.35
CA ASP B 227 -50.84 -2.64 -11.42
C ASP B 227 -49.53 -2.65 -10.66
N PRO B 228 -48.89 -3.82 -10.56
CA PRO B 228 -47.61 -3.99 -9.85
C PRO B 228 -46.56 -2.93 -10.16
N LEU B 229 -46.43 -2.58 -11.44
CA LEU B 229 -45.46 -1.58 -11.84
C LEU B 229 -45.79 -0.24 -11.22
N ALA B 230 -47.07 0.12 -11.29
CA ALA B 230 -47.50 1.39 -10.71
C ALA B 230 -47.20 1.36 -9.22
N GLU B 231 -47.57 0.27 -8.56
CA GLU B 231 -47.33 0.17 -7.12
C GLU B 231 -45.83 0.19 -6.82
N ILE B 232 -45.05 -0.57 -7.57
CA ILE B 232 -43.61 -0.58 -7.33
C ILE B 232 -43.03 0.81 -7.54
N ARG B 233 -43.48 1.52 -8.58
CA ARG B 233 -42.96 2.86 -8.81
C ARG B 233 -43.27 3.77 -7.63
N ARG B 234 -44.44 3.62 -7.02
CA ARG B 234 -44.75 4.46 -5.86
C ARG B 234 -43.88 4.07 -4.68
N ILE B 235 -43.83 2.78 -4.38
CA ILE B 235 -43.04 2.31 -3.25
C ILE B 235 -41.59 2.80 -3.33
N THR B 236 -40.99 2.70 -4.51
CA THR B 236 -39.60 3.12 -4.67
C THR B 236 -39.43 4.56 -5.13
N GLU B 237 -40.49 5.36 -4.99
CA GLU B 237 -40.42 6.76 -5.40
C GLU B 237 -39.88 6.90 -6.82
N SER B 238 -40.40 6.07 -7.72
CA SER B 238 -40.03 6.09 -9.13
C SER B 238 -38.64 5.57 -9.49
N LYS B 239 -37.86 5.12 -8.52
CA LYS B 239 -36.52 4.62 -8.83
C LYS B 239 -36.54 3.22 -9.44
N GLY B 240 -37.49 2.40 -9.00
CA GLY B 240 -37.57 1.04 -9.48
C GLY B 240 -36.83 0.19 -8.45
N VAL B 241 -36.82 -1.13 -8.62
CA VAL B 241 -36.14 -1.97 -7.65
C VAL B 241 -34.72 -2.30 -8.10
N ASP B 242 -33.84 -2.53 -7.12
CA ASP B 242 -32.45 -2.83 -7.39
C ASP B 242 -32.23 -4.26 -7.80
N ALA B 243 -33.24 -5.09 -7.53
CA ALA B 243 -33.18 -6.49 -7.89
C ALA B 243 -34.55 -7.11 -7.96
N VAL B 244 -34.65 -8.11 -8.82
CA VAL B 244 -35.87 -8.88 -8.98
C VAL B 244 -35.42 -10.33 -8.96
N ILE B 245 -36.09 -11.14 -8.15
CA ILE B 245 -35.79 -12.55 -8.11
C ILE B 245 -37.06 -13.19 -8.67
N ASP B 246 -36.92 -13.79 -9.85
CA ASP B 246 -38.04 -14.41 -10.56
C ASP B 246 -37.83 -15.92 -10.53
N LEU B 247 -38.38 -16.57 -9.51
CA LEU B 247 -38.27 -18.01 -9.36
C LEU B 247 -39.36 -18.65 -10.22
N ASN B 248 -38.96 -19.57 -11.08
CA ASN B 248 -39.89 -20.24 -11.98
C ASN B 248 -40.56 -19.18 -12.87
N TYR B 249 -39.72 -18.46 -13.62
CA TYR B 249 -40.19 -17.40 -14.52
C TYR B 249 -41.10 -17.98 -15.60
N SER B 250 -41.81 -17.09 -16.28
CA SER B 250 -42.70 -17.47 -17.37
C SER B 250 -42.55 -16.40 -18.44
N GLU B 251 -43.16 -16.63 -19.60
CA GLU B 251 -43.09 -15.65 -20.69
C GLU B 251 -43.69 -14.33 -20.20
N LYS B 252 -44.70 -14.43 -19.36
CA LYS B 252 -45.39 -13.28 -18.80
C LYS B 252 -44.48 -12.45 -17.88
N THR B 253 -43.92 -13.11 -16.87
CA THR B 253 -43.05 -12.41 -15.92
C THR B 253 -41.86 -11.74 -16.61
N LEU B 254 -41.24 -12.43 -17.56
CA LEU B 254 -40.08 -11.88 -18.27
C LEU B 254 -40.42 -10.66 -19.12
N SER B 255 -41.68 -10.53 -19.51
CA SER B 255 -42.08 -9.39 -20.34
C SER B 255 -42.56 -8.23 -19.49
N VAL B 256 -42.87 -8.50 -18.23
CA VAL B 256 -43.39 -7.49 -17.34
C VAL B 256 -42.44 -6.90 -16.31
N TYR B 257 -41.94 -7.75 -15.43
CA TYR B 257 -41.09 -7.31 -14.33
C TYR B 257 -39.75 -6.64 -14.63
N PRO B 258 -39.14 -6.91 -15.79
CA PRO B 258 -37.86 -6.22 -16.03
C PRO B 258 -38.11 -4.70 -16.11
N LYS B 259 -39.34 -4.32 -16.41
CA LYS B 259 -39.70 -2.91 -16.50
C LYS B 259 -39.64 -2.22 -15.12
N ALA B 260 -39.64 -3.02 -14.06
CA ALA B 260 -39.61 -2.48 -12.70
C ALA B 260 -38.18 -2.19 -12.22
N LEU B 261 -37.20 -2.63 -12.99
CA LEU B 261 -35.79 -2.46 -12.62
C LEU B 261 -35.29 -1.02 -12.54
N ALA B 262 -34.54 -0.72 -11.49
CA ALA B 262 -33.94 0.60 -11.34
C ALA B 262 -32.64 0.53 -12.13
N LYS B 263 -31.94 1.65 -12.25
CA LYS B 263 -30.66 1.62 -12.95
C LYS B 263 -29.75 0.71 -12.11
N GLN B 264 -28.94 -0.08 -12.80
CA GLN B 264 -28.02 -1.05 -12.19
C GLN B 264 -28.74 -2.21 -11.56
N GLY B 265 -30.04 -2.29 -11.81
CA GLY B 265 -30.83 -3.38 -11.25
C GLY B 265 -30.43 -4.74 -11.82
N LYS B 266 -30.58 -5.77 -10.99
CA LYS B 266 -30.26 -7.13 -11.40
C LYS B 266 -31.51 -7.98 -11.43
N TYR B 267 -31.77 -8.59 -12.57
CA TYR B 267 -32.92 -9.46 -12.73
C TYR B 267 -32.44 -10.89 -12.61
N VAL B 268 -32.67 -11.50 -11.46
CA VAL B 268 -32.24 -12.87 -11.23
C VAL B 268 -33.33 -13.86 -11.62
N MET B 269 -33.08 -14.59 -12.70
CA MET B 269 -34.00 -15.59 -13.23
C MET B 269 -33.61 -16.98 -12.78
N VAL B 270 -34.59 -17.76 -12.35
CA VAL B 270 -34.34 -19.14 -11.92
C VAL B 270 -35.44 -20.03 -12.48
N GLY B 271 -35.04 -21.17 -13.05
CA GLY B 271 -36.01 -22.09 -13.61
C GLY B 271 -35.60 -22.67 -14.94
N LEU B 272 -36.50 -23.47 -15.52
CA LEU B 272 -36.24 -24.11 -16.79
C LEU B 272 -37.38 -24.01 -17.80
N PHE B 273 -38.35 -23.14 -17.55
CA PHE B 273 -39.48 -22.99 -18.48
C PHE B 273 -39.01 -22.58 -19.89
N GLY B 274 -39.64 -23.18 -20.90
CA GLY B 274 -39.29 -22.88 -22.28
C GLY B 274 -39.77 -21.52 -22.74
N ALA B 275 -39.02 -20.47 -22.39
CA ALA B 275 -39.36 -19.12 -22.77
C ALA B 275 -38.07 -18.39 -23.11
N ASP B 276 -38.19 -17.31 -23.87
CA ASP B 276 -37.02 -16.53 -24.24
C ASP B 276 -37.02 -15.16 -23.60
N LEU B 277 -35.83 -14.64 -23.32
CA LEU B 277 -35.72 -13.32 -22.75
C LEU B 277 -35.69 -12.36 -23.95
N HIS B 278 -36.55 -11.36 -23.93
CA HIS B 278 -36.62 -10.36 -25.00
C HIS B 278 -36.51 -8.98 -24.37
N TYR B 279 -35.44 -8.26 -24.66
CA TYR B 279 -35.31 -6.92 -24.07
C TYR B 279 -34.51 -5.99 -24.98
N HIS B 280 -35.02 -4.76 -25.12
CA HIS B 280 -34.38 -3.74 -25.96
C HIS B 280 -32.98 -3.42 -25.42
N ALA B 281 -31.97 -3.70 -26.23
CA ALA B 281 -30.57 -3.49 -25.84
C ALA B 281 -30.21 -2.11 -25.29
N PRO B 282 -30.66 -1.03 -25.95
CA PRO B 282 -30.35 0.32 -25.46
C PRO B 282 -30.83 0.56 -24.03
N LEU B 283 -31.86 -0.16 -23.63
CA LEU B 283 -32.40 -0.01 -22.29
C LEU B 283 -31.43 -0.62 -21.29
N ILE B 284 -30.79 -1.70 -21.70
CA ILE B 284 -29.81 -2.40 -20.86
C ILE B 284 -28.55 -1.56 -20.67
N THR B 285 -28.03 -1.01 -21.76
CA THR B 285 -26.81 -0.20 -21.69
C THR B 285 -27.01 1.13 -20.97
N LEU B 286 -28.11 1.81 -21.28
CA LEU B 286 -28.41 3.10 -20.65
C LEU B 286 -28.59 2.98 -19.13
N SER B 287 -29.19 1.89 -18.69
CA SER B 287 -29.45 1.71 -17.26
C SER B 287 -28.52 0.75 -16.54
N GLU B 288 -27.54 0.22 -17.26
CA GLU B 288 -26.60 -0.73 -16.68
C GLU B 288 -27.32 -1.87 -15.97
N ILE B 289 -28.42 -2.36 -16.55
CA ILE B 289 -29.10 -3.46 -15.87
C ILE B 289 -28.42 -4.77 -16.23
N GLN B 290 -28.69 -5.79 -15.45
CA GLN B 290 -28.11 -7.09 -15.67
C GLN B 290 -29.16 -8.18 -15.54
N PHE B 291 -29.12 -9.15 -16.44
CA PHE B 291 -30.00 -10.29 -16.40
C PHE B 291 -29.06 -11.42 -16.01
N VAL B 292 -29.34 -12.06 -14.89
CA VAL B 292 -28.49 -13.15 -14.42
C VAL B 292 -29.28 -14.42 -14.15
N GLY B 293 -28.74 -15.54 -14.57
CA GLY B 293 -29.41 -16.81 -14.37
C GLY B 293 -28.78 -17.58 -13.23
N SER B 294 -29.56 -18.51 -12.67
CA SER B 294 -29.10 -19.33 -11.58
C SER B 294 -30.05 -20.51 -11.52
N LEU B 295 -29.59 -21.63 -10.99
CA LEU B 295 -30.45 -22.81 -10.93
C LEU B 295 -30.23 -23.66 -9.70
N VAL B 296 -28.97 -23.90 -9.35
CA VAL B 296 -28.63 -24.72 -8.20
C VAL B 296 -27.70 -23.99 -7.22
N GLY B 297 -26.71 -24.69 -6.69
CA GLY B 297 -25.80 -24.08 -5.73
C GLY B 297 -24.70 -24.98 -5.26
N ASN B 298 -23.71 -24.42 -4.56
CA ASN B 298 -22.56 -25.20 -4.09
C ASN B 298 -22.56 -25.46 -2.59
N GLN B 299 -21.45 -25.96 -2.07
CA GLN B 299 -21.33 -26.26 -0.64
C GLN B 299 -21.56 -25.05 0.24
N SER B 300 -21.13 -23.89 -0.25
CA SER B 300 -21.30 -22.64 0.49
C SER B 300 -22.79 -22.31 0.58
N ASP B 301 -23.52 -22.51 -0.51
CA ASP B 301 -24.95 -22.24 -0.51
C ASP B 301 -25.68 -23.21 0.43
N PHE B 302 -25.25 -24.46 0.43
CA PHE B 302 -25.86 -25.47 1.28
C PHE B 302 -25.60 -25.13 2.75
N LEU B 303 -24.37 -24.76 3.06
CA LEU B 303 -24.03 -24.40 4.43
C LEU B 303 -24.87 -23.21 4.88
N GLY B 304 -25.05 -22.24 3.99
CA GLY B 304 -25.83 -21.07 4.36
C GLY B 304 -27.30 -21.33 4.66
N ILE B 305 -27.98 -22.02 3.75
CA ILE B 305 -29.40 -22.27 3.98
C ILE B 305 -29.64 -23.18 5.17
N MET B 306 -28.75 -24.15 5.38
CA MET B 306 -28.90 -25.07 6.51
C MET B 306 -28.66 -24.36 7.84
N ARG B 307 -27.68 -23.45 7.88
CA ARG B 307 -27.42 -22.72 9.12
C ARG B 307 -28.64 -21.88 9.44
N LEU B 308 -29.22 -21.25 8.41
CA LEU B 308 -30.41 -20.43 8.60
C LEU B 308 -31.60 -21.24 9.09
N ALA B 309 -31.88 -22.34 8.40
CA ALA B 309 -33.00 -23.20 8.76
C ALA B 309 -32.85 -23.78 10.16
N GLU B 310 -31.66 -24.29 10.47
CA GLU B 310 -31.37 -24.88 11.77
C GLU B 310 -31.50 -23.85 12.89
N ALA B 311 -31.32 -22.58 12.54
CA ALA B 311 -31.43 -21.49 13.51
C ALA B 311 -32.86 -20.99 13.57
N GLY B 312 -33.70 -21.54 12.70
CA GLY B 312 -35.08 -21.13 12.67
C GLY B 312 -35.33 -19.80 11.96
N LYS B 313 -34.28 -19.23 11.36
CA LYS B 313 -34.44 -17.95 10.67
C LYS B 313 -35.18 -18.12 9.34
N VAL B 314 -35.24 -19.36 8.87
CA VAL B 314 -35.95 -19.70 7.64
C VAL B 314 -36.74 -20.96 7.95
N LYS B 315 -38.05 -20.90 7.78
CA LYS B 315 -38.91 -22.04 8.08
C LYS B 315 -39.00 -23.08 6.96
N PRO B 316 -39.28 -24.34 7.33
CA PRO B 316 -39.40 -25.43 6.35
C PRO B 316 -40.58 -25.17 5.41
N MET B 317 -40.52 -25.76 4.21
CA MET B 317 -41.59 -25.59 3.24
C MET B 317 -42.87 -26.32 3.67
N ILE B 318 -44.01 -25.84 3.21
CA ILE B 318 -45.27 -26.50 3.51
C ILE B 318 -45.14 -27.83 2.79
N THR B 319 -45.23 -28.92 3.53
CA THR B 319 -45.05 -30.24 2.91
C THR B 319 -46.21 -31.21 3.06
N LYS B 320 -46.25 -32.16 2.13
CA LYS B 320 -47.26 -33.21 2.10
C LYS B 320 -46.51 -34.53 1.99
N THR B 321 -46.52 -35.33 3.06
CA THR B 321 -45.82 -36.60 3.06
C THR B 321 -46.59 -37.68 2.31
N MET B 322 -45.86 -38.55 1.62
CA MET B 322 -46.44 -39.64 0.86
C MET B 322 -45.59 -40.90 0.99
N LYS B 323 -46.07 -41.99 0.40
CA LYS B 323 -45.37 -43.27 0.44
C LYS B 323 -44.42 -43.38 -0.76
N LEU B 324 -43.37 -44.18 -0.61
CA LEU B 324 -42.40 -44.35 -1.69
C LEU B 324 -43.05 -44.83 -2.99
N GLU B 325 -44.06 -45.69 -2.87
CA GLU B 325 -44.74 -46.22 -4.05
C GLU B 325 -45.57 -45.17 -4.78
N GLU B 326 -45.85 -44.06 -4.12
CA GLU B 326 -46.64 -43.00 -4.73
C GLU B 326 -45.76 -42.02 -5.52
N ALA B 327 -44.52 -42.42 -5.76
CA ALA B 327 -43.56 -41.60 -6.49
C ALA B 327 -44.14 -41.09 -7.81
N ASN B 328 -44.59 -42.01 -8.66
CA ASN B 328 -45.17 -41.65 -9.96
C ASN B 328 -46.35 -40.71 -9.77
N GLU B 329 -47.16 -40.98 -8.75
CA GLU B 329 -48.32 -40.15 -8.46
C GLU B 329 -47.84 -38.73 -8.18
N ALA B 330 -46.89 -38.61 -7.24
CA ALA B 330 -46.35 -37.31 -6.88
C ALA B 330 -45.86 -36.56 -8.11
N ILE B 331 -45.12 -37.25 -8.97
CA ILE B 331 -44.60 -36.62 -10.19
C ILE B 331 -45.74 -36.21 -11.12
N ASP B 332 -46.80 -37.02 -11.15
CA ASP B 332 -47.94 -36.72 -12.00
C ASP B 332 -48.63 -35.44 -11.52
N GLN B 343 -44.05 -32.09 -1.87
CA GLN B 343 -44.29 -33.52 -1.75
C GLN B 343 -43.01 -34.26 -1.32
N VAL B 344 -43.10 -34.94 -0.19
CA VAL B 344 -41.97 -35.70 0.32
C VAL B 344 -42.36 -37.17 0.51
N LEU B 345 -41.65 -38.05 -0.19
CA LEU B 345 -41.90 -39.48 -0.11
C LEU B 345 -41.17 -40.06 1.11
N ILE B 346 -41.86 -40.89 1.87
CA ILE B 346 -41.24 -41.51 3.04
C ILE B 346 -41.20 -43.03 2.90
N PRO B 347 -40.00 -43.59 2.66
CA PRO B 347 -39.81 -45.03 2.50
C PRO B 347 -40.40 -45.82 3.67
N MET C 1 -28.78 34.94 17.03
CA MET C 1 -29.19 33.65 17.64
C MET C 1 -28.17 33.17 18.67
N ARG C 2 -28.59 32.24 19.52
CA ARG C 2 -27.72 31.69 20.55
C ARG C 2 -26.89 30.58 19.91
N ALA C 3 -25.68 30.39 20.41
CA ALA C 3 -24.80 29.36 19.87
C ALA C 3 -23.61 29.11 20.78
N VAL C 4 -23.57 27.94 21.41
CA VAL C 4 -22.46 27.60 22.28
C VAL C 4 -21.28 27.29 21.38
N ARG C 5 -20.18 28.01 21.56
CA ARG C 5 -19.01 27.81 20.72
C ARG C 5 -17.71 27.64 21.49
N LEU C 6 -16.74 27.02 20.82
CA LEU C 6 -15.41 26.82 21.38
C LEU C 6 -14.64 28.09 21.07
N VAL C 7 -14.53 28.97 22.06
CA VAL C 7 -13.84 30.24 21.87
C VAL C 7 -12.35 30.15 22.19
N GLU C 8 -11.97 29.17 23.00
CA GLU C 8 -10.57 29.01 23.38
C GLU C 8 -10.24 27.60 23.88
N ILE C 9 -9.24 26.99 23.27
CA ILE C 9 -8.82 25.64 23.64
C ILE C 9 -8.63 25.57 25.15
N GLY C 10 -8.88 24.40 25.73
CA GLY C 10 -8.73 24.23 27.16
C GLY C 10 -9.86 24.90 27.91
N LYS C 11 -10.16 26.14 27.55
CA LYS C 11 -11.23 26.90 28.19
C LYS C 11 -12.60 26.35 27.82
N PRO C 12 -13.65 26.76 28.58
CA PRO C 12 -15.02 26.30 28.33
C PRO C 12 -15.69 27.02 27.16
N LEU C 13 -16.74 26.39 26.63
CA LEU C 13 -17.50 26.96 25.52
C LEU C 13 -18.21 28.24 25.96
N SER C 14 -18.39 29.16 25.02
CA SER C 14 -19.05 30.43 25.30
C SER C 14 -20.30 30.61 24.46
N LEU C 15 -21.39 31.04 25.09
CA LEU C 15 -22.65 31.25 24.39
C LEU C 15 -22.66 32.63 23.74
N GLN C 16 -22.22 32.71 22.49
CA GLN C 16 -22.19 33.98 21.78
C GLN C 16 -23.54 34.30 21.14
N GLU C 17 -23.66 35.51 20.60
CA GLU C 17 -24.88 35.95 19.94
C GLU C 17 -24.52 36.41 18.54
N ILE C 18 -24.42 35.46 17.63
CA ILE C 18 -24.07 35.75 16.23
C ILE C 18 -25.30 35.84 15.33
N GLY C 19 -25.09 36.30 14.10
CA GLY C 19 -26.18 36.44 13.17
C GLY C 19 -26.55 35.13 12.50
N VAL C 20 -27.76 35.09 11.95
CA VAL C 20 -28.25 33.89 11.26
C VAL C 20 -27.89 33.94 9.79
N PRO C 21 -27.00 33.03 9.35
CA PRO C 21 -26.58 32.97 7.96
C PRO C 21 -27.75 32.89 6.99
N LYS C 22 -27.54 33.36 5.77
CA LYS C 22 -28.56 33.32 4.74
C LYS C 22 -28.15 32.27 3.72
N PRO C 23 -28.98 31.23 3.53
CA PRO C 23 -28.68 30.16 2.57
C PRO C 23 -28.70 30.61 1.11
N LYS C 24 -27.63 30.30 0.39
CA LYS C 24 -27.52 30.66 -1.01
C LYS C 24 -27.14 29.44 -1.84
N GLY C 25 -27.69 29.37 -3.05
CA GLY C 25 -27.40 28.25 -3.92
C GLY C 25 -27.93 26.92 -3.42
N PRO C 26 -27.06 25.91 -3.26
CA PRO C 26 -27.43 24.57 -2.79
C PRO C 26 -27.53 24.48 -1.27
N GLN C 27 -27.14 25.56 -0.59
CA GLN C 27 -27.17 25.58 0.87
C GLN C 27 -28.58 25.49 1.43
N VAL C 28 -28.67 25.05 2.68
CA VAL C 28 -29.94 24.91 3.36
C VAL C 28 -29.77 25.39 4.79
N LEU C 29 -30.73 26.19 5.25
CA LEU C 29 -30.69 26.71 6.62
C LEU C 29 -31.61 25.85 7.47
N ILE C 30 -31.06 25.24 8.51
CA ILE C 30 -31.83 24.38 9.38
C ILE C 30 -32.09 24.99 10.75
N LYS C 31 -33.31 24.83 11.23
CA LYS C 31 -33.70 25.31 12.55
C LYS C 31 -33.43 24.09 13.43
N VAL C 32 -32.30 24.10 14.11
CA VAL C 32 -31.90 22.97 14.96
C VAL C 32 -32.93 22.55 15.98
N GLU C 33 -33.32 21.27 15.94
CA GLU C 33 -34.27 20.74 16.91
C GLU C 33 -33.56 19.74 17.80
N ALA C 34 -32.39 19.28 17.35
CA ALA C 34 -31.61 18.33 18.12
C ALA C 34 -30.15 18.41 17.72
N ALA C 35 -29.29 18.54 18.74
CA ALA C 35 -27.85 18.62 18.55
C ALA C 35 -27.17 17.60 19.44
N GLY C 36 -26.82 16.46 18.87
CA GLY C 36 -26.18 15.42 19.64
C GLY C 36 -24.81 15.81 20.14
N VAL C 37 -24.41 15.20 21.24
CA VAL C 37 -23.12 15.45 21.86
C VAL C 37 -22.48 14.11 22.16
N CYS C 38 -21.21 13.95 21.79
CA CYS C 38 -20.51 12.70 22.09
C CYS C 38 -19.05 12.98 22.44
N HIS C 39 -18.35 11.94 22.87
CA HIS C 39 -16.95 12.06 23.28
C HIS C 39 -16.08 12.88 22.32
N SER C 40 -16.42 12.86 21.04
CA SER C 40 -15.65 13.60 20.05
C SER C 40 -15.60 15.08 20.45
N ASP C 41 -16.58 15.49 21.27
CA ASP C 41 -16.66 16.86 21.75
C ASP C 41 -15.87 17.03 23.05
N THR C 65 -18.47 27.12 16.36
CA THR C 65 -19.70 26.49 16.81
C THR C 65 -19.65 24.98 16.60
N LEU C 66 -19.62 24.23 17.70
CA LEU C 66 -19.57 22.78 17.63
C LEU C 66 -20.94 22.20 17.29
N GLY C 67 -21.00 20.86 17.23
CA GLY C 67 -22.24 20.18 16.92
C GLY C 67 -22.22 19.50 15.57
N HIS C 68 -21.75 18.25 15.54
CA HIS C 68 -21.67 17.47 14.31
C HIS C 68 -22.82 16.46 14.18
N GLU C 69 -23.72 16.45 15.16
CA GLU C 69 -24.88 15.55 15.14
C GLU C 69 -26.11 16.43 14.96
N ILE C 70 -26.45 16.69 13.70
CA ILE C 70 -27.55 17.57 13.33
C ILE C 70 -28.88 16.97 12.86
N ALA C 71 -29.96 17.59 13.34
CA ALA C 71 -31.31 17.20 12.97
C ALA C 71 -32.24 18.38 13.29
N GLY C 72 -33.18 18.66 12.40
CA GLY C 72 -34.10 19.76 12.63
C GLY C 72 -34.98 20.05 11.43
N LYS C 73 -35.69 21.18 11.48
CA LYS C 73 -36.58 21.56 10.39
C LYS C 73 -35.93 22.58 9.46
N ILE C 74 -36.19 22.45 8.17
CA ILE C 74 -35.64 23.38 7.19
C ILE C 74 -36.30 24.74 7.34
N GLU C 75 -35.49 25.75 7.63
CA GLU C 75 -35.99 27.10 7.81
C GLU C 75 -36.05 27.82 6.46
N GLU C 76 -35.01 27.65 5.66
CA GLU C 76 -34.93 28.29 4.35
C GLU C 76 -33.95 27.53 3.45
N VAL C 77 -34.25 27.51 2.15
CA VAL C 77 -33.39 26.81 1.19
C VAL C 77 -32.80 27.78 0.18
N GLY C 78 -31.58 27.48 -0.26
CA GLY C 78 -30.91 28.32 -1.25
C GLY C 78 -31.61 28.18 -2.58
N ASP C 79 -31.41 29.16 -3.46
CA ASP C 79 -32.05 29.16 -4.77
C ASP C 79 -31.72 27.97 -5.67
N GLU C 80 -30.76 27.14 -5.27
CA GLU C 80 -30.38 25.99 -6.08
C GLU C 80 -30.85 24.65 -5.50
N VAL C 81 -31.47 24.70 -4.33
CA VAL C 81 -31.96 23.50 -3.66
C VAL C 81 -33.11 22.84 -4.41
N VAL C 82 -33.05 21.51 -4.52
CA VAL C 82 -34.08 20.74 -5.21
C VAL C 82 -34.49 19.55 -4.35
N GLY C 83 -35.80 19.29 -4.28
CA GLY C 83 -36.29 18.16 -3.51
C GLY C 83 -36.57 18.39 -2.05
N TYR C 84 -36.34 19.61 -1.56
CA TYR C 84 -36.58 19.92 -0.15
C TYR C 84 -37.30 21.27 -0.03
N SER C 85 -38.18 21.38 0.95
CA SER C 85 -38.94 22.60 1.19
C SER C 85 -38.88 23.01 2.65
N LYS C 86 -39.20 24.28 2.91
CA LYS C 86 -39.22 24.78 4.27
C LYS C 86 -40.16 23.89 5.07
N GLY C 87 -39.84 23.64 6.34
CA GLY C 87 -40.69 22.80 7.15
C GLY C 87 -40.30 21.33 7.16
N ASP C 88 -39.51 20.91 6.17
CA ASP C 88 -39.08 19.51 6.12
C ASP C 88 -38.23 19.17 7.32
N LEU C 89 -38.45 17.98 7.86
CA LEU C 89 -37.69 17.50 9.00
C LEU C 89 -36.52 16.69 8.39
N VAL C 90 -35.29 17.02 8.77
CA VAL C 90 -34.14 16.32 8.22
C VAL C 90 -33.02 16.02 9.21
N ALA C 91 -32.18 15.06 8.84
CA ALA C 91 -31.01 14.68 9.61
C ALA C 91 -29.88 15.03 8.64
N VAL C 92 -28.66 15.24 9.11
CA VAL C 92 -27.58 15.63 8.22
C VAL C 92 -26.27 14.86 8.33
N ASN C 93 -25.63 14.58 7.20
CA ASN C 93 -24.32 13.92 7.16
C ASN C 93 -23.36 15.11 7.26
N PRO C 94 -22.66 15.25 8.39
CA PRO C 94 -21.71 16.34 8.65
C PRO C 94 -20.35 16.33 7.97
N LEU C 95 -19.94 15.16 7.49
CA LEU C 95 -18.63 15.02 6.85
C LEU C 95 -18.76 15.14 5.33
N GLN C 96 -18.29 16.26 4.80
CA GLN C 96 -18.41 16.56 3.38
C GLN C 96 -17.09 16.85 2.68
N GLY C 97 -16.77 16.02 1.69
CA GLY C 97 -15.51 16.19 0.96
C GLY C 97 -15.46 17.33 -0.05
N GLU C 98 -14.25 17.80 -0.33
CA GLU C 98 -14.06 18.89 -1.27
C GLU C 98 -14.23 18.44 -2.73
N GLY C 99 -14.14 17.14 -2.97
CA GLY C 99 -14.35 16.59 -4.31
C GLY C 99 -13.19 16.26 -5.24
N ASN C 100 -12.08 16.98 -5.11
CA ASN C 100 -10.93 16.78 -6.00
C ASN C 100 -9.97 15.65 -5.65
N CYS C 101 -9.78 15.41 -4.36
CA CYS C 101 -8.84 14.38 -3.93
C CYS C 101 -9.27 12.95 -4.28
N TYR C 102 -8.30 12.05 -4.23
CA TYR C 102 -8.49 10.64 -4.54
C TYR C 102 -9.70 10.01 -3.86
N TYR C 103 -9.80 10.22 -2.56
CA TYR C 103 -10.88 9.64 -1.76
C TYR C 103 -12.25 10.14 -2.15
N CYS C 104 -12.34 11.43 -2.46
CA CYS C 104 -13.62 11.97 -2.88
C CYS C 104 -13.96 11.36 -4.25
N ARG C 105 -12.96 11.25 -5.12
CA ARG C 105 -13.17 10.70 -6.46
C ARG C 105 -13.64 9.24 -6.47
N ILE C 106 -13.13 8.42 -5.56
CA ILE C 106 -13.58 7.02 -5.54
C ILE C 106 -14.81 6.81 -4.66
N GLY C 107 -15.37 7.90 -4.14
CA GLY C 107 -16.56 7.79 -3.31
C GLY C 107 -16.38 7.53 -1.82
N GLU C 108 -15.21 7.82 -1.29
CA GLU C 108 -14.95 7.62 0.14
C GLU C 108 -14.65 9.00 0.72
N GLU C 109 -15.57 9.94 0.51
CA GLU C 109 -15.33 11.31 0.95
C GLU C 109 -15.08 11.52 2.43
N HIS C 110 -15.49 10.58 3.28
CA HIS C 110 -15.23 10.78 4.70
C HIS C 110 -13.73 10.75 4.95
N LEU C 111 -12.96 10.23 3.99
CA LEU C 111 -11.51 10.18 4.14
C LEU C 111 -10.86 11.26 3.26
N CYS C 112 -11.66 12.26 2.93
CA CYS C 112 -11.19 13.39 2.11
C CYS C 112 -9.95 14.01 2.73
N ASP C 113 -9.06 14.52 1.89
CA ASP C 113 -7.84 15.15 2.36
C ASP C 113 -8.10 16.50 3.05
N SER C 114 -9.17 17.19 2.66
CA SER C 114 -9.51 18.49 3.24
C SER C 114 -11.03 18.59 3.29
N PRO C 115 -11.63 17.84 4.22
CA PRO C 115 -13.09 17.85 4.35
C PRO C 115 -13.70 19.06 5.03
N ARG C 116 -14.98 19.26 4.76
CA ARG C 116 -15.78 20.31 5.37
C ARG C 116 -16.57 19.51 6.38
N TRP C 117 -16.21 19.61 7.66
CA TRP C 117 -16.88 18.84 8.70
C TRP C 117 -17.70 19.71 9.64
N LEU C 118 -19.02 19.70 9.47
CA LEU C 118 -19.90 20.50 10.33
C LEU C 118 -19.70 20.16 11.80
N GLY C 119 -19.41 21.18 12.61
CA GLY C 119 -19.22 20.95 14.03
C GLY C 119 -17.77 20.66 14.39
N ILE C 120 -16.91 20.63 13.38
CA ILE C 120 -15.49 20.37 13.60
C ILE C 120 -14.63 21.50 13.04
N ASN C 121 -14.78 21.79 11.75
CA ASN C 121 -14.00 22.87 11.13
C ASN C 121 -14.96 23.82 10.41
N PHE C 122 -16.24 23.67 10.70
CA PHE C 122 -17.28 24.50 10.12
C PHE C 122 -18.35 24.60 11.19
N ASP C 123 -19.08 25.71 11.25
CA ASP C 123 -20.10 25.87 12.28
C ASP C 123 -21.11 24.73 12.32
N GLY C 124 -21.32 24.21 13.53
CA GLY C 124 -22.24 23.10 13.73
C GLY C 124 -23.62 23.43 14.27
N ALA C 125 -24.21 22.43 14.93
CA ALA C 125 -25.56 22.55 15.46
C ALA C 125 -25.71 23.07 16.89
N TYR C 126 -24.62 23.47 17.53
CA TYR C 126 -24.73 24.02 18.90
C TYR C 126 -25.25 25.44 18.77
N ALA C 127 -26.38 25.59 18.08
CA ALA C 127 -26.98 26.90 17.86
C ALA C 127 -28.44 26.74 17.45
N GLU C 128 -29.12 27.87 17.30
CA GLU C 128 -30.53 27.85 16.92
C GLU C 128 -30.70 27.51 15.44
N TYR C 129 -29.70 27.88 14.63
CA TYR C 129 -29.75 27.61 13.20
C TYR C 129 -28.39 27.14 12.71
N VAL C 130 -28.39 26.38 11.63
CA VAL C 130 -27.15 25.88 11.07
C VAL C 130 -27.27 25.74 9.56
N ILE C 131 -26.18 26.05 8.86
CA ILE C 131 -26.14 25.99 7.41
C ILE C 131 -25.54 24.67 6.93
N VAL C 132 -26.24 24.01 6.02
CA VAL C 132 -25.74 22.77 5.44
C VAL C 132 -25.24 23.20 4.06
N PRO C 133 -23.93 23.10 3.83
CA PRO C 133 -23.30 23.48 2.55
C PRO C 133 -24.05 23.05 1.30
N HIS C 134 -24.49 21.79 1.28
CA HIS C 134 -25.21 21.26 0.13
C HIS C 134 -26.34 20.37 0.61
N TYR C 135 -27.51 20.53 0.00
CA TYR C 135 -28.68 19.74 0.37
C TYR C 135 -28.55 18.23 0.20
N LYS C 136 -27.60 17.79 -0.62
CA LYS C 136 -27.44 16.35 -0.84
C LYS C 136 -27.04 15.59 0.42
N TYR C 137 -26.54 16.30 1.41
CA TYR C 137 -26.12 15.67 2.65
C TYR C 137 -27.23 15.49 3.67
N MET C 138 -28.46 15.81 3.27
CA MET C 138 -29.60 15.69 4.17
C MET C 138 -30.39 14.41 3.91
N TYR C 139 -31.27 14.08 4.86
CA TYR C 139 -32.13 12.92 4.74
C TYR C 139 -33.48 13.26 5.38
N LYS C 140 -34.52 13.25 4.57
CA LYS C 140 -35.87 13.57 5.05
C LYS C 140 -36.37 12.55 6.05
N LEU C 141 -36.76 13.03 7.22
CA LEU C 141 -37.29 12.16 8.27
C LEU C 141 -38.79 12.00 8.08
N ARG C 142 -39.28 10.77 8.21
CA ARG C 142 -40.70 10.51 8.06
C ARG C 142 -41.25 9.78 9.27
N ARG C 143 -40.41 8.92 9.87
CA ARG C 143 -40.81 8.14 11.03
C ARG C 143 -40.14 8.66 12.30
N LEU C 144 -38.88 9.04 12.18
CA LEU C 144 -38.11 9.54 13.30
C LEU C 144 -38.30 11.03 13.54
N ASN C 145 -38.06 11.46 14.78
CA ASN C 145 -38.13 12.88 15.10
C ASN C 145 -36.67 13.32 15.23
N ALA C 146 -36.44 14.62 15.30
CA ALA C 146 -35.08 15.14 15.39
C ALA C 146 -34.22 14.50 16.46
N VAL C 147 -34.76 14.36 17.66
CA VAL C 147 -34.03 13.76 18.77
C VAL C 147 -33.57 12.34 18.48
N GLU C 148 -34.46 11.55 17.90
CA GLU C 148 -34.17 10.16 17.56
C GLU C 148 -33.11 10.02 16.47
N ALA C 149 -33.14 10.94 15.50
CA ALA C 149 -32.23 10.93 14.35
C ALA C 149 -30.83 11.52 14.55
N ALA C 150 -30.73 12.65 15.23
CA ALA C 150 -29.45 13.30 15.45
C ALA C 150 -28.26 12.36 15.72
N PRO C 151 -28.40 11.46 16.70
CA PRO C 151 -27.33 10.51 17.06
C PRO C 151 -26.91 9.60 15.91
N LEU C 152 -27.84 9.29 15.02
CA LEU C 152 -27.58 8.40 13.90
C LEU C 152 -26.58 8.98 12.90
N THR C 153 -26.51 10.30 12.84
CA THR C 153 -25.62 10.99 11.93
C THR C 153 -24.15 10.79 12.31
N CYS C 154 -23.94 10.22 13.48
CA CYS C 154 -22.60 9.98 13.99
C CYS C 154 -22.39 8.50 14.36
N SER C 155 -22.97 8.09 15.48
CA SER C 155 -22.87 6.70 15.94
C SER C 155 -23.50 5.73 14.94
N GLY C 156 -24.59 6.16 14.32
CA GLY C 156 -25.28 5.31 13.35
C GLY C 156 -24.40 5.01 12.15
N ILE C 157 -23.86 6.06 11.54
CA ILE C 157 -22.98 5.91 10.39
C ILE C 157 -21.74 5.08 10.74
N THR C 158 -21.11 5.44 11.86
CA THR C 158 -19.91 4.74 12.31
C THR C 158 -20.14 3.24 12.44
N THR C 159 -21.17 2.89 13.20
CA THR C 159 -21.53 1.51 13.45
C THR C 159 -21.97 0.75 12.19
N TYR C 160 -22.70 1.43 11.30
CA TYR C 160 -23.15 0.79 10.06
C TYR C 160 -21.95 0.38 9.22
N ARG C 161 -20.96 1.26 9.12
CA ARG C 161 -19.77 0.97 8.34
C ARG C 161 -18.92 -0.12 9.01
N ALA C 162 -18.85 -0.08 10.34
CA ALA C 162 -18.07 -1.11 11.04
C ALA C 162 -18.67 -2.49 10.76
N VAL C 163 -19.99 -2.58 10.74
CA VAL C 163 -20.62 -3.87 10.48
C VAL C 163 -20.28 -4.33 9.06
N ARG C 164 -20.33 -3.42 8.09
CA ARG C 164 -20.00 -3.80 6.72
C ARG C 164 -18.57 -4.32 6.63
N LYS C 165 -17.65 -3.66 7.33
CA LYS C 165 -16.26 -4.09 7.29
C LYS C 165 -16.04 -5.47 7.92
N ALA C 166 -16.99 -5.92 8.72
CA ALA C 166 -16.87 -7.22 9.37
C ALA C 166 -17.06 -8.36 8.37
N SER C 167 -17.56 -8.01 7.18
CA SER C 167 -17.78 -9.00 6.12
C SER C 167 -18.55 -10.21 6.61
N LEU C 168 -19.74 -9.97 7.16
CA LEU C 168 -20.56 -11.03 7.70
C LEU C 168 -21.48 -11.73 6.69
N ASP C 169 -21.87 -12.96 7.03
CA ASP C 169 -22.79 -13.75 6.23
C ASP C 169 -23.43 -14.75 7.19
N PRO C 170 -24.49 -15.45 6.75
CA PRO C 170 -25.15 -16.43 7.63
C PRO C 170 -24.30 -17.57 8.22
N THR C 171 -23.17 -17.88 7.61
CA THR C 171 -22.35 -18.97 8.16
C THR C 171 -21.30 -18.47 9.14
N LYS C 172 -21.30 -17.17 9.44
CA LYS C 172 -20.32 -16.62 10.35
C LYS C 172 -20.85 -16.18 11.70
N THR C 173 -19.93 -15.98 12.63
CA THR C 173 -20.28 -15.51 13.97
C THR C 173 -19.49 -14.25 14.30
N LEU C 174 -20.21 -13.27 14.81
CA LEU C 174 -19.65 -11.97 15.17
C LEU C 174 -19.58 -11.76 16.68
N LEU C 175 -18.49 -11.16 17.13
CA LEU C 175 -18.33 -10.83 18.54
C LEU C 175 -18.36 -9.30 18.61
N VAL C 176 -19.26 -8.75 19.41
CA VAL C 176 -19.31 -7.31 19.56
C VAL C 176 -18.82 -7.05 20.99
N VAL C 177 -17.72 -6.31 21.11
CA VAL C 177 -17.12 -5.99 22.41
C VAL C 177 -17.80 -4.75 22.97
N GLY C 178 -18.19 -4.82 24.24
CA GLY C 178 -18.90 -3.70 24.86
C GLY C 178 -20.24 -3.63 24.17
N ALA C 179 -20.87 -4.79 23.97
CA ALA C 179 -22.16 -4.88 23.28
C ALA C 179 -23.37 -4.28 24.00
N GLY C 180 -23.22 -3.93 25.28
CA GLY C 180 -24.35 -3.38 26.02
C GLY C 180 -24.34 -1.86 26.07
N GLY C 181 -23.29 -1.27 25.54
CA GLY C 181 -23.20 0.18 25.53
C GLY C 181 -24.03 0.78 24.41
N GLY C 182 -24.00 2.10 24.32
CA GLY C 182 -24.75 2.81 23.28
C GLY C 182 -24.34 2.39 21.88
N LEU C 183 -23.04 2.41 21.60
CA LEU C 183 -22.55 2.00 20.29
C LEU C 183 -22.70 0.50 20.11
N GLY C 184 -22.48 -0.25 21.18
CA GLY C 184 -22.59 -1.71 21.11
C GLY C 184 -23.96 -2.21 20.75
N THR C 185 -24.99 -1.66 21.39
CA THR C 185 -26.35 -2.10 21.11
C THR C 185 -26.72 -1.74 19.67
N MET C 186 -26.21 -0.61 19.20
CA MET C 186 -26.50 -0.18 17.83
C MET C 186 -25.81 -1.14 16.86
N ALA C 187 -24.58 -1.54 17.17
CA ALA C 187 -23.87 -2.46 16.30
C ALA C 187 -24.55 -3.82 16.29
N VAL C 188 -25.06 -4.25 17.44
CA VAL C 188 -25.74 -5.53 17.54
C VAL C 188 -27.00 -5.51 16.69
N GLN C 189 -27.77 -4.43 16.82
CA GLN C 189 -29.01 -4.26 16.08
C GLN C 189 -28.77 -4.27 14.58
N ILE C 190 -27.77 -3.51 14.14
CA ILE C 190 -27.46 -3.45 12.72
C ILE C 190 -27.01 -4.80 12.19
N ALA C 191 -26.11 -5.45 12.90
CA ALA C 191 -25.64 -6.77 12.45
C ALA C 191 -26.82 -7.73 12.42
N LYS C 192 -27.73 -7.59 13.36
CA LYS C 192 -28.90 -8.45 13.42
C LYS C 192 -29.82 -8.20 12.21
N ALA C 193 -29.97 -6.92 11.86
CA ALA C 193 -30.84 -6.56 10.76
C ALA C 193 -30.25 -6.69 9.35
N VAL C 194 -28.93 -6.72 9.23
CA VAL C 194 -28.35 -6.79 7.90
C VAL C 194 -27.48 -7.97 7.50
N SER C 195 -27.14 -8.87 8.42
CA SER C 195 -26.23 -9.96 8.05
C SER C 195 -26.68 -11.42 8.12
N GLY C 196 -27.47 -11.76 9.14
CA GLY C 196 -27.88 -13.15 9.28
C GLY C 196 -26.85 -13.92 10.09
N ALA C 197 -25.78 -13.24 10.51
CA ALA C 197 -24.73 -13.91 11.28
C ALA C 197 -25.14 -14.15 12.72
N THR C 198 -24.49 -15.12 13.37
CA THR C 198 -24.76 -15.39 14.78
C THR C 198 -24.01 -14.30 15.51
N ILE C 199 -24.63 -13.72 16.54
CA ILE C 199 -24.02 -12.62 17.28
C ILE C 199 -23.72 -12.93 18.75
N ILE C 200 -22.48 -12.71 19.15
CA ILE C 200 -22.06 -12.90 20.53
C ILE C 200 -21.78 -11.51 21.08
N GLY C 201 -22.42 -11.16 22.18
CA GLY C 201 -22.17 -9.85 22.75
C GLY C 201 -21.46 -9.98 24.10
N VAL C 202 -20.45 -9.13 24.32
CA VAL C 202 -19.70 -9.14 25.58
C VAL C 202 -19.55 -7.71 26.13
N ASP C 203 -19.66 -7.51 27.45
CA ASP C 203 -19.46 -6.18 28.04
C ASP C 203 -18.94 -6.37 29.46
N VAL C 204 -18.84 -5.29 30.23
CA VAL C 204 -18.27 -5.41 31.57
C VAL C 204 -19.15 -5.15 32.80
N ARG C 205 -20.46 -5.01 32.62
CA ARG C 205 -21.35 -4.83 33.75
C ARG C 205 -22.71 -5.40 33.35
N GLU C 206 -23.40 -6.03 34.30
CA GLU C 206 -24.68 -6.66 34.02
C GLU C 206 -25.73 -5.85 33.27
N GLU C 207 -25.88 -4.57 33.59
CA GLU C 207 -26.86 -3.75 32.89
C GLU C 207 -26.52 -3.68 31.41
N ALA C 208 -25.21 -3.65 31.11
CA ALA C 208 -24.74 -3.58 29.74
C ALA C 208 -24.98 -4.91 29.03
N VAL C 209 -24.71 -6.00 29.74
CA VAL C 209 -24.91 -7.35 29.20
C VAL C 209 -26.38 -7.62 28.81
N GLU C 210 -27.31 -7.40 29.73
CA GLU C 210 -28.74 -7.60 29.51
C GLU C 210 -29.22 -6.74 28.33
N ALA C 211 -28.62 -5.57 28.21
CA ALA C 211 -28.97 -4.65 27.12
C ALA C 211 -28.54 -5.25 25.78
N ALA C 212 -27.45 -6.00 25.80
CA ALA C 212 -26.94 -6.62 24.59
C ALA C 212 -27.92 -7.69 24.13
N LYS C 213 -28.52 -8.40 25.09
CA LYS C 213 -29.47 -9.45 24.77
C LYS C 213 -30.71 -8.81 24.14
N ARG C 214 -31.21 -7.74 24.77
CA ARG C 214 -32.37 -7.02 24.27
C ARG C 214 -32.11 -6.48 22.87
N ALA C 215 -30.86 -6.16 22.59
CA ALA C 215 -30.48 -5.64 21.28
C ALA C 215 -30.52 -6.70 20.20
N GLY C 216 -30.50 -7.97 20.60
CA GLY C 216 -30.56 -9.04 19.61
C GLY C 216 -29.44 -10.05 19.61
N ALA C 217 -28.47 -9.92 20.51
CA ALA C 217 -27.37 -10.88 20.53
C ALA C 217 -27.88 -12.27 20.86
N ASP C 218 -27.43 -13.27 20.09
CA ASP C 218 -27.84 -14.66 20.30
C ASP C 218 -27.21 -15.22 21.56
N TYR C 219 -26.04 -14.69 21.90
CA TYR C 219 -25.30 -15.11 23.10
C TYR C 219 -24.70 -13.89 23.75
N VAL C 220 -24.58 -13.89 25.07
CA VAL C 220 -23.97 -12.76 25.76
C VAL C 220 -23.00 -13.17 26.88
N ILE C 221 -22.07 -12.26 27.20
CA ILE C 221 -21.01 -12.48 28.20
C ILE C 221 -20.56 -11.26 29.03
N ASN C 222 -20.34 -11.47 30.32
CA ASN C 222 -19.86 -10.40 31.23
C ASN C 222 -18.38 -10.66 31.50
N ALA C 223 -17.53 -9.96 30.77
CA ALA C 223 -16.07 -10.14 30.88
C ALA C 223 -15.43 -9.83 32.23
N SER C 224 -16.11 -9.06 33.07
CA SER C 224 -15.56 -8.71 34.37
C SER C 224 -15.87 -9.81 35.39
N MET C 225 -16.78 -10.70 35.00
CA MET C 225 -17.24 -11.78 35.86
C MET C 225 -16.73 -13.16 35.45
N GLN C 226 -16.39 -13.32 34.17
CA GLN C 226 -15.91 -14.60 33.65
C GLN C 226 -14.90 -14.40 32.52
N ASP C 227 -14.12 -15.44 32.22
CA ASP C 227 -13.12 -15.37 31.15
C ASP C 227 -13.83 -15.44 29.80
N PRO C 228 -13.84 -14.33 29.06
CA PRO C 228 -14.48 -14.24 27.75
C PRO C 228 -14.00 -15.28 26.73
N LEU C 229 -12.69 -15.50 26.69
CA LEU C 229 -12.12 -16.44 25.73
C LEU C 229 -12.62 -17.89 25.78
N ALA C 230 -12.88 -18.42 26.97
CA ALA C 230 -13.37 -19.81 27.10
C ALA C 230 -14.80 -19.97 26.60
N GLU C 231 -15.65 -19.00 26.94
CA GLU C 231 -17.05 -19.00 26.52
C GLU C 231 -17.19 -18.97 25.00
N ILE C 232 -16.43 -18.09 24.38
CA ILE C 232 -16.45 -17.94 22.93
C ILE C 232 -16.06 -19.26 22.29
N ARG C 233 -15.02 -19.87 22.85
CA ARG C 233 -14.51 -21.16 22.39
C ARG C 233 -15.64 -22.20 22.39
N ARG C 234 -16.36 -22.25 23.50
CA ARG C 234 -17.48 -23.18 23.67
C ARG C 234 -18.56 -22.96 22.62
N ILE C 235 -19.04 -21.72 22.56
CA ILE C 235 -20.09 -21.31 21.63
C ILE C 235 -19.75 -21.61 20.18
N THR C 236 -18.51 -21.31 19.80
CA THR C 236 -18.01 -21.50 18.43
C THR C 236 -17.39 -22.88 18.22
N GLU C 237 -17.49 -23.71 19.26
CA GLU C 237 -16.93 -25.06 19.24
C GLU C 237 -15.49 -25.06 18.77
N SER C 238 -14.74 -24.16 19.43
CA SER C 238 -13.32 -23.93 19.24
C SER C 238 -12.88 -23.28 17.93
N LYS C 239 -13.82 -22.93 17.06
CA LYS C 239 -13.47 -22.30 15.79
C LYS C 239 -13.04 -20.84 16.00
N GLY C 240 -13.71 -20.18 16.95
CA GLY C 240 -13.42 -18.78 17.22
C GLY C 240 -14.42 -17.98 16.41
N VAL C 241 -14.36 -16.65 16.48
CA VAL C 241 -15.29 -15.80 15.75
C VAL C 241 -14.71 -15.31 14.41
N ASP C 242 -15.59 -15.11 13.45
CA ASP C 242 -15.17 -14.68 12.12
C ASP C 242 -14.93 -13.18 12.03
N ALA C 243 -15.44 -12.46 13.02
CA ALA C 243 -15.25 -11.03 13.08
C ALA C 243 -15.46 -10.53 14.49
N VAL C 244 -14.76 -9.45 14.81
CA VAL C 244 -14.90 -8.80 16.10
C VAL C 244 -15.06 -7.33 15.80
N ILE C 245 -16.04 -6.69 16.42
CA ILE C 245 -16.18 -5.27 16.26
C ILE C 245 -15.93 -4.73 17.66
N ASP C 246 -14.80 -4.04 17.80
CA ASP C 246 -14.34 -3.48 19.07
C ASP C 246 -14.60 -1.98 19.05
N LEU C 247 -15.75 -1.59 19.61
CA LEU C 247 -16.19 -0.20 19.67
C LEU C 247 -15.53 0.49 20.86
N ASN C 248 -14.84 1.59 20.61
CA ASN C 248 -14.15 2.30 21.67
C ASN C 248 -13.19 1.31 22.34
N TYR C 249 -12.27 0.77 21.53
CA TYR C 249 -11.30 -0.20 22.00
C TYR C 249 -10.45 0.38 23.15
N SER C 250 -9.80 -0.49 23.90
CA SER C 250 -8.95 -0.05 25.01
C SER C 250 -7.72 -0.93 24.97
N GLU C 251 -6.76 -0.63 25.84
CA GLU C 251 -5.54 -1.43 25.88
C GLU C 251 -5.90 -2.87 26.26
N LYS C 252 -6.91 -3.02 27.11
CA LYS C 252 -7.34 -4.35 27.54
C LYS C 252 -7.96 -5.15 26.41
N THR C 253 -8.97 -4.59 25.76
CA THR C 253 -9.66 -5.29 24.68
C THR C 253 -8.72 -5.74 23.58
N LEU C 254 -7.82 -4.86 23.14
CA LEU C 254 -6.89 -5.21 22.07
C LEU C 254 -5.93 -6.32 22.45
N SER C 255 -5.66 -6.49 23.75
CA SER C 255 -4.75 -7.55 24.15
C SER C 255 -5.48 -8.87 24.37
N VAL C 256 -6.80 -8.82 24.51
CA VAL C 256 -7.57 -10.02 24.75
C VAL C 256 -8.34 -10.61 23.57
N TYR C 257 -9.26 -9.84 23.02
CA TYR C 257 -10.12 -10.33 21.95
C TYR C 257 -9.52 -10.80 20.65
N PRO C 258 -8.34 -10.29 20.25
CA PRO C 258 -7.87 -10.85 18.98
C PRO C 258 -7.63 -12.36 19.13
N LYS C 259 -7.46 -12.83 20.37
CA LYS C 259 -7.24 -14.24 20.60
C LYS C 259 -8.48 -15.07 20.29
N ALA C 260 -9.64 -14.43 20.22
CA ALA C 260 -10.89 -15.13 19.93
C ALA C 260 -11.16 -15.28 18.43
N LEU C 261 -10.32 -14.65 17.61
CA LEU C 261 -10.48 -14.71 16.16
C LEU C 261 -10.29 -16.09 15.55
N ALA C 262 -11.16 -16.42 14.60
CA ALA C 262 -11.06 -17.69 13.89
C ALA C 262 -10.13 -17.43 12.71
N LYS C 263 -9.77 -18.47 11.97
CA LYS C 263 -8.92 -18.29 10.80
C LYS C 263 -9.71 -17.40 9.84
N GLN C 264 -9.04 -16.45 9.20
CA GLN C 264 -9.64 -15.47 8.29
C GLN C 264 -10.52 -14.46 9.05
N GLY C 265 -10.41 -14.43 10.37
CA GLY C 265 -11.19 -13.50 11.16
C GLY C 265 -10.78 -12.05 10.95
N LYS C 266 -11.75 -11.15 11.02
CA LYS C 266 -11.48 -9.73 10.84
C LYS C 266 -11.75 -9.00 12.14
N TYR C 267 -10.75 -8.27 12.60
CA TYR C 267 -10.85 -7.52 13.84
C TYR C 267 -11.07 -6.06 13.47
N VAL C 268 -12.30 -5.58 13.61
CA VAL C 268 -12.63 -4.20 13.28
C VAL C 268 -12.54 -3.34 14.54
N MET C 269 -11.58 -2.42 14.52
CA MET C 269 -11.33 -1.52 15.64
C MET C 269 -11.95 -0.16 15.33
N VAL C 270 -12.68 0.39 16.31
CA VAL C 270 -13.34 1.67 16.16
C VAL C 270 -13.03 2.51 17.40
N GLY C 271 -12.54 3.74 17.19
CA GLY C 271 -12.24 4.59 18.32
C GLY C 271 -10.99 5.44 18.17
N LEU C 272 -10.66 6.18 19.22
CA LEU C 272 -9.49 7.04 19.22
C LEU C 272 -8.65 6.97 20.48
N PHE C 273 -8.88 5.96 21.31
CA PHE C 273 -8.11 5.85 22.55
C PHE C 273 -6.63 5.67 22.30
N GLY C 274 -5.82 6.31 23.14
CA GLY C 274 -4.38 6.23 23.02
C GLY C 274 -3.80 4.90 23.46
N ALA C 275 -3.87 3.91 22.58
CA ALA C 275 -3.34 2.57 22.85
C ALA C 275 -2.77 2.01 21.56
N ASP C 276 -1.87 1.04 21.70
CA ASP C 276 -1.24 0.43 20.53
C ASP C 276 -1.72 -0.99 20.31
N LEU C 277 -1.72 -1.40 19.04
CA LEU C 277 -2.09 -2.75 18.67
C LEU C 277 -0.80 -3.53 18.73
N HIS C 278 -0.78 -4.63 19.47
CA HIS C 278 0.40 -5.46 19.57
C HIS C 278 0.00 -6.91 19.36
N TYR C 279 0.52 -7.51 18.29
CA TYR C 279 0.19 -8.90 17.99
C TYR C 279 1.32 -9.62 17.27
N HIS C 280 1.54 -10.89 17.64
CA HIS C 280 2.59 -11.70 17.04
C HIS C 280 2.34 -11.93 15.55
N ALA C 281 3.23 -11.44 14.71
CA ALA C 281 3.09 -11.56 13.25
C ALA C 281 2.79 -12.96 12.74
N PRO C 282 3.55 -13.97 13.20
CA PRO C 282 3.24 -15.31 12.68
C PRO C 282 1.78 -15.74 12.88
N LEU C 283 1.16 -15.28 13.95
CA LEU C 283 -0.24 -15.63 14.19
C LEU C 283 -1.11 -15.01 13.11
N ILE C 284 -0.70 -13.85 12.61
CA ILE C 284 -1.48 -13.16 11.58
C ILE C 284 -1.41 -13.87 10.24
N THR C 285 -0.21 -14.28 9.84
CA THR C 285 -0.04 -14.94 8.56
C THR C 285 -0.60 -16.34 8.56
N LEU C 286 -0.36 -17.10 9.63
CA LEU C 286 -0.87 -18.46 9.71
C LEU C 286 -2.37 -18.55 9.64
N SER C 287 -3.07 -17.57 10.21
CA SER C 287 -4.51 -17.63 10.20
C SER C 287 -5.18 -16.70 9.21
N GLU C 288 -4.37 -15.93 8.47
CA GLU C 288 -4.93 -14.98 7.51
C GLU C 288 -5.87 -14.00 8.20
N ILE C 289 -5.58 -13.62 9.44
CA ILE C 289 -6.49 -12.67 10.08
C ILE C 289 -6.20 -11.26 9.59
N GLN C 290 -7.13 -10.35 9.86
CA GLN C 290 -6.98 -8.98 9.44
C GLN C 290 -7.39 -8.05 10.58
N PHE C 291 -6.64 -6.96 10.72
CA PHE C 291 -6.95 -5.95 11.71
C PHE C 291 -7.32 -4.76 10.82
N VAL C 292 -8.52 -4.22 11.00
CA VAL C 292 -8.96 -3.10 10.17
C VAL C 292 -9.57 -1.99 11.01
N GLY C 293 -9.24 -0.76 10.67
CA GLY C 293 -9.77 0.38 11.41
C GLY C 293 -10.94 1.04 10.71
N SER C 294 -11.78 1.71 11.49
CA SER C 294 -12.94 2.39 10.96
C SER C 294 -13.27 3.50 11.97
N LEU C 295 -13.89 4.59 11.52
CA LEU C 295 -14.20 5.68 12.44
C LEU C 295 -15.50 6.39 12.10
N VAL C 296 -15.68 6.77 10.84
CA VAL C 296 -16.89 7.47 10.43
C VAL C 296 -17.57 6.77 9.25
N GLY C 297 -17.98 7.52 8.24
CA GLY C 297 -18.65 6.90 7.10
C GLY C 297 -19.06 7.87 6.01
N ASN C 298 -19.45 7.33 4.86
CA ASN C 298 -19.82 8.16 3.70
C ASN C 298 -21.33 8.27 3.47
N GLN C 299 -21.69 8.82 2.31
CA GLN C 299 -23.09 9.01 1.95
C GLN C 299 -23.85 7.69 1.86
N SER C 300 -23.15 6.64 1.44
CA SER C 300 -23.76 5.34 1.32
C SER C 300 -24.05 4.74 2.71
N ASP C 301 -23.16 4.98 3.66
CA ASP C 301 -23.39 4.47 5.01
C ASP C 301 -24.55 5.25 5.67
N PHE C 302 -24.59 6.56 5.43
CA PHE C 302 -25.64 7.41 5.99
C PHE C 302 -26.98 6.95 5.43
N LEU C 303 -27.00 6.70 4.13
CA LEU C 303 -28.21 6.25 3.45
C LEU C 303 -28.70 4.93 4.06
N GLY C 304 -27.74 4.02 4.30
CA GLY C 304 -28.09 2.72 4.86
C GLY C 304 -28.68 2.78 6.26
N ILE C 305 -28.02 3.48 7.18
CA ILE C 305 -28.52 3.54 8.54
C ILE C 305 -29.85 4.27 8.65
N MET C 306 -30.01 5.33 7.86
CA MET C 306 -31.26 6.08 7.88
C MET C 306 -32.41 5.20 7.37
N ARG C 307 -32.14 4.44 6.30
CA ARG C 307 -33.13 3.56 5.73
C ARG C 307 -33.60 2.55 6.77
N LEU C 308 -32.64 1.97 7.50
CA LEU C 308 -32.95 0.99 8.53
C LEU C 308 -33.73 1.60 9.71
N ALA C 309 -33.26 2.74 10.20
CA ALA C 309 -33.91 3.41 11.34
C ALA C 309 -35.33 3.85 10.97
N GLU C 310 -35.47 4.49 9.80
CA GLU C 310 -36.78 4.96 9.35
C GLU C 310 -37.76 3.81 9.17
N ALA C 311 -37.23 2.60 8.99
CA ALA C 311 -38.07 1.43 8.83
C ALA C 311 -38.26 0.70 10.16
N GLY C 312 -37.69 1.25 11.22
CA GLY C 312 -37.81 0.63 12.54
C GLY C 312 -36.96 -0.62 12.73
N LYS C 313 -36.15 -0.95 11.73
CA LYS C 313 -35.28 -2.13 11.82
C LYS C 313 -34.14 -1.95 12.83
N VAL C 314 -33.90 -0.70 13.23
CA VAL C 314 -32.88 -0.39 14.22
C VAL C 314 -33.46 0.75 15.03
N LYS C 315 -33.48 0.60 16.35
CA LYS C 315 -34.07 1.63 17.20
C LYS C 315 -33.09 2.74 17.56
N PRO C 316 -33.62 3.93 17.88
CA PRO C 316 -32.83 5.11 18.26
C PRO C 316 -32.07 4.82 19.55
N MET C 317 -31.04 5.61 19.83
CA MET C 317 -30.25 5.42 21.04
C MET C 317 -30.99 5.97 22.25
N ILE C 318 -30.68 5.44 23.42
CA ILE C 318 -31.29 5.93 24.65
C ILE C 318 -30.72 7.34 24.75
N THR C 319 -31.61 8.33 24.84
CA THR C 319 -31.17 9.72 24.89
C THR C 319 -31.60 10.54 26.10
N LYS C 320 -30.82 11.58 26.40
CA LYS C 320 -31.11 12.49 27.49
C LYS C 320 -31.04 13.88 26.91
N THR C 321 -32.20 14.53 26.81
CA THR C 321 -32.30 15.87 26.26
C THR C 321 -31.86 16.94 27.26
N MET C 322 -31.24 18.00 26.75
CA MET C 322 -30.75 19.09 27.59
C MET C 322 -30.84 20.40 26.83
N LYS C 323 -30.45 21.50 27.48
CA LYS C 323 -30.51 22.81 26.85
C LYS C 323 -29.19 23.18 26.18
N LEU C 324 -29.26 24.05 25.18
CA LEU C 324 -28.07 24.48 24.46
C LEU C 324 -27.02 25.05 25.41
N GLU C 325 -27.48 25.75 26.44
CA GLU C 325 -26.61 26.37 27.44
C GLU C 325 -25.81 25.34 28.22
N GLU C 326 -26.32 24.12 28.28
CA GLU C 326 -25.68 23.02 29.02
C GLU C 326 -24.61 22.30 28.20
N ALA C 327 -24.23 22.88 27.06
CA ALA C 327 -23.21 22.27 26.21
C ALA C 327 -21.96 21.88 27.00
N ASN C 328 -21.36 22.86 27.67
CA ASN C 328 -20.16 22.63 28.47
C ASN C 328 -20.37 21.50 29.47
N GLU C 329 -21.53 21.53 30.12
CA GLU C 329 -21.90 20.53 31.10
C GLU C 329 -21.90 19.15 30.47
N ALA C 330 -22.63 19.01 29.38
CA ALA C 330 -22.72 17.74 28.67
C ALA C 330 -21.34 17.22 28.33
N ILE C 331 -20.48 18.09 27.80
CA ILE C 331 -19.12 17.70 27.45
C ILE C 331 -18.35 17.29 28.71
N ASP C 332 -18.65 17.94 29.83
CA ASP C 332 -18.00 17.62 31.10
C ASP C 332 -18.27 16.18 31.47
N ASN C 333 -19.56 15.80 31.43
CA ASN C 333 -19.99 14.44 31.76
C ASN C 333 -19.39 13.43 30.79
N ARG C 342 -27.31 8.81 25.29
CA ARG C 342 -26.90 9.84 24.34
C ARG C 342 -27.56 11.17 24.69
N GLN C 343 -26.73 12.17 25.01
CA GLN C 343 -27.25 13.47 25.37
C GLN C 343 -27.55 14.31 24.13
N VAL C 344 -28.79 14.73 23.99
CA VAL C 344 -29.23 15.54 22.86
C VAL C 344 -29.66 16.94 23.31
N LEU C 345 -28.91 17.95 22.88
CA LEU C 345 -29.23 19.33 23.22
C LEU C 345 -30.42 19.78 22.37
N ILE C 346 -31.26 20.64 22.92
CA ILE C 346 -32.41 21.13 22.19
C ILE C 346 -32.58 22.64 22.34
N PRO C 347 -32.20 23.41 21.30
CA PRO C 347 -32.30 24.86 21.31
C PRO C 347 -33.71 25.35 21.69
N MET D 1 12.87 -47.43 -3.66
CA MET D 1 13.32 -46.08 -4.13
C MET D 1 14.02 -45.34 -3.01
N ARG D 2 14.83 -44.37 -3.39
CA ARG D 2 15.54 -43.55 -2.42
C ARG D 2 14.57 -42.49 -1.93
N ALA D 3 14.80 -41.98 -0.73
CA ALA D 3 13.94 -40.95 -0.16
C ALA D 3 14.59 -40.38 1.08
N VAL D 4 14.69 -39.05 1.13
CA VAL D 4 15.27 -38.35 2.27
C VAL D 4 14.11 -37.96 3.16
N ARG D 5 14.03 -38.57 4.34
CA ARG D 5 12.94 -38.32 5.26
C ARG D 5 13.37 -37.70 6.59
N LEU D 6 12.40 -37.30 7.40
CA LEU D 6 12.66 -36.70 8.70
C LEU D 6 12.64 -37.78 9.78
N LEU D 13 18.11 -34.85 8.35
CA LEU D 13 17.30 -35.76 7.53
C LEU D 13 18.10 -37.00 7.17
N SER D 14 17.40 -38.12 6.98
CA SER D 14 18.05 -39.38 6.64
C SER D 14 17.62 -39.96 5.31
N LEU D 15 18.59 -40.47 4.56
CA LEU D 15 18.33 -41.09 3.27
C LEU D 15 18.00 -42.56 3.47
N GLN D 16 16.76 -42.92 3.18
CA GLN D 16 16.31 -44.31 3.34
C GLN D 16 16.07 -44.97 2.00
N GLU D 17 15.74 -46.25 2.04
CA GLU D 17 15.46 -47.02 0.84
C GLU D 17 14.11 -47.70 1.04
N ILE D 18 13.04 -46.95 0.80
CA ILE D 18 11.69 -47.47 0.98
C ILE D 18 11.09 -47.96 -0.34
N GLY D 19 9.92 -48.59 -0.25
CA GLY D 19 9.27 -49.10 -1.44
C GLY D 19 8.48 -48.05 -2.19
N VAL D 20 8.21 -48.32 -3.47
CA VAL D 20 7.46 -47.40 -4.31
C VAL D 20 5.95 -47.67 -4.18
N PRO D 21 5.20 -46.73 -3.59
CA PRO D 21 3.76 -46.92 -3.41
C PRO D 21 3.06 -47.21 -4.74
N LYS D 22 1.90 -47.86 -4.64
CA LYS D 22 1.11 -48.20 -5.83
C LYS D 22 -0.15 -47.34 -5.83
N PRO D 23 -0.32 -46.51 -6.86
CA PRO D 23 -1.49 -45.63 -6.96
C PRO D 23 -2.82 -46.37 -7.12
N LYS D 24 -3.78 -46.04 -6.25
CA LYS D 24 -5.09 -46.66 -6.31
C LYS D 24 -6.19 -45.58 -6.37
N GLY D 25 -7.24 -45.85 -7.14
CA GLY D 25 -8.34 -44.92 -7.25
C GLY D 25 -7.98 -43.62 -7.96
N PRO D 26 -8.19 -42.48 -7.31
CA PRO D 26 -7.86 -41.18 -7.94
C PRO D 26 -6.41 -40.76 -7.73
N GLN D 27 -5.63 -41.61 -7.05
CA GLN D 27 -4.23 -41.29 -6.79
C GLN D 27 -3.41 -41.32 -8.07
N VAL D 28 -2.27 -40.65 -8.01
CA VAL D 28 -1.36 -40.59 -9.14
C VAL D 28 0.06 -40.75 -8.61
N LEU D 29 0.84 -41.60 -9.28
CA LEU D 29 2.23 -41.83 -8.88
C LEU D 29 3.10 -40.99 -9.79
N ILE D 30 3.88 -40.09 -9.22
CA ILE D 30 4.75 -39.23 -10.02
C ILE D 30 6.22 -39.58 -9.88
N LYS D 31 6.92 -39.55 -11.01
CA LYS D 31 8.36 -39.79 -11.02
C LYS D 31 8.93 -38.38 -10.91
N VAL D 32 9.35 -38.02 -9.71
CA VAL D 32 9.90 -36.70 -9.40
C VAL D 32 11.07 -36.25 -10.28
N GLU D 33 10.89 -35.11 -10.95
CA GLU D 33 11.96 -34.57 -11.78
C GLU D 33 12.49 -33.30 -11.14
N ALA D 34 11.76 -32.81 -10.14
CA ALA D 34 12.15 -31.60 -9.43
C ALA D 34 11.48 -31.50 -8.06
N ALA D 35 12.28 -31.30 -7.03
CA ALA D 35 11.78 -31.15 -5.67
C ALA D 35 12.36 -29.85 -5.12
N GLY D 36 11.55 -28.81 -5.09
CA GLY D 36 12.02 -27.54 -4.58
C GLY D 36 12.28 -27.56 -3.09
N VAL D 37 13.17 -26.69 -2.64
CA VAL D 37 13.51 -26.61 -1.22
C VAL D 37 13.37 -25.15 -0.83
N CYS D 38 12.73 -24.87 0.30
CA CYS D 38 12.60 -23.50 0.75
C CYS D 38 12.75 -23.41 2.26
N HIS D 39 12.81 -22.19 2.79
CA HIS D 39 12.99 -22.01 4.22
C HIS D 39 12.01 -22.81 5.08
N SER D 40 10.83 -23.11 4.55
CA SER D 40 9.86 -23.87 5.32
C SER D 40 10.42 -25.24 5.70
N ASP D 41 11.34 -25.76 4.91
CA ASP D 41 11.94 -27.05 5.22
C ASP D 41 12.92 -26.93 6.37
N VAL D 42 13.40 -25.71 6.63
CA VAL D 42 14.32 -25.49 7.73
C VAL D 42 13.52 -25.76 9.01
N HIS D 43 12.28 -25.29 9.03
CA HIS D 43 11.40 -25.46 10.16
C HIS D 43 10.94 -26.91 10.30
N MET D 44 10.63 -27.54 9.17
CA MET D 44 10.20 -28.94 9.19
C MET D 44 11.24 -29.76 9.93
N ARG D 45 12.49 -29.60 9.53
CA ARG D 45 13.60 -30.32 10.14
C ARG D 45 13.94 -29.76 11.53
N ILE D 54 5.13 -29.79 15.17
CA ILE D 54 4.50 -30.28 13.95
C ILE D 54 3.80 -31.61 14.19
N VAL D 55 4.23 -32.31 15.23
CA VAL D 55 3.64 -33.60 15.58
C VAL D 55 2.37 -33.39 16.41
N GLU D 56 2.50 -32.68 17.52
CA GLU D 56 1.36 -32.41 18.40
C GLU D 56 0.30 -31.59 17.67
N ASP D 57 0.73 -30.81 16.69
CA ASP D 57 -0.18 -29.96 15.93
C ASP D 57 -0.71 -30.63 14.67
N LEU D 58 0.01 -30.48 13.57
CA LEU D 58 -0.39 -31.05 12.28
C LEU D 58 -0.48 -32.57 12.30
N GLY D 59 -0.27 -33.17 13.46
CA GLY D 59 -0.35 -34.61 13.57
C GLY D 59 0.62 -35.34 12.66
N VAL D 60 1.86 -34.85 12.61
CA VAL D 60 2.89 -35.45 11.78
C VAL D 60 3.38 -36.76 12.38
N LYS D 61 3.29 -37.84 11.59
CA LYS D 61 3.73 -39.15 12.03
C LYS D 61 5.09 -39.50 11.42
N LEU D 62 6.15 -39.36 12.21
CA LEU D 62 7.49 -39.66 11.73
C LEU D 62 7.70 -41.17 11.60
N PRO D 63 8.54 -41.58 10.64
CA PRO D 63 9.25 -40.67 9.72
C PRO D 63 8.33 -40.17 8.60
N VAL D 64 8.79 -39.16 7.87
CA VAL D 64 8.03 -38.60 6.77
C VAL D 64 8.97 -38.00 5.73
N THR D 65 8.68 -38.26 4.46
CA THR D 65 9.50 -37.73 3.37
C THR D 65 9.11 -36.29 3.09
N LEU D 66 10.09 -35.38 3.17
CA LEU D 66 9.83 -33.97 2.92
C LEU D 66 9.69 -33.67 1.43
N GLY D 67 9.47 -32.40 1.12
CA GLY D 67 9.33 -31.99 -0.26
C GLY D 67 7.91 -31.62 -0.63
N HIS D 68 7.53 -30.37 -0.42
CA HIS D 68 6.18 -29.89 -0.73
C HIS D 68 6.14 -29.10 -2.04
N GLU D 69 7.26 -29.07 -2.77
CA GLU D 69 7.35 -28.37 -4.05
C GLU D 69 7.62 -29.46 -5.09
N ILE D 70 6.54 -29.97 -5.66
CA ILE D 70 6.56 -31.09 -6.59
C ILE D 70 6.26 -30.88 -8.07
N ALA D 71 7.07 -31.51 -8.91
CA ALA D 71 6.91 -31.47 -10.36
C ALA D 71 7.62 -32.72 -10.94
N GLY D 72 6.99 -33.34 -11.93
CA GLY D 72 7.58 -34.52 -12.54
C GLY D 72 6.67 -35.18 -13.57
N LYS D 73 7.07 -36.38 -14.01
CA LYS D 73 6.28 -37.13 -14.99
C LYS D 73 5.41 -38.17 -14.33
N ILE D 74 4.18 -38.31 -14.82
CA ILE D 74 3.28 -39.30 -14.26
C ILE D 74 3.82 -40.70 -14.59
N GLU D 75 4.07 -41.47 -13.54
CA GLU D 75 4.59 -42.83 -13.69
C GLU D 75 3.43 -43.80 -13.84
N GLU D 76 2.40 -43.62 -13.02
CA GLU D 76 1.23 -44.49 -13.05
C GLU D 76 0.02 -43.79 -12.44
N VAL D 77 -1.17 -44.08 -12.99
CA VAL D 77 -2.41 -43.48 -12.50
C VAL D 77 -3.31 -44.54 -11.88
N GLY D 78 -4.03 -44.17 -10.83
CA GLY D 78 -4.91 -45.11 -10.17
C GLY D 78 -6.20 -45.30 -10.94
N GLU D 80 -9.31 -44.69 -11.22
CA GLU D 80 -10.30 -43.62 -11.22
C GLU D 80 -9.79 -42.33 -11.86
N VAL D 81 -8.47 -42.21 -11.98
CA VAL D 81 -7.88 -41.02 -12.58
C VAL D 81 -8.46 -40.74 -13.95
N VAL D 82 -8.79 -39.47 -14.20
CA VAL D 82 -9.35 -39.06 -15.48
C VAL D 82 -8.64 -37.80 -15.98
N GLY D 83 -8.38 -37.75 -17.28
CA GLY D 83 -7.74 -36.58 -17.87
C GLY D 83 -6.23 -36.55 -17.84
N TYR D 84 -5.61 -37.57 -17.25
CA TYR D 84 -4.14 -37.63 -17.19
C TYR D 84 -3.66 -39.01 -17.58
N SER D 85 -2.48 -39.07 -18.19
CA SER D 85 -1.91 -40.33 -18.62
C SER D 85 -0.44 -40.42 -18.23
N LYS D 86 0.09 -41.64 -18.19
CA LYS D 86 1.49 -41.83 -17.86
C LYS D 86 2.29 -41.00 -18.85
N GLY D 87 3.37 -40.39 -18.38
CA GLY D 87 4.20 -39.58 -19.26
C GLY D 87 3.90 -38.10 -19.21
N ASP D 88 2.72 -37.72 -18.72
CA ASP D 88 2.39 -36.30 -18.63
C ASP D 88 3.31 -35.61 -17.64
N LEU D 89 3.70 -34.39 -17.96
CA LEU D 89 4.55 -33.60 -17.08
C LEU D 89 3.58 -32.75 -16.26
N VAL D 90 3.73 -32.75 -14.94
CA VAL D 90 2.83 -31.99 -14.09
C VAL D 90 3.49 -31.35 -12.87
N ALA D 91 2.82 -30.35 -12.31
CA ALA D 91 3.24 -29.69 -11.09
C ALA D 91 2.12 -30.04 -10.12
N VAL D 92 2.38 -29.96 -8.82
CA VAL D 92 1.35 -30.33 -7.85
C VAL D 92 1.05 -29.35 -6.73
N ASN D 93 -0.24 -29.19 -6.42
CA ASN D 93 -0.68 -28.33 -5.32
C ASN D 93 -0.63 -29.31 -4.13
N PRO D 94 0.34 -29.15 -3.22
CA PRO D 94 0.52 -30.04 -2.06
C PRO D 94 -0.43 -29.91 -0.86
N LEU D 95 -1.16 -28.80 -0.78
CA LEU D 95 -2.06 -28.57 0.35
C LEU D 95 -3.49 -28.96 -0.01
N GLN D 96 -3.95 -30.06 0.58
CA GLN D 96 -5.28 -30.59 0.26
C GLN D 96 -6.17 -30.82 1.48
N GLY D 97 -7.32 -30.16 1.49
CA GLY D 97 -8.24 -30.28 2.61
C GLY D 97 -9.05 -31.55 2.67
N GLU D 98 -9.47 -31.93 3.87
CA GLU D 98 -10.25 -33.15 4.07
C GLU D 98 -11.69 -32.99 3.57
N GLY D 99 -12.15 -31.75 3.41
CA GLY D 99 -13.48 -31.52 2.88
C GLY D 99 -14.67 -31.19 3.78
N ASN D 100 -14.68 -31.74 4.98
CA ASN D 100 -15.82 -31.52 5.89
C ASN D 100 -15.81 -30.23 6.70
N CYS D 101 -14.64 -29.71 7.03
CA CYS D 101 -14.59 -28.50 7.85
C CYS D 101 -15.13 -27.27 7.14
N TYR D 102 -15.36 -26.22 7.92
CA TYR D 102 -15.90 -24.95 7.46
C TYR D 102 -15.10 -24.36 6.28
N TYR D 103 -13.78 -24.31 6.45
CA TYR D 103 -12.91 -23.74 5.44
C TYR D 103 -12.92 -24.51 4.13
N CYS D 104 -13.02 -25.84 4.20
CA CYS D 104 -13.09 -26.64 2.98
C CYS D 104 -14.42 -26.35 2.30
N ARG D 105 -15.49 -26.29 3.10
CA ARG D 105 -16.82 -26.04 2.53
C ARG D 105 -16.94 -24.69 1.81
N ILE D 106 -16.31 -23.64 2.34
CA ILE D 106 -16.39 -22.34 1.71
C ILE D 106 -15.35 -22.11 0.61
N GLY D 107 -14.56 -23.13 0.29
CA GLY D 107 -13.57 -23.00 -0.78
C GLY D 107 -12.19 -22.47 -0.41
N GLU D 108 -11.85 -22.54 0.87
CA GLU D 108 -10.56 -22.08 1.38
C GLU D 108 -9.86 -23.29 2.00
N GLU D 109 -9.73 -24.37 1.24
CA GLU D 109 -9.13 -25.59 1.76
C GLU D 109 -7.70 -25.50 2.28
N HIS D 110 -6.96 -24.46 1.90
CA HIS D 110 -5.60 -24.34 2.40
C HIS D 110 -5.67 -24.01 3.89
N LEU D 111 -6.83 -23.55 4.36
CA LEU D 111 -6.99 -23.23 5.78
C LEU D 111 -7.76 -24.36 6.48
N CYS D 112 -7.80 -25.51 5.85
CA CYS D 112 -8.48 -26.68 6.41
C CYS D 112 -8.02 -26.93 7.84
N ASP D 113 -8.94 -27.41 8.68
CA ASP D 113 -8.61 -27.72 10.09
C ASP D 113 -7.68 -28.94 10.22
N SER D 114 -7.76 -29.87 9.27
CA SER D 114 -6.95 -31.09 9.28
C SER D 114 -6.55 -31.40 7.85
N PRO D 115 -5.63 -30.62 7.27
CA PRO D 115 -5.18 -30.83 5.89
C PRO D 115 -4.22 -31.99 5.67
N ARG D 116 -4.14 -32.40 4.40
CA ARG D 116 -3.21 -33.43 3.97
C ARG D 116 -2.23 -32.57 3.21
N TRP D 117 -1.03 -32.42 3.75
CA TRP D 117 0.00 -31.57 3.15
C TRP D 117 1.23 -32.35 2.72
N LEU D 118 1.37 -32.59 1.42
CA LEU D 118 2.52 -33.35 0.92
C LEU D 118 3.83 -32.64 1.28
N GLY D 119 4.75 -33.41 1.86
CA GLY D 119 6.04 -32.89 2.27
C GLY D 119 6.03 -32.30 3.67
N ILE D 120 4.84 -32.26 4.28
CA ILE D 120 4.68 -31.72 5.63
C ILE D 120 4.17 -32.79 6.58
N ASN D 121 2.97 -33.31 6.33
CA ASN D 121 2.42 -34.36 7.17
C ASN D 121 2.07 -35.59 6.32
N PHE D 122 2.61 -35.60 5.11
CA PHE D 122 2.40 -36.69 4.15
C PHE D 122 3.70 -36.76 3.35
N ASP D 123 4.09 -37.94 2.89
CA ASP D 123 5.34 -38.07 2.14
C ASP D 123 5.40 -37.14 0.93
N GLY D 124 6.52 -36.41 0.81
CA GLY D 124 6.71 -35.46 -0.27
C GLY D 124 7.58 -35.89 -1.44
N ALA D 125 8.17 -34.90 -2.10
CA ALA D 125 9.00 -35.13 -3.29
C ALA D 125 10.49 -35.38 -3.09
N TYR D 126 10.95 -35.46 -1.84
CA TYR D 126 12.37 -35.74 -1.58
C TYR D 126 12.59 -37.23 -1.81
N ALA D 127 12.18 -37.72 -2.98
CA ALA D 127 12.31 -39.13 -3.31
C ALA D 127 12.19 -39.29 -4.82
N GLU D 128 12.39 -40.51 -5.30
CA GLU D 128 12.32 -40.78 -6.73
C GLU D 128 10.88 -40.81 -7.22
N TYR D 129 9.96 -41.14 -6.32
CA TYR D 129 8.55 -41.21 -6.66
C TYR D 129 7.72 -40.61 -5.54
N VAL D 130 6.54 -40.12 -5.88
CA VAL D 130 5.66 -39.54 -4.87
C VAL D 130 4.20 -39.74 -5.28
N ILE D 131 3.37 -39.99 -4.28
CA ILE D 131 1.95 -40.20 -4.51
C ILE D 131 1.15 -38.91 -4.30
N VAL D 132 0.28 -38.62 -5.25
CA VAL D 132 -0.59 -37.45 -5.17
C VAL D 132 -1.95 -38.08 -4.84
N PRO D 133 -2.49 -37.77 -3.65
CA PRO D 133 -3.79 -38.32 -3.22
C PRO D 133 -4.90 -38.24 -4.26
N HIS D 134 -5.07 -37.08 -4.90
CA HIS D 134 -6.11 -36.92 -5.92
C HIS D 134 -5.55 -36.16 -7.12
N TYR D 135 -5.85 -36.66 -8.32
CA TYR D 135 -5.36 -36.05 -9.55
C TYR D 135 -5.81 -34.62 -9.80
N LYS D 136 -6.85 -34.15 -9.11
CA LYS D 136 -7.31 -32.78 -9.35
C LYS D 136 -6.32 -31.73 -8.86
N TYR D 137 -5.36 -32.14 -8.04
CA TYR D 137 -4.38 -31.19 -7.52
C TYR D 137 -3.17 -31.00 -8.42
N MET D 138 -3.22 -31.58 -9.60
CA MET D 138 -2.11 -31.45 -10.54
C MET D 138 -2.41 -30.41 -11.60
N TYR D 139 -1.38 -30.03 -12.34
CA TYR D 139 -1.52 -29.07 -13.42
C TYR D 139 -0.58 -29.54 -14.52
N LYS D 140 -1.12 -29.85 -15.69
CA LYS D 140 -0.29 -30.31 -16.81
C LYS D 140 0.60 -29.19 -17.34
N LEU D 141 1.89 -29.49 -17.43
CA LEU D 141 2.84 -28.52 -17.93
C LEU D 141 2.96 -28.66 -19.44
N ARG D 142 3.00 -27.52 -20.13
CA ARG D 142 3.09 -27.51 -21.59
C ARG D 142 4.33 -26.71 -21.99
N ARG D 143 4.49 -25.55 -21.36
CA ARG D 143 5.61 -24.65 -21.64
C ARG D 143 6.77 -24.83 -20.68
N LEU D 144 6.46 -25.02 -19.40
CA LEU D 144 7.49 -25.15 -18.38
C LEU D 144 7.99 -26.56 -18.16
N ASN D 145 9.25 -26.68 -17.74
CA ASN D 145 9.79 -27.99 -17.43
C ASN D 145 9.63 -28.16 -15.92
N ALA D 146 9.88 -29.37 -15.43
CA ALA D 146 9.72 -29.66 -14.00
C ALA D 146 10.45 -28.71 -13.06
N VAL D 147 11.69 -28.37 -13.40
CA VAL D 147 12.48 -27.48 -12.54
C VAL D 147 11.91 -26.08 -12.45
N GLU D 148 11.43 -25.53 -13.57
CA GLU D 148 10.86 -24.20 -13.55
C GLU D 148 9.53 -24.14 -12.81
N ALA D 149 8.77 -25.24 -12.87
CA ALA D 149 7.46 -25.30 -12.24
C ALA D 149 7.41 -25.59 -10.74
N ALA D 150 8.30 -26.44 -10.26
CA ALA D 150 8.27 -26.83 -8.85
C ALA D 150 8.13 -25.70 -7.84
N PRO D 151 8.99 -24.67 -7.93
CA PRO D 151 8.88 -23.56 -6.95
C PRO D 151 7.53 -22.83 -7.02
N LEU D 152 6.89 -22.85 -8.18
CA LEU D 152 5.60 -22.19 -8.35
C LEU D 152 4.51 -22.79 -7.47
N THR D 153 4.69 -24.06 -7.10
CA THR D 153 3.73 -24.77 -6.27
C THR D 153 3.74 -24.27 -4.84
N CYS D 154 4.76 -23.48 -4.50
CA CYS D 154 4.89 -22.93 -3.16
C CYS D 154 4.92 -21.41 -3.19
N SER D 155 6.06 -20.85 -3.61
CA SER D 155 6.21 -19.40 -3.68
C SER D 155 5.26 -18.77 -4.72
N GLY D 156 4.97 -19.49 -5.80
CA GLY D 156 4.06 -18.97 -6.82
C GLY D 156 2.66 -18.80 -6.23
N ILE D 157 2.12 -19.87 -5.66
CA ILE D 157 0.80 -19.83 -5.05
C ILE D 157 0.74 -18.74 -3.97
N THR D 158 1.72 -18.76 -3.07
CA THR D 158 1.77 -17.78 -1.99
C THR D 158 1.77 -16.33 -2.48
N THR D 159 2.66 -16.01 -3.40
CA THR D 159 2.74 -14.65 -3.91
C THR D 159 1.52 -14.24 -4.72
N TYR D 160 0.94 -15.18 -5.46
CA TYR D 160 -0.23 -14.89 -6.27
C TYR D 160 -1.39 -14.49 -5.36
N ARG D 161 -1.53 -15.21 -4.24
CA ARG D 161 -2.60 -14.89 -3.29
C ARG D 161 -2.31 -13.55 -2.59
N ALA D 162 -1.04 -13.28 -2.30
CA ALA D 162 -0.70 -12.02 -1.64
C ALA D 162 -1.09 -10.84 -2.53
N VAL D 163 -0.83 -10.97 -3.83
CA VAL D 163 -1.18 -9.90 -4.76
C VAL D 163 -2.70 -9.73 -4.78
N ARG D 164 -3.43 -10.83 -4.83
CA ARG D 164 -4.89 -10.72 -4.83
C ARG D 164 -5.36 -10.00 -3.56
N LYS D 165 -4.75 -10.32 -2.42
CA LYS D 165 -5.16 -9.68 -1.16
C LYS D 165 -4.88 -8.18 -1.10
N ALA D 166 -3.98 -7.71 -1.95
CA ALA D 166 -3.64 -6.30 -2.00
C ALA D 166 -4.78 -5.47 -2.61
N SER D 167 -5.75 -6.14 -3.24
CA SER D 167 -6.91 -5.47 -3.85
C SER D 167 -6.50 -4.30 -4.75
N LEU D 168 -5.63 -4.62 -5.71
CA LEU D 168 -5.11 -3.63 -6.63
C LEU D 168 -6.03 -3.30 -7.81
N ASP D 169 -5.85 -2.11 -8.36
CA ASP D 169 -6.59 -1.69 -9.55
C ASP D 169 -5.79 -0.55 -10.19
N PRO D 170 -6.16 -0.14 -11.42
CA PRO D 170 -5.42 0.93 -12.09
C PRO D 170 -5.33 2.29 -11.41
N THR D 171 -6.19 2.56 -10.42
CA THR D 171 -6.14 3.84 -9.73
C THR D 171 -5.21 3.79 -8.51
N LYS D 172 -4.66 2.60 -8.24
CA LYS D 172 -3.79 2.40 -7.06
C LYS D 172 -2.31 2.22 -7.33
N THR D 173 -1.52 2.33 -6.25
CA THR D 173 -0.08 2.15 -6.31
C THR D 173 0.32 1.16 -5.23
N LEU D 174 1.20 0.24 -5.60
CA LEU D 174 1.69 -0.82 -4.72
C LEU D 174 3.17 -0.69 -4.39
N LEU D 175 3.51 -1.02 -3.15
CA LEU D 175 4.91 -1.03 -2.77
C LEU D 175 5.27 -2.47 -2.48
N VAL D 176 6.35 -2.95 -3.09
CA VAL D 176 6.80 -4.30 -2.84
C VAL D 176 8.13 -4.15 -2.08
N VAL D 177 8.17 -4.68 -0.86
CA VAL D 177 9.37 -4.62 -0.02
C VAL D 177 10.32 -5.73 -0.44
N GLY D 178 11.63 -5.44 -0.44
CA GLY D 178 12.61 -6.44 -0.85
C GLY D 178 12.27 -6.89 -2.26
N ALA D 179 11.91 -5.91 -3.08
CA ALA D 179 11.50 -6.14 -4.46
C ALA D 179 12.52 -6.78 -5.37
N GLY D 180 13.77 -6.84 -4.92
CA GLY D 180 14.83 -7.43 -5.71
C GLY D 180 15.11 -8.89 -5.40
N GLY D 181 14.49 -9.44 -4.36
CA GLY D 181 14.70 -10.84 -4.00
C GLY D 181 13.88 -11.80 -4.83
N GLY D 182 13.98 -13.10 -4.53
CA GLY D 182 13.23 -14.09 -5.29
C GLY D 182 11.73 -13.87 -5.21
N LEU D 183 11.22 -13.76 -3.99
CA LEU D 183 9.78 -13.54 -3.78
C LEU D 183 9.38 -12.16 -4.27
N GLY D 184 10.22 -11.17 -4.00
CA GLY D 184 9.95 -9.80 -4.40
C GLY D 184 9.76 -9.59 -5.90
N THR D 185 10.68 -10.12 -6.70
CA THR D 185 10.55 -9.97 -8.15
C THR D 185 9.31 -10.71 -8.65
N MET D 186 9.00 -11.81 -7.99
CA MET D 186 7.84 -12.63 -8.32
C MET D 186 6.59 -11.78 -8.13
N ALA D 187 6.53 -11.13 -6.97
CA ALA D 187 5.40 -10.27 -6.62
C ALA D 187 5.27 -9.11 -7.61
N VAL D 188 6.40 -8.51 -7.96
CA VAL D 188 6.42 -7.42 -8.93
C VAL D 188 5.86 -7.89 -10.28
N GLN D 189 6.35 -9.03 -10.76
CA GLN D 189 5.92 -9.61 -12.03
C GLN D 189 4.43 -9.97 -12.04
N ILE D 190 3.95 -10.57 -10.96
CA ILE D 190 2.55 -10.94 -10.86
C ILE D 190 1.67 -9.70 -10.85
N ALA D 191 2.02 -8.73 -10.02
CA ALA D 191 1.27 -7.49 -9.90
C ALA D 191 1.23 -6.76 -11.25
N LYS D 192 2.35 -6.78 -11.96
CA LYS D 192 2.41 -6.13 -13.26
C LYS D 192 1.53 -6.85 -14.27
N ALA D 193 1.50 -8.18 -14.20
CA ALA D 193 0.71 -8.94 -15.15
C ALA D 193 -0.79 -9.03 -14.83
N VAL D 194 -1.16 -8.83 -13.57
CA VAL D 194 -2.57 -8.98 -13.23
C VAL D 194 -3.39 -7.79 -12.75
N SER D 195 -2.80 -6.60 -12.56
CA SER D 195 -3.59 -5.49 -12.00
C SER D 195 -3.64 -4.11 -12.66
N GLY D 196 -2.56 -3.69 -13.31
CA GLY D 196 -2.59 -2.35 -13.90
C GLY D 196 -2.22 -1.27 -12.87
N ALA D 197 -1.89 -1.70 -11.66
CA ALA D 197 -1.51 -0.76 -10.61
C ALA D 197 -0.09 -0.26 -10.86
N THR D 198 0.22 0.92 -10.34
CA THR D 198 1.58 1.46 -10.46
C THR D 198 2.38 0.69 -9.40
N ILE D 199 3.58 0.26 -9.76
CA ILE D 199 4.39 -0.53 -8.84
C ILE D 199 5.70 0.14 -8.43
N ILE D 200 5.92 0.25 -7.12
CA ILE D 200 7.15 0.82 -6.59
C ILE D 200 7.85 -0.35 -5.89
N GLY D 201 9.10 -0.61 -6.27
CA GLY D 201 9.83 -1.69 -5.63
C GLY D 201 10.91 -1.07 -4.77
N VAL D 202 11.08 -1.54 -3.55
CA VAL D 202 12.13 -0.99 -2.71
C VAL D 202 13.08 -2.08 -2.26
N ASP D 203 14.37 -1.75 -2.24
CA ASP D 203 15.35 -2.70 -1.78
C ASP D 203 16.54 -1.94 -1.19
N VAL D 204 17.58 -2.65 -0.79
CA VAL D 204 18.69 -1.98 -0.13
C VAL D 204 20.06 -2.01 -0.78
N ARG D 205 20.14 -2.52 -2.00
CA ARG D 205 21.40 -2.59 -2.72
C ARG D 205 21.17 -2.25 -4.17
N GLU D 206 22.19 -1.70 -4.83
CA GLU D 206 22.09 -1.33 -6.24
C GLU D 206 21.62 -2.50 -7.12
N GLU D 207 22.22 -3.67 -6.93
CA GLU D 207 21.86 -4.84 -7.73
C GLU D 207 20.42 -5.28 -7.51
N ALA D 208 19.99 -5.32 -6.26
CA ALA D 208 18.61 -5.71 -5.96
C ALA D 208 17.66 -4.71 -6.60
N VAL D 209 17.96 -3.43 -6.43
CA VAL D 209 17.12 -2.38 -7.01
C VAL D 209 17.01 -2.59 -8.52
N GLU D 210 18.11 -3.05 -9.13
CA GLU D 210 18.13 -3.30 -10.56
C GLU D 210 17.25 -4.50 -10.93
N ALA D 211 17.30 -5.54 -10.12
CA ALA D 211 16.48 -6.74 -10.35
C ALA D 211 15.00 -6.39 -10.30
N ALA D 212 14.63 -5.50 -9.38
CA ALA D 212 13.25 -5.07 -9.22
C ALA D 212 12.79 -4.31 -10.46
N LYS D 213 13.71 -3.55 -11.06
CA LYS D 213 13.37 -2.81 -12.25
C LYS D 213 13.13 -3.78 -13.41
N ARG D 214 14.02 -4.76 -13.58
CA ARG D 214 13.85 -5.72 -14.65
C ARG D 214 12.60 -6.56 -14.46
N ALA D 215 12.17 -6.70 -13.21
CA ALA D 215 10.99 -7.46 -12.87
C ALA D 215 9.73 -6.76 -13.36
N GLY D 216 9.83 -5.44 -13.53
CA GLY D 216 8.69 -4.66 -14.01
C GLY D 216 8.28 -3.47 -13.18
N ALA D 217 8.98 -3.19 -12.09
CA ALA D 217 8.62 -2.06 -11.25
C ALA D 217 8.67 -0.74 -12.03
N ASP D 218 7.65 0.09 -11.83
CA ASP D 218 7.57 1.39 -12.48
C ASP D 218 8.55 2.37 -11.83
N TYR D 219 8.79 2.17 -10.54
CA TYR D 219 9.72 3.01 -9.78
C TYR D 219 10.48 2.10 -8.82
N VAL D 220 11.74 2.41 -8.56
CA VAL D 220 12.53 1.63 -7.61
C VAL D 220 13.16 2.60 -6.62
N ILE D 221 13.38 2.12 -5.40
CA ILE D 221 13.96 2.96 -4.37
C ILE D 221 15.08 2.20 -3.66
N ASN D 222 16.23 2.84 -3.55
CA ASN D 222 17.35 2.23 -2.85
C ASN D 222 17.29 2.86 -1.47
N ALA D 223 16.72 2.13 -0.52
CA ALA D 223 16.57 2.61 0.84
C ALA D 223 17.90 2.87 1.54
N SER D 224 19.01 2.44 0.93
CA SER D 224 20.33 2.65 1.51
C SER D 224 20.87 4.03 1.11
N MET D 225 20.35 4.59 0.03
CA MET D 225 20.78 5.90 -0.46
C MET D 225 19.79 7.00 -0.08
N GLN D 226 18.51 6.72 -0.33
CA GLN D 226 17.46 7.69 -0.03
C GLN D 226 16.52 7.19 1.06
N ASP D 227 15.92 8.14 1.79
CA ASP D 227 14.94 7.79 2.81
C ASP D 227 13.76 7.23 2.00
N PRO D 228 13.41 5.96 2.21
CA PRO D 228 12.31 5.36 1.47
C PRO D 228 10.91 5.96 1.66
N LEU D 229 10.57 6.31 2.90
CA LEU D 229 9.24 6.89 3.13
C LEU D 229 9.10 8.21 2.40
N ALA D 230 10.20 8.97 2.34
CA ALA D 230 10.19 10.26 1.64
C ALA D 230 10.04 10.06 0.14
N GLU D 231 10.79 9.13 -0.43
CA GLU D 231 10.68 8.88 -1.87
C GLU D 231 9.27 8.38 -2.20
N ILE D 232 8.74 7.49 -1.36
CA ILE D 232 7.40 6.97 -1.61
C ILE D 232 6.39 8.12 -1.61
N ARG D 233 6.55 9.06 -0.68
CA ARG D 233 5.63 10.18 -0.63
C ARG D 233 5.78 11.04 -1.89
N ARG D 234 7.02 11.26 -2.34
CA ARG D 234 7.22 12.07 -3.54
C ARG D 234 6.52 11.40 -4.73
N ILE D 235 6.80 10.12 -4.95
CA ILE D 235 6.20 9.39 -6.06
C ILE D 235 4.67 9.41 -6.03
N THR D 236 4.09 9.20 -4.84
CA THR D 236 2.64 9.17 -4.70
C THR D 236 2.02 10.54 -4.42
N GLU D 237 2.83 11.58 -4.59
CA GLU D 237 2.36 12.93 -4.35
C GLU D 237 1.76 13.07 -2.97
N SER D 238 2.47 12.54 -1.98
CA SER D 238 2.07 12.58 -0.57
C SER D 238 0.90 11.71 -0.15
N LYS D 239 0.30 10.97 -1.07
CA LYS D 239 -0.84 10.13 -0.70
C LYS D 239 -0.44 8.84 0.02
N GLY D 240 0.71 8.28 -0.37
CA GLY D 240 1.14 7.02 0.23
C GLY D 240 0.69 5.92 -0.72
N VAL D 241 1.04 4.67 -0.44
CA VAL D 241 0.65 3.58 -1.31
C VAL D 241 -0.65 2.92 -0.82
N ASP D 242 -1.41 2.38 -1.77
CA ASP D 242 -2.68 1.74 -1.43
C ASP D 242 -2.49 0.32 -0.93
N ALA D 243 -1.27 -0.19 -1.07
CA ALA D 243 -0.98 -1.52 -0.60
C ALA D 243 0.51 -1.75 -0.49
N VAL D 244 0.90 -2.58 0.47
CA VAL D 244 2.29 -2.97 0.65
C VAL D 244 2.26 -4.49 0.71
N ILE D 245 3.15 -5.13 -0.03
CA ILE D 245 3.27 -6.58 0.03
C ILE D 245 4.66 -6.79 0.62
N ASP D 246 4.67 -7.34 1.83
CA ASP D 246 5.90 -7.57 2.58
C ASP D 246 6.10 -9.07 2.71
N LEU D 247 6.82 -9.65 1.76
CA LEU D 247 7.12 -11.06 1.73
C LEU D 247 8.35 -11.31 2.59
N ASN D 248 8.22 -12.23 3.55
CA ASN D 248 9.28 -12.52 4.48
C ASN D 248 9.60 -11.24 5.27
N TYR D 249 8.58 -10.73 5.96
CA TYR D 249 8.70 -9.52 6.77
C TYR D 249 9.74 -9.73 7.89
N SER D 250 10.18 -8.64 8.50
CA SER D 250 11.12 -8.73 9.60
C SER D 250 10.71 -7.65 10.57
N GLU D 251 11.38 -7.59 11.72
CA GLU D 251 11.06 -6.58 12.72
C GLU D 251 11.19 -5.18 12.13
N LYS D 252 12.18 -5.01 11.26
CA LYS D 252 12.43 -3.70 10.65
C LYS D 252 11.37 -3.29 9.63
N THR D 253 11.02 -4.18 8.71
CA THR D 253 10.03 -3.84 7.69
C THR D 253 8.69 -3.45 8.33
N LEU D 254 8.26 -4.23 9.32
CA LEU D 254 6.99 -3.96 10.00
C LEU D 254 7.01 -2.64 10.78
N SER D 255 8.18 -2.19 11.20
CA SER D 255 8.24 -0.93 11.95
C SER D 255 8.33 0.29 11.03
N VAL D 256 8.73 0.05 9.78
CA VAL D 256 8.87 1.16 8.84
C VAL D 256 7.80 1.33 7.77
N TYR D 257 7.64 0.33 6.93
CA TYR D 257 6.71 0.45 5.81
C TYR D 257 5.22 0.69 6.05
N PRO D 258 4.68 0.31 7.22
CA PRO D 258 3.26 0.60 7.37
C PRO D 258 3.05 2.14 7.32
N LYS D 259 4.12 2.89 7.60
CA LYS D 259 4.04 4.34 7.59
C LYS D 259 3.86 4.89 6.17
N ALA D 260 4.09 4.06 5.16
CA ALA D 260 3.95 4.48 3.77
C ALA D 260 2.53 4.30 3.24
N LEU D 261 1.68 3.66 4.04
CA LEU D 261 0.30 3.40 3.63
C LEU D 261 -0.56 4.65 3.49
N ALA D 262 -1.34 4.69 2.42
CA ALA D 262 -2.28 5.77 2.16
C ALA D 262 -3.50 5.37 2.97
N LYS D 263 -4.48 6.27 3.03
CA LYS D 263 -5.70 5.94 3.76
C LYS D 263 -6.32 4.74 3.03
N GLN D 264 -6.90 3.83 3.80
CA GLN D 264 -7.50 2.60 3.29
C GLN D 264 -6.46 1.64 2.73
N GLY D 265 -5.19 1.94 2.97
CA GLY D 265 -4.13 1.07 2.49
C GLY D 265 -4.14 -0.30 3.14
N LYS D 266 -3.72 -1.31 2.38
CA LYS D 266 -3.65 -2.68 2.89
C LYS D 266 -2.21 -3.16 3.00
N TYR D 267 -1.81 -3.55 4.21
CA TYR D 267 -0.46 -4.05 4.42
C TYR D 267 -0.52 -5.57 4.42
N VAL D 268 -0.09 -6.18 3.31
CA VAL D 268 -0.13 -7.63 3.18
C VAL D 268 1.20 -8.24 3.65
N MET D 269 1.14 -8.90 4.79
CA MET D 269 2.31 -9.54 5.41
C MET D 269 2.31 -11.02 5.10
N VAL D 270 3.48 -11.53 4.71
CA VAL D 270 3.64 -12.94 4.39
C VAL D 270 4.95 -13.46 4.98
N GLY D 271 4.87 -14.58 5.71
CA GLY D 271 6.07 -15.14 6.29
C GLY D 271 5.81 -15.76 7.65
N LEU D 272 6.88 -16.19 8.30
CA LEU D 272 6.77 -16.81 9.62
C LEU D 272 7.85 -16.35 10.60
N PHE D 273 8.52 -15.24 10.30
CA PHE D 273 9.56 -14.77 11.21
C PHE D 273 8.97 -14.35 12.55
N GLY D 274 9.73 -14.64 13.61
CA GLY D 274 9.29 -14.30 14.96
C GLY D 274 9.40 -12.82 15.26
N ALA D 275 8.37 -12.08 14.86
CA ALA D 275 8.32 -10.64 15.10
C ALA D 275 6.88 -10.29 15.41
N ASP D 276 6.67 -9.17 16.09
CA ASP D 276 5.33 -8.74 16.42
C ASP D 276 4.97 -7.49 15.64
N LEU D 277 3.69 -7.35 15.34
CA LEU D 277 3.21 -6.16 14.65
C LEU D 277 2.90 -5.17 15.77
N HIS D 278 3.42 -3.97 15.64
CA HIS D 278 3.21 -2.94 16.64
C HIS D 278 2.76 -1.67 15.93
N TYR D 279 1.54 -1.23 16.17
CA TYR D 279 1.05 -0.03 15.52
C TYR D 279 0.02 0.71 16.37
N HIS D 280 0.09 2.02 16.34
CA HIS D 280 -0.82 2.87 17.12
C HIS D 280 -2.24 2.78 16.57
N ALA D 281 -3.14 2.26 17.39
CA ALA D 281 -4.55 2.07 17.02
C ALA D 281 -5.23 3.28 16.36
N PRO D 282 -5.11 4.47 16.96
CA PRO D 282 -5.75 5.65 16.36
C PRO D 282 -5.38 5.85 14.90
N LEU D 283 -4.15 5.48 14.56
CA LEU D 283 -3.66 5.62 13.19
C LEU D 283 -4.43 4.71 12.25
N ILE D 284 -4.75 3.52 12.75
CA ILE D 284 -5.49 2.53 12.00
C ILE D 284 -6.93 2.96 11.75
N THR D 285 -7.61 3.43 12.80
CA THR D 285 -9.00 3.85 12.69
C THR D 285 -9.18 5.14 11.88
N LEU D 286 -8.30 6.11 12.09
CA LEU D 286 -8.35 7.37 11.36
C LEU D 286 -8.12 7.20 9.86
N SER D 287 -7.28 6.25 9.48
CA SER D 287 -6.95 6.02 8.07
C SER D 287 -7.60 4.81 7.45
N GLU D 288 -8.35 4.05 8.25
CA GLU D 288 -9.00 2.83 7.76
C GLU D 288 -7.98 1.89 7.13
N ILE D 289 -6.77 1.84 7.67
CA ILE D 289 -5.80 0.93 7.10
C ILE D 289 -6.10 -0.50 7.56
N GLN D 290 -5.51 -1.46 6.87
CA GLN D 290 -5.71 -2.86 7.17
C GLN D 290 -4.39 -3.62 7.14
N PHE D 291 -4.21 -4.49 8.13
CA PHE D 291 -3.04 -5.36 8.17
C PHE D 291 -3.64 -6.74 7.86
N VAL D 292 -3.16 -7.38 6.79
CA VAL D 292 -3.70 -8.67 6.42
C VAL D 292 -2.61 -9.72 6.22
N GLY D 293 -2.81 -10.88 6.81
CA GLY D 293 -1.82 -11.93 6.71
C GLY D 293 -2.16 -12.92 5.62
N SER D 294 -1.14 -13.62 5.14
CA SER D 294 -1.32 -14.64 4.12
C SER D 294 -0.08 -15.53 4.16
N LEU D 295 -0.20 -16.76 3.70
CA LEU D 295 0.94 -17.68 3.74
C LEU D 295 0.98 -18.66 2.57
N VAL D 296 -0.17 -19.28 2.29
CA VAL D 296 -0.25 -20.26 1.22
C VAL D 296 -1.35 -19.89 0.21
N GLY D 297 -2.10 -20.88 -0.24
CA GLY D 297 -3.16 -20.61 -1.20
C GLY D 297 -3.93 -21.85 -1.61
N ASN D 298 -5.05 -21.63 -2.30
CA ASN D 298 -5.91 -22.72 -2.73
C ASN D 298 -5.81 -23.08 -4.22
N GLN D 299 -6.75 -23.91 -4.68
CA GLN D 299 -6.78 -24.36 -6.08
C GLN D 299 -6.88 -23.20 -7.06
N SER D 300 -7.65 -22.17 -6.68
CA SER D 300 -7.80 -21.00 -7.53
C SER D 300 -6.44 -20.28 -7.66
N ASP D 301 -5.70 -20.18 -6.57
CA ASP D 301 -4.40 -19.54 -6.59
C ASP D 301 -3.42 -20.33 -7.47
N PHE D 302 -3.47 -21.65 -7.36
CA PHE D 302 -2.60 -22.52 -8.13
C PHE D 302 -2.94 -22.37 -9.63
N LEU D 303 -4.23 -22.38 -9.93
CA LEU D 303 -4.65 -22.26 -11.32
C LEU D 303 -4.17 -20.94 -11.90
N GLY D 304 -4.30 -19.86 -11.12
CA GLY D 304 -3.89 -18.55 -11.60
C GLY D 304 -2.42 -18.40 -11.87
N ILE D 305 -1.58 -18.81 -10.91
CA ILE D 305 -0.15 -18.67 -11.11
C ILE D 305 0.36 -19.60 -12.23
N MET D 306 -0.20 -20.80 -12.33
CA MET D 306 0.24 -21.71 -13.38
C MET D 306 -0.19 -21.20 -14.77
N ARG D 307 -1.38 -20.60 -14.86
CA ARG D 307 -1.81 -20.07 -16.16
C ARG D 307 -0.87 -18.96 -16.59
N LEU D 308 -0.50 -18.11 -15.64
CA LEU D 308 0.40 -17.00 -15.93
C LEU D 308 1.79 -17.50 -16.36
N ALA D 309 2.33 -18.43 -15.58
CA ALA D 309 3.65 -18.98 -15.85
C ALA D 309 3.68 -19.71 -17.19
N GLU D 310 2.66 -20.52 -17.44
CA GLU D 310 2.57 -21.27 -18.69
C GLU D 310 2.43 -20.38 -19.91
N ALA D 311 1.95 -19.15 -19.71
CA ALA D 311 1.79 -18.19 -20.80
C ALA D 311 3.01 -17.29 -20.88
N GLY D 312 3.95 -17.50 -19.97
CA GLY D 312 5.18 -16.71 -19.96
C GLY D 312 5.00 -15.31 -19.40
N LYS D 313 3.82 -15.04 -18.83
CA LYS D 313 3.53 -13.74 -18.26
C LYS D 313 4.26 -13.52 -16.94
N VAL D 314 4.72 -14.60 -16.34
CA VAL D 314 5.47 -14.57 -15.09
C VAL D 314 6.62 -15.58 -15.26
N LYS D 315 7.86 -15.13 -15.06
CA LYS D 315 9.01 -15.99 -15.25
C LYS D 315 9.33 -16.89 -14.07
N PRO D 316 9.97 -18.04 -14.34
CA PRO D 316 10.34 -18.99 -13.28
C PRO D 316 11.37 -18.33 -12.37
N MET D 317 11.57 -18.86 -11.16
CA MET D 317 12.54 -18.31 -10.23
C MET D 317 13.95 -18.70 -10.63
N ILE D 318 14.93 -17.88 -10.24
CA ILE D 318 16.32 -18.20 -10.55
C ILE D 318 16.55 -19.44 -9.71
N THR D 319 17.02 -20.52 -10.32
CA THR D 319 17.20 -21.77 -9.61
C THR D 319 18.59 -22.40 -9.68
N LYS D 320 18.91 -23.18 -8.65
CA LYS D 320 20.17 -23.91 -8.56
C LYS D 320 19.78 -25.36 -8.34
N THR D 321 20.07 -26.22 -9.32
CA THR D 321 19.72 -27.62 -9.20
C THR D 321 20.78 -28.40 -8.42
N MET D 322 20.32 -29.36 -7.64
CA MET D 322 21.20 -30.18 -6.80
C MET D 322 20.72 -31.63 -6.80
N LYS D 323 21.48 -32.49 -6.13
CA LYS D 323 21.15 -33.91 -6.02
C LYS D 323 20.24 -34.15 -4.83
N LEU D 324 19.47 -35.24 -4.89
CA LEU D 324 18.56 -35.59 -3.81
C LEU D 324 19.33 -35.76 -2.49
N GLU D 325 20.51 -36.35 -2.58
CA GLU D 325 21.34 -36.59 -1.39
C GLU D 325 21.83 -35.30 -0.75
N GLU D 326 21.77 -34.19 -1.49
CA GLU D 326 22.21 -32.91 -0.96
C GLU D 326 21.09 -32.15 -0.24
N ALA D 327 19.99 -32.87 0.04
CA ALA D 327 18.86 -32.27 0.71
C ALA D 327 19.24 -31.53 1.99
N ASN D 328 19.94 -32.20 2.89
CA ASN D 328 20.36 -31.58 4.14
C ASN D 328 21.24 -30.36 3.90
N GLU D 329 22.13 -30.45 2.91
CA GLU D 329 22.99 -29.33 2.60
C GLU D 329 22.14 -28.15 2.14
N ALA D 330 21.21 -28.42 1.24
CA ALA D 330 20.32 -27.37 0.73
C ALA D 330 19.62 -26.66 1.87
N ILE D 331 19.12 -27.45 2.83
CA ILE D 331 18.43 -26.87 3.97
C ILE D 331 19.41 -26.11 4.85
N ASP D 332 20.63 -26.62 4.95
CA ASP D 332 21.66 -25.96 5.74
C ASP D 332 21.91 -24.57 5.14
N ASN D 333 22.06 -24.55 3.81
CA ASN D 333 22.30 -23.31 3.09
C ASN D 333 21.26 -22.26 3.46
N LEU D 334 20.01 -22.68 3.60
CA LEU D 334 18.95 -21.76 3.96
C LEU D 334 19.13 -21.25 5.38
N GLU D 335 19.48 -22.16 6.29
CA GLU D 335 19.69 -21.77 7.68
C GLU D 335 20.79 -20.72 7.80
N ASN D 336 21.73 -20.74 6.87
CA ASN D 336 22.83 -19.80 6.88
C ASN D 336 22.53 -18.58 5.99
N ARG D 342 16.66 -20.25 -5.53
CA ARG D 342 15.78 -21.35 -5.18
C ARG D 342 16.42 -22.69 -5.55
N GLN D 343 16.71 -23.49 -4.53
CA GLN D 343 17.34 -24.79 -4.73
C GLN D 343 16.31 -25.87 -5.06
N VAL D 344 16.58 -26.64 -6.10
CA VAL D 344 15.68 -27.69 -6.52
C VAL D 344 16.45 -29.00 -6.63
N LEU D 345 15.99 -30.01 -5.88
CA LEU D 345 16.63 -31.31 -5.89
C LEU D 345 16.13 -32.11 -7.10
N ILE D 346 17.06 -32.80 -7.75
CA ILE D 346 16.73 -33.64 -8.90
C ILE D 346 17.13 -35.09 -8.65
N PRO D 347 16.16 -35.94 -8.30
CA PRO D 347 16.38 -37.37 -8.03
C PRO D 347 17.06 -38.10 -9.18
N MET E 1 54.52 26.62 -30.53
CA MET E 1 53.33 25.83 -30.10
C MET E 1 52.05 26.59 -30.41
N ARG E 2 50.94 25.85 -30.50
CA ARG E 2 49.65 26.46 -30.77
C ARG E 2 49.12 27.04 -29.46
N ALA E 3 48.26 28.06 -29.57
CA ALA E 3 47.68 28.69 -28.39
C ALA E 3 46.52 29.60 -28.76
N VAL E 4 45.36 29.33 -28.16
CA VAL E 4 44.16 30.14 -28.41
C VAL E 4 44.13 31.26 -27.38
N ARG E 5 44.11 32.51 -27.85
CA ARG E 5 44.15 33.64 -26.94
C ARG E 5 43.07 34.70 -27.14
N LEU E 6 42.93 35.56 -26.14
CA LEU E 6 41.97 36.65 -26.15
C LEU E 6 42.66 37.92 -26.63
N LEU E 13 38.25 34.59 -29.60
CA LEU E 13 39.61 34.16 -29.30
C LEU E 13 40.38 33.87 -30.58
N SER E 14 41.69 33.99 -30.53
CA SER E 14 42.53 33.76 -31.70
C SER E 14 43.58 32.67 -31.49
N LEU E 15 43.81 31.89 -32.54
CA LEU E 15 44.80 30.83 -32.49
C LEU E 15 46.13 31.42 -32.96
N GLN E 16 47.16 31.27 -32.12
CA GLN E 16 48.48 31.80 -32.45
C GLN E 16 49.55 30.72 -32.39
N GLU E 17 50.75 31.06 -32.85
CA GLU E 17 51.87 30.14 -32.87
C GLU E 17 53.03 30.77 -32.12
N ILE E 18 52.99 30.69 -30.78
CA ILE E 18 54.01 31.27 -29.93
C ILE E 18 55.07 30.25 -29.53
N GLY E 19 56.15 30.74 -28.93
CA GLY E 19 57.22 29.85 -28.49
C GLY E 19 56.92 29.18 -27.16
N VAL E 20 57.64 28.11 -26.87
CA VAL E 20 57.45 27.39 -25.63
C VAL E 20 58.38 27.94 -24.54
N PRO E 21 57.81 28.52 -23.48
CA PRO E 21 58.57 29.09 -22.38
C PRO E 21 59.53 28.08 -21.76
N LYS E 22 60.62 28.58 -21.19
CA LYS E 22 61.59 27.71 -20.54
C LYS E 22 61.48 27.90 -19.03
N PRO E 23 61.13 26.83 -18.30
CA PRO E 23 60.99 26.90 -16.85
C PRO E 23 62.30 27.20 -16.12
N LYS E 24 62.25 28.17 -15.22
CA LYS E 24 63.43 28.56 -14.46
C LYS E 24 63.09 28.68 -12.97
N GLY E 25 64.02 28.28 -12.12
CA GLY E 25 63.80 28.34 -10.69
C GLY E 25 62.75 27.36 -10.20
N PRO E 26 61.68 27.85 -9.55
CA PRO E 26 60.60 27.02 -9.03
C PRO E 26 59.53 26.71 -10.09
N GLN E 27 59.69 27.32 -11.25
CA GLN E 27 58.73 27.14 -12.35
C GLN E 27 58.70 25.71 -12.86
N VAL E 28 57.58 25.35 -13.47
CA VAL E 28 57.38 24.03 -14.02
C VAL E 28 56.67 24.15 -15.36
N LEU E 29 57.20 23.46 -16.38
CA LEU E 29 56.59 23.50 -17.70
C LEU E 29 55.73 22.25 -17.84
N ILE E 30 54.46 22.45 -18.14
CA ILE E 30 53.53 21.33 -18.27
C ILE E 30 53.04 21.12 -19.70
N LYS E 31 53.01 19.86 -20.11
CA LYS E 31 52.51 19.50 -21.41
C LYS E 31 51.02 19.26 -21.16
N VAL E 32 50.20 20.23 -21.53
CA VAL E 32 48.76 20.17 -21.32
C VAL E 32 48.07 18.95 -21.92
N GLU E 33 47.38 18.18 -21.07
CA GLU E 33 46.65 17.01 -21.53
C GLU E 33 45.16 17.26 -21.37
N ALA E 34 44.83 18.26 -20.56
CA ALA E 34 43.43 18.62 -20.32
C ALA E 34 43.31 20.10 -19.95
N ALA E 35 42.42 20.79 -20.65
CA ALA E 35 42.19 22.21 -20.42
C ALA E 35 40.70 22.45 -20.29
N GLY E 36 40.22 22.48 -19.05
CA GLY E 36 38.81 22.70 -18.82
C GLY E 36 38.30 24.06 -19.25
N VAL E 37 37.02 24.11 -19.59
CA VAL E 37 36.38 25.33 -20.04
C VAL E 37 35.10 25.52 -19.24
N CYS E 38 34.89 26.70 -18.69
CA CYS E 38 33.67 26.95 -17.93
C CYS E 38 33.14 28.35 -18.22
N HIS E 39 31.95 28.64 -17.71
CA HIS E 39 31.30 29.93 -17.93
C HIS E 39 32.21 31.13 -17.67
N SER E 40 33.15 30.99 -16.75
CA SER E 40 34.05 32.09 -16.45
C SER E 40 34.84 32.53 -17.68
N ASP E 41 34.99 31.63 -18.64
CA ASP E 41 35.72 31.96 -19.86
C ASP E 41 34.81 32.77 -20.77
N VAL E 42 33.51 32.71 -20.52
CA VAL E 42 32.55 33.46 -21.31
C VAL E 42 32.74 34.93 -20.93
N HIS E 43 32.84 35.18 -19.62
CA HIS E 43 33.04 36.52 -19.11
C HIS E 43 34.40 37.03 -19.57
N MET E 44 35.39 36.14 -19.54
CA MET E 44 36.74 36.47 -19.97
C MET E 44 36.77 36.98 -21.40
N ARG E 45 36.26 36.16 -22.32
CA ARG E 45 36.24 36.54 -23.73
C ARG E 45 35.60 37.92 -23.90
N GLN E 46 34.83 38.34 -22.90
CA GLN E 46 34.19 39.64 -22.94
C GLN E 46 35.00 40.65 -22.11
N LEU E 62 46.94 41.83 -22.50
CA LEU E 62 46.62 41.27 -23.82
C LEU E 62 47.80 41.34 -24.77
N PRO E 63 48.00 40.30 -25.60
CA PRO E 63 47.15 39.11 -25.65
C PRO E 63 47.43 38.17 -24.46
N VAL E 64 46.49 37.29 -24.16
CA VAL E 64 46.66 36.34 -23.07
C VAL E 64 46.05 35.00 -23.40
N THR E 65 46.75 33.93 -23.04
CA THR E 65 46.24 32.58 -23.29
C THR E 65 45.31 32.21 -22.15
N LEU E 66 44.07 31.87 -22.48
CA LEU E 66 43.12 31.48 -21.45
C LEU E 66 43.35 30.05 -21.01
N GLY E 67 42.54 29.57 -20.08
CA GLY E 67 42.67 28.21 -19.57
C GLY E 67 43.13 28.15 -18.13
N HIS E 68 42.19 28.26 -17.20
CA HIS E 68 42.53 28.22 -15.79
C HIS E 68 42.27 26.86 -15.15
N GLU E 69 41.86 25.88 -15.96
CA GLU E 69 41.60 24.51 -15.48
C GLU E 69 42.66 23.64 -16.14
N ILE E 70 43.76 23.45 -15.43
CA ILE E 70 44.92 22.73 -15.93
C ILE E 70 45.32 21.38 -15.33
N ALA E 71 45.67 20.46 -16.22
CA ALA E 71 46.13 19.13 -15.86
C ALA E 71 46.98 18.62 -17.03
N GLY E 72 48.07 17.93 -16.73
CA GLY E 72 48.93 17.42 -17.77
C GLY E 72 50.18 16.78 -17.21
N LYS E 73 51.13 16.47 -18.09
CA LYS E 73 52.40 15.85 -17.69
C LYS E 73 53.51 16.87 -17.61
N ILE E 74 54.39 16.71 -16.63
CA ILE E 74 55.50 17.64 -16.47
C ILE E 74 56.51 17.44 -17.59
N GLU E 75 56.69 18.48 -18.39
CA GLU E 75 57.62 18.47 -19.51
C GLU E 75 59.04 18.79 -19.04
N GLU E 76 59.17 19.82 -18.22
CA GLU E 76 60.46 20.23 -17.69
C GLU E 76 60.30 21.03 -16.40
N VAL E 77 61.26 20.90 -15.50
CA VAL E 77 61.22 21.60 -14.22
C VAL E 77 62.38 22.56 -14.07
N GLY E 78 62.17 23.65 -13.33
CA GLY E 78 63.24 24.62 -13.12
C GLY E 78 64.28 24.01 -12.18
N ASP E 79 65.44 24.67 -12.06
CA ASP E 79 66.49 24.14 -11.20
C ASP E 79 66.22 24.27 -9.70
N GLU E 80 65.06 24.83 -9.35
CA GLU E 80 64.71 24.98 -7.92
C GLU E 80 63.55 24.07 -7.52
N VAL E 81 62.95 23.41 -8.50
CA VAL E 81 61.82 22.51 -8.25
C VAL E 81 62.25 21.31 -7.42
N VAL E 82 61.42 20.95 -6.44
CA VAL E 82 61.70 19.80 -5.56
C VAL E 82 60.45 18.92 -5.42
N GLY E 83 60.64 17.61 -5.44
CA GLY E 83 59.52 16.70 -5.28
C GLY E 83 58.74 16.34 -6.54
N TYR E 84 59.17 16.86 -7.69
CA TYR E 84 58.50 16.57 -8.95
C TYR E 84 59.53 16.30 -10.03
N SER E 85 59.18 15.43 -10.98
CA SER E 85 60.08 15.08 -12.07
C SER E 85 59.34 15.07 -13.39
N LYS E 86 60.08 15.13 -14.49
CA LYS E 86 59.48 15.10 -15.80
C LYS E 86 58.64 13.83 -15.92
N GLY E 87 57.47 13.93 -16.55
CA GLY E 87 56.62 12.76 -16.69
C GLY E 87 55.51 12.70 -15.66
N ASP E 88 55.69 13.38 -14.53
CA ASP E 88 54.67 13.37 -13.49
C ASP E 88 53.36 13.93 -14.03
N LEU E 89 52.25 13.29 -13.68
CA LEU E 89 50.94 13.76 -14.10
C LEU E 89 50.46 14.66 -12.97
N VAL E 90 50.01 15.87 -13.30
CA VAL E 90 49.57 16.80 -12.26
C VAL E 90 48.39 17.67 -12.62
N ALA E 91 47.74 18.19 -11.59
CA ALA E 91 46.63 19.11 -11.71
C ALA E 91 47.23 20.40 -11.14
N VAL E 92 46.63 21.54 -11.44
CA VAL E 92 47.17 22.81 -10.99
C VAL E 92 46.18 23.78 -10.35
N ASN E 93 46.60 24.41 -9.25
CA ASN E 93 45.78 25.43 -8.58
C ASN E 93 46.25 26.69 -9.31
N PRO E 94 45.38 27.27 -10.15
CA PRO E 94 45.67 28.48 -10.94
C PRO E 94 45.70 29.83 -10.24
N LEU E 95 45.10 29.94 -9.06
CA LEU E 95 45.06 31.21 -8.34
C LEU E 95 46.20 31.30 -7.33
N GLN E 96 47.22 32.11 -7.66
CA GLN E 96 48.40 32.26 -6.84
C GLN E 96 48.67 33.68 -6.32
N GLY E 97 48.66 33.84 -5.00
CA GLY E 97 48.87 35.15 -4.39
C GLY E 97 50.30 35.68 -4.40
N GLU E 98 50.44 37.00 -4.41
CA GLU E 98 51.77 37.63 -4.43
C GLU E 98 52.49 37.47 -3.10
N GLY E 99 51.73 37.23 -2.04
CA GLY E 99 52.33 37.00 -0.72
C GLY E 99 52.42 38.08 0.34
N ASN E 100 52.51 39.34 -0.06
CA ASN E 100 52.67 40.44 0.90
C ASN E 100 51.37 41.01 1.49
N CYS E 101 50.29 40.99 0.72
CA CYS E 101 49.03 41.55 1.18
C CYS E 101 48.44 40.79 2.37
N TYR E 102 47.47 41.42 3.02
CA TYR E 102 46.80 40.85 4.19
C TYR E 102 46.26 39.43 3.97
N TYR E 103 45.57 39.23 2.86
CA TYR E 103 44.96 37.94 2.57
C TYR E 103 45.98 36.83 2.36
N CYS E 104 47.11 37.16 1.76
CA CYS E 104 48.15 36.17 1.55
C CYS E 104 48.76 35.82 2.90
N ARG E 105 48.98 36.82 3.74
CA ARG E 105 49.58 36.58 5.04
C ARG E 105 48.69 35.73 5.96
N ILE E 106 47.37 35.89 5.88
CA ILE E 106 46.52 35.09 6.76
C ILE E 106 46.15 33.75 6.14
N GLY E 107 46.69 33.45 4.96
CA GLY E 107 46.41 32.17 4.31
C GLY E 107 45.20 32.07 3.42
N GLU E 108 44.70 33.22 2.96
CA GLU E 108 43.56 33.25 2.06
C GLU E 108 44.01 33.89 0.75
N GLU E 109 45.09 33.35 0.18
CA GLU E 109 45.65 33.90 -1.05
C GLU E 109 44.72 34.00 -2.25
N HIS E 110 43.62 33.25 -2.24
CA HIS E 110 42.68 33.32 -3.36
C HIS E 110 42.02 34.70 -3.37
N LEU E 111 42.12 35.41 -2.24
CA LEU E 111 41.55 36.74 -2.10
C LEU E 111 42.66 37.79 -2.17
N CYS E 112 43.81 37.40 -2.71
CA CYS E 112 44.95 38.30 -2.84
C CYS E 112 44.57 39.58 -3.57
N ASP E 113 45.19 40.70 -3.19
CA ASP E 113 44.91 41.99 -3.82
C ASP E 113 45.45 42.07 -5.25
N SER E 114 46.52 41.34 -5.54
CA SER E 114 47.14 41.33 -6.87
C SER E 114 47.57 39.91 -7.19
N PRO E 115 46.61 39.01 -7.42
CA PRO E 115 46.95 37.62 -7.72
C PRO E 115 47.48 37.34 -9.12
N ARG E 116 48.18 36.22 -9.22
CA ARG E 116 48.68 35.72 -10.50
C ARG E 116 47.69 34.59 -10.76
N TRP E 117 46.80 34.81 -11.72
CA TRP E 117 45.76 33.83 -12.04
C TRP E 117 45.96 33.21 -13.42
N LEU E 118 46.45 31.98 -13.48
CA LEU E 118 46.68 31.31 -14.76
C LEU E 118 45.38 31.22 -15.55
N GLY E 119 45.44 31.63 -16.81
CA GLY E 119 44.25 31.60 -17.65
C GLY E 119 43.39 32.85 -17.53
N ILE E 120 43.75 33.73 -16.60
CA ILE E 120 42.99 34.96 -16.38
C ILE E 120 43.86 36.19 -16.64
N ASN E 121 44.97 36.32 -15.92
CA ASN E 121 45.86 37.46 -16.13
C ASN E 121 47.27 36.96 -16.36
N PHE E 122 47.37 35.66 -16.64
CA PHE E 122 48.64 34.99 -16.90
C PHE E 122 48.29 33.92 -17.93
N ASP E 123 49.21 33.57 -18.81
CA ASP E 123 48.91 32.55 -19.82
C ASP E 123 48.47 31.22 -19.21
N GLY E 124 47.35 30.71 -19.72
CA GLY E 124 46.77 29.47 -19.22
C GLY E 124 47.01 28.20 -20.03
N ALA E 125 46.09 27.25 -19.91
CA ALA E 125 46.21 25.95 -20.58
C ALA E 125 45.63 25.79 -21.98
N TYR E 126 45.12 26.87 -22.57
CA TYR E 126 44.58 26.77 -23.94
C TYR E 126 45.78 26.74 -24.87
N ALA E 127 46.72 25.83 -24.59
CA ALA E 127 47.92 25.69 -25.39
C ALA E 127 48.51 24.31 -25.20
N GLU E 128 49.58 24.01 -25.93
CA GLU E 128 50.24 22.72 -25.85
C GLU E 128 51.08 22.62 -24.59
N TYR E 129 51.59 23.76 -24.14
CA TYR E 129 52.41 23.80 -22.94
C TYR E 129 52.00 25.00 -22.09
N VAL E 130 52.26 24.91 -20.79
CA VAL E 130 51.89 26.00 -19.88
C VAL E 130 52.87 26.05 -18.71
N ILE E 131 53.20 27.26 -18.28
CA ILE E 131 54.14 27.45 -17.16
C ILE E 131 53.41 27.63 -15.85
N VAL E 132 53.86 26.90 -14.83
CA VAL E 132 53.29 27.04 -13.49
C VAL E 132 54.36 27.84 -12.75
N PRO E 133 54.04 29.06 -12.31
CA PRO E 133 54.99 29.92 -11.59
C PRO E 133 55.77 29.23 -10.47
N HIS E 134 55.10 28.42 -9.67
CA HIS E 134 55.77 27.72 -8.58
C HIS E 134 55.20 26.32 -8.44
N TYR E 135 56.09 25.34 -8.28
CA TYR E 135 55.69 23.95 -8.17
C TYR E 135 54.74 23.61 -7.03
N LYS E 136 54.71 24.43 -5.98
CA LYS E 136 53.84 24.14 -4.84
C LYS E 136 52.36 24.14 -5.18
N TYR E 137 51.99 24.73 -6.31
CA TYR E 137 50.60 24.80 -6.72
C TYR E 137 50.12 23.57 -7.48
N MET E 138 50.99 22.58 -7.64
CA MET E 138 50.62 21.37 -8.35
C MET E 138 50.20 20.27 -7.38
N TYR E 139 49.57 19.23 -7.94
CA TYR E 139 49.14 18.09 -7.16
C TYR E 139 49.36 16.85 -8.02
N LYS E 140 50.21 15.93 -7.55
CA LYS E 140 50.49 14.71 -8.30
C LYS E 140 49.29 13.78 -8.37
N LEU E 141 48.87 13.48 -9.58
CA LEU E 141 47.74 12.59 -9.79
C LEU E 141 48.21 11.13 -9.75
N ARG E 142 47.49 10.30 -9.01
CA ARG E 142 47.85 8.90 -8.89
C ARG E 142 46.71 7.98 -9.33
N ARG E 143 45.48 8.44 -9.19
CA ARG E 143 44.33 7.65 -9.60
C ARG E 143 43.56 8.31 -10.73
N LEU E 144 43.49 9.63 -10.71
CA LEU E 144 42.78 10.39 -11.75
C LEU E 144 43.63 10.64 -12.98
N ASN E 145 42.99 10.78 -14.14
CA ASN E 145 43.72 11.09 -15.36
C ASN E 145 43.54 12.59 -15.56
N ALA E 146 44.30 13.19 -16.47
CA ALA E 146 44.24 14.63 -16.74
C ALA E 146 42.84 15.18 -16.95
N VAL E 147 42.06 14.51 -17.81
CA VAL E 147 40.70 14.95 -18.10
C VAL E 147 39.79 14.98 -16.87
N GLU E 148 39.89 13.96 -16.02
CA GLU E 148 39.06 13.90 -14.81
C GLU E 148 39.45 14.95 -13.78
N ALA E 149 40.75 15.26 -13.72
CA ALA E 149 41.28 16.23 -12.76
C ALA E 149 41.12 17.71 -13.09
N ALA E 150 41.30 18.06 -14.37
CA ALA E 150 41.22 19.46 -14.78
C ALA E 150 40.07 20.27 -14.19
N PRO E 151 38.82 19.79 -14.36
CA PRO E 151 37.67 20.51 -13.82
C PRO E 151 37.72 20.74 -12.31
N LEU E 152 38.37 19.83 -11.59
CA LEU E 152 38.46 19.94 -10.14
C LEU E 152 39.25 21.16 -9.67
N THR E 153 40.16 21.63 -10.51
CA THR E 153 40.98 22.79 -10.17
C THR E 153 40.15 24.07 -10.15
N CYS E 154 38.90 23.99 -10.59
CA CYS E 154 38.03 25.15 -10.62
C CYS E 154 36.74 24.87 -9.84
N SER E 155 35.87 24.06 -10.41
CA SER E 155 34.61 23.71 -9.78
C SER E 155 34.82 22.89 -8.50
N GLY E 156 35.87 22.07 -8.49
CA GLY E 156 36.15 21.27 -7.31
C GLY E 156 36.51 22.14 -6.13
N ILE E 157 37.51 23.01 -6.32
CA ILE E 157 37.91 23.92 -5.26
C ILE E 157 36.72 24.75 -4.80
N THR E 158 35.99 25.32 -5.77
CA THR E 158 34.85 26.17 -5.46
C THR E 158 33.78 25.48 -4.62
N THR E 159 33.38 24.29 -5.05
CA THR E 159 32.36 23.55 -4.34
C THR E 159 32.83 23.07 -2.98
N TYR E 160 34.09 22.67 -2.89
CA TYR E 160 34.65 22.19 -1.64
C TYR E 160 34.63 23.30 -0.58
N ARG E 161 34.96 24.52 -1.00
CA ARG E 161 34.98 25.66 -0.10
C ARG E 161 33.55 26.07 0.29
N ALA E 162 32.62 25.99 -0.66
CA ALA E 162 31.23 26.34 -0.37
C ALA E 162 30.65 25.42 0.68
N VAL E 163 30.97 24.13 0.59
CA VAL E 163 30.48 23.15 1.56
C VAL E 163 31.05 23.46 2.94
N ARG E 164 32.33 23.80 2.99
CA ARG E 164 32.96 24.13 4.26
C ARG E 164 32.27 25.37 4.87
N LYS E 165 31.96 26.34 4.03
CA LYS E 165 31.29 27.55 4.50
C LYS E 165 29.88 27.29 5.03
N ALA E 166 29.30 26.15 4.69
CA ALA E 166 27.96 25.81 5.15
C ALA E 166 27.96 25.42 6.63
N SER E 167 29.15 25.20 7.18
CA SER E 167 29.32 24.80 8.58
C SER E 167 28.38 23.66 8.97
N LEU E 168 28.49 22.54 8.26
CA LEU E 168 27.64 21.39 8.50
C LEU E 168 28.17 20.39 9.52
N ASP E 169 27.27 19.63 10.12
CA ASP E 169 27.62 18.57 11.06
C ASP E 169 26.44 17.59 11.04
N PRO E 170 26.59 16.41 11.66
CA PRO E 170 25.53 15.40 11.68
C PRO E 170 24.15 15.78 12.21
N THR E 171 24.06 16.89 12.96
CA THR E 171 22.79 17.31 13.51
C THR E 171 22.04 18.25 12.57
N LYS E 172 22.67 18.60 11.45
CA LYS E 172 22.07 19.54 10.52
C LYS E 172 21.57 18.94 9.20
N THR E 173 20.81 19.73 8.46
CA THR E 173 20.30 19.35 7.15
C THR E 173 20.70 20.44 6.16
N LEU E 174 21.16 20.01 4.99
CA LEU E 174 21.59 20.90 3.91
C LEU E 174 20.67 20.84 2.69
N LEU E 175 20.40 21.99 2.10
CA LEU E 175 19.61 22.04 0.87
C LEU E 175 20.56 22.43 -0.25
N VAL E 176 20.62 21.64 -1.31
CA VAL E 176 21.47 21.96 -2.46
C VAL E 176 20.54 22.36 -3.60
N VAL E 177 20.67 23.60 -4.07
CA VAL E 177 19.83 24.07 -5.18
C VAL E 177 20.41 23.59 -6.50
N GLY E 178 19.55 23.16 -7.42
CA GLY E 178 20.03 22.67 -8.70
C GLY E 178 20.93 21.48 -8.45
N ALA E 179 20.49 20.63 -7.53
CA ALA E 179 21.24 19.45 -7.10
C ALA E 179 21.53 18.43 -8.18
N GLY E 180 20.86 18.56 -9.32
CA GLY E 180 21.09 17.63 -10.41
C GLY E 180 22.10 18.09 -11.44
N GLY E 181 22.57 19.32 -11.32
CA GLY E 181 23.52 19.84 -12.28
C GLY E 181 24.96 19.44 -11.98
N GLY E 182 25.88 19.88 -12.82
CA GLY E 182 27.29 19.54 -12.62
C GLY E 182 27.82 19.97 -11.26
N LEU E 183 27.61 21.24 -10.92
CA LEU E 183 28.09 21.73 -9.64
C LEU E 183 27.23 21.19 -8.50
N GLY E 184 25.94 21.04 -8.78
CA GLY E 184 25.02 20.53 -7.78
C GLY E 184 25.36 19.13 -7.29
N THR E 185 25.58 18.20 -8.21
CA THR E 185 25.92 16.83 -7.82
C THR E 185 27.24 16.81 -7.07
N MET E 186 28.17 17.64 -7.51
CA MET E 186 29.48 17.74 -6.88
C MET E 186 29.31 18.15 -5.42
N ALA E 187 28.48 19.16 -5.19
CA ALA E 187 28.22 19.66 -3.84
C ALA E 187 27.60 18.56 -3.00
N VAL E 188 26.64 17.83 -3.57
CA VAL E 188 25.99 16.75 -2.85
C VAL E 188 27.01 15.70 -2.45
N GLN E 189 27.86 15.32 -3.38
CA GLN E 189 28.89 14.32 -3.10
C GLN E 189 29.87 14.76 -2.02
N ILE E 190 30.33 16.00 -2.11
CA ILE E 190 31.27 16.51 -1.12
C ILE E 190 30.60 16.58 0.25
N ALA E 191 29.40 17.11 0.30
CA ALA E 191 28.69 17.22 1.57
C ALA E 191 28.49 15.82 2.15
N LYS E 192 28.19 14.86 1.30
CA LYS E 192 27.98 13.48 1.76
C LYS E 192 29.28 12.87 2.28
N ALA E 193 30.39 13.17 1.61
CA ALA E 193 31.66 12.59 2.03
C ALA E 193 32.34 13.29 3.22
N VAL E 194 32.05 14.57 3.43
CA VAL E 194 32.73 15.28 4.51
C VAL E 194 31.96 15.79 5.72
N SER E 195 30.64 15.67 5.76
CA SER E 195 29.94 16.23 6.92
C SER E 195 29.02 15.34 7.75
N GLY E 196 28.37 14.36 7.12
CA GLY E 196 27.46 13.52 7.87
C GLY E 196 26.10 14.20 7.98
N ALA E 197 25.97 15.37 7.38
CA ALA E 197 24.71 16.10 7.42
C ALA E 197 23.68 15.44 6.51
N THR E 198 22.40 15.68 6.79
CA THR E 198 21.33 15.13 5.97
C THR E 198 21.24 16.06 4.77
N ILE E 199 21.02 15.49 3.59
CA ILE E 199 20.99 16.33 2.40
C ILE E 199 19.70 16.26 1.59
N ILE E 200 19.19 17.44 1.27
CA ILE E 200 17.98 17.57 0.45
C ILE E 200 18.44 18.22 -0.85
N GLY E 201 18.20 17.54 -1.97
CA GLY E 201 18.58 18.09 -3.24
C GLY E 201 17.35 18.52 -4.00
N VAL E 202 17.34 19.73 -4.54
CA VAL E 202 16.19 20.18 -5.30
C VAL E 202 16.61 20.57 -6.71
N ASP E 203 15.77 20.27 -7.69
CA ASP E 203 16.03 20.62 -9.08
C ASP E 203 14.70 20.75 -9.83
N VAL E 204 14.77 21.08 -11.11
CA VAL E 204 13.54 21.31 -11.88
C VAL E 204 13.10 20.30 -12.91
N ARG E 205 13.87 19.23 -13.09
CA ARG E 205 13.51 18.19 -14.05
C ARG E 205 13.68 16.83 -13.40
N GLU E 206 12.85 15.87 -13.82
CA GLU E 206 12.90 14.54 -13.23
C GLU E 206 14.26 13.86 -13.42
N GLU E 207 14.88 14.08 -14.58
CA GLU E 207 16.18 13.50 -14.85
C GLU E 207 17.25 14.10 -13.91
N ALA E 208 17.11 15.39 -13.61
CA ALA E 208 18.04 16.07 -12.72
C ALA E 208 17.82 15.54 -11.32
N VAL E 209 16.55 15.39 -10.96
CA VAL E 209 16.20 14.87 -9.65
C VAL E 209 16.82 13.49 -9.47
N GLU E 210 16.88 12.74 -10.55
CA GLU E 210 17.46 11.40 -10.51
C GLU E 210 18.98 11.49 -10.32
N ALA E 211 19.61 12.47 -10.96
CA ALA E 211 21.06 12.65 -10.84
C ALA E 211 21.40 13.05 -9.40
N ALA E 212 20.52 13.82 -8.78
CA ALA E 212 20.72 14.26 -7.40
C ALA E 212 20.71 13.05 -6.48
N LYS E 213 19.80 12.12 -6.74
CA LYS E 213 19.69 10.90 -5.95
C LYS E 213 20.97 10.07 -6.06
N ARG E 214 21.44 9.88 -7.28
CA ARG E 214 22.65 9.12 -7.52
C ARG E 214 23.87 9.78 -6.89
N ALA E 215 23.80 11.10 -6.73
CA ALA E 215 24.90 11.86 -6.12
C ALA E 215 24.97 11.59 -4.61
N GLY E 216 23.86 11.12 -4.04
CA GLY E 216 23.83 10.84 -2.61
C GLY E 216 22.82 11.61 -1.78
N ALA E 217 21.98 12.42 -2.43
CA ALA E 217 20.99 13.18 -1.68
C ALA E 217 20.04 12.26 -0.93
N ASP E 218 19.80 12.54 0.35
CA ASP E 218 18.92 11.72 1.17
C ASP E 218 17.47 11.93 0.76
N TYR E 219 17.17 13.15 0.35
CA TYR E 219 15.84 13.53 -0.09
C TYR E 219 16.00 14.34 -1.37
N VAL E 220 15.01 14.26 -2.26
CA VAL E 220 15.05 15.04 -3.49
C VAL E 220 13.68 15.63 -3.74
N ILE E 221 13.66 16.76 -4.42
CA ILE E 221 12.40 17.46 -4.72
C ILE E 221 12.47 17.98 -6.15
N ASN E 222 11.39 17.78 -6.90
CA ASN E 222 11.30 18.29 -8.26
C ASN E 222 10.41 19.53 -8.11
N ALA E 223 11.04 20.70 -8.09
CA ALA E 223 10.31 21.95 -7.90
C ALA E 223 9.33 22.30 -9.02
N SER E 224 9.37 21.56 -10.12
CA SER E 224 8.44 21.80 -11.23
C SER E 224 7.14 21.05 -10.98
N MET E 225 7.19 20.03 -10.13
CA MET E 225 6.02 19.22 -9.83
C MET E 225 5.55 19.37 -8.39
N GLN E 226 6.40 19.95 -7.54
CA GLN E 226 6.05 20.12 -6.14
C GLN E 226 6.35 21.54 -5.67
N ASP E 227 5.86 21.87 -4.49
CA ASP E 227 6.09 23.15 -3.87
C ASP E 227 7.29 22.86 -2.97
N PRO E 228 8.51 23.19 -3.42
CA PRO E 228 9.73 22.95 -2.65
C PRO E 228 9.72 23.43 -1.21
N LEU E 229 9.29 24.67 -0.98
CA LEU E 229 9.25 25.19 0.37
C LEU E 229 8.39 24.34 1.30
N ALA E 230 7.28 23.82 0.79
CA ALA E 230 6.40 22.98 1.60
C ALA E 230 7.06 21.63 1.92
N GLU E 231 7.69 21.02 0.91
CA GLU E 231 8.35 19.73 1.10
C GLU E 231 9.49 19.85 2.10
N ILE E 232 10.30 20.89 1.95
CA ILE E 232 11.43 21.13 2.85
C ILE E 232 10.93 21.21 4.28
N ARG E 233 9.80 21.90 4.45
CA ARG E 233 9.16 22.09 5.74
C ARG E 233 8.77 20.72 6.32
N ARG E 234 8.19 19.89 5.47
CA ARG E 234 7.76 18.55 5.88
C ARG E 234 8.96 17.69 6.31
N ILE E 235 9.97 17.65 5.46
CA ILE E 235 11.16 16.86 5.73
C ILE E 235 11.84 17.28 7.04
N THR E 236 11.99 18.57 7.24
CA THR E 236 12.66 19.09 8.43
C THR E 236 11.70 19.36 9.59
N GLU E 237 10.48 18.84 9.47
CA GLU E 237 9.46 19.03 10.49
C GLU E 237 9.31 20.49 10.91
N SER E 238 9.19 21.36 9.90
CA SER E 238 9.01 22.79 10.08
C SER E 238 10.22 23.60 10.57
N LYS E 239 11.36 22.95 10.80
CA LYS E 239 12.53 23.68 11.26
C LYS E 239 13.20 24.48 10.15
N GLY E 240 13.21 23.91 8.94
CA GLY E 240 13.87 24.56 7.83
C GLY E 240 15.26 23.95 7.75
N VAL E 241 16.06 24.34 6.76
CA VAL E 241 17.40 23.78 6.66
C VAL E 241 18.47 24.66 7.31
N ASP E 242 19.52 24.03 7.82
CA ASP E 242 20.60 24.72 8.49
C ASP E 242 21.54 25.43 7.54
N ALA E 243 21.46 25.06 6.27
CA ALA E 243 22.28 25.69 5.26
C ALA E 243 21.73 25.44 3.86
N VAL E 244 21.95 26.40 2.97
CA VAL E 244 21.55 26.26 1.59
C VAL E 244 22.80 26.58 0.79
N ILE E 245 23.11 25.73 -0.18
CA ILE E 245 24.24 25.98 -1.04
C ILE E 245 23.60 26.23 -2.40
N ASP E 246 23.68 27.48 -2.84
CA ASP E 246 23.10 27.91 -4.10
C ASP E 246 24.22 28.19 -5.08
N LEU E 247 24.60 27.18 -5.87
CA LEU E 247 25.65 27.34 -6.85
C LEU E 247 25.04 27.89 -8.12
N ASN E 248 25.62 28.98 -8.62
CA ASN E 248 25.11 29.65 -9.81
C ASN E 248 23.69 30.12 -9.52
N TYR E 249 23.58 30.98 -8.51
CA TYR E 249 22.31 31.54 -8.08
C TYR E 249 21.66 32.33 -9.20
N SER E 250 20.37 32.60 -9.06
CA SER E 250 19.63 33.37 -10.05
C SER E 250 18.69 34.28 -9.27
N GLU E 251 17.99 35.15 -9.97
CA GLU E 251 17.04 36.05 -9.31
C GLU E 251 15.96 35.22 -8.62
N LYS E 252 15.60 34.12 -9.28
CA LYS E 252 14.57 33.20 -8.76
C LYS E 252 15.00 32.52 -7.47
N THR E 253 16.14 31.82 -7.51
CA THR E 253 16.60 31.11 -6.33
C THR E 253 16.78 32.01 -5.12
N LEU E 254 17.36 33.20 -5.34
CA LEU E 254 17.57 34.13 -4.23
C LEU E 254 16.28 34.65 -3.61
N SER E 255 15.20 34.64 -4.38
CA SER E 255 13.92 35.12 -3.86
C SER E 255 13.10 34.01 -3.22
N VAL E 256 13.48 32.76 -3.49
CA VAL E 256 12.75 31.62 -2.97
C VAL E 256 13.40 30.86 -1.81
N TYR E 257 14.56 30.28 -2.05
CA TYR E 257 15.21 29.46 -1.04
C TYR E 257 15.64 30.05 0.32
N PRO E 258 15.87 31.37 0.40
CA PRO E 258 16.27 31.86 1.72
C PRO E 258 15.12 31.61 2.70
N LYS E 259 13.91 31.47 2.16
CA LYS E 259 12.72 31.22 2.96
C LYS E 259 12.72 29.84 3.60
N ALA E 260 13.58 28.96 3.09
CA ALA E 260 13.69 27.59 3.61
C ALA E 260 14.66 27.49 4.78
N LEU E 261 15.38 28.57 5.06
CA LEU E 261 16.38 28.60 6.13
C LEU E 261 15.80 28.48 7.53
N ALA E 262 16.49 27.70 8.36
CA ALA E 262 16.12 27.51 9.76
C ALA E 262 16.80 28.64 10.51
N LYS E 263 16.49 28.79 11.79
CA LYS E 263 17.16 29.82 12.57
C LYS E 263 18.64 29.44 12.55
N GLN E 264 19.50 30.46 12.46
CA GLN E 264 20.95 30.28 12.38
C GLN E 264 21.37 29.68 11.05
N GLY E 265 20.45 29.58 10.11
CA GLY E 265 20.76 29.01 8.82
C GLY E 265 21.74 29.86 8.01
N LYS E 266 22.58 29.19 7.22
CA LYS E 266 23.56 29.87 6.39
C LYS E 266 23.25 29.68 4.92
N TYR E 267 23.07 30.78 4.20
CA TYR E 267 22.78 30.72 2.78
C TYR E 267 24.09 31.00 2.04
N VAL E 268 24.69 29.93 1.52
CA VAL E 268 25.94 30.02 0.79
C VAL E 268 25.67 30.24 -0.70
N MET E 269 25.99 31.44 -1.16
CA MET E 269 25.78 31.84 -2.55
C MET E 269 27.08 31.77 -3.33
N VAL E 270 27.03 31.17 -4.52
CA VAL E 270 28.21 31.06 -5.37
C VAL E 270 27.82 31.42 -6.80
N GLY E 271 28.62 32.24 -7.45
CA GLY E 271 28.34 32.61 -8.82
C GLY E 271 28.61 34.06 -9.14
N LEU E 272 28.27 34.47 -10.35
CA LEU E 272 28.50 35.84 -10.78
C LEU E 272 27.33 36.44 -11.56
N PHE E 273 26.16 35.83 -11.48
CA PHE E 273 25.01 36.35 -12.20
C PHE E 273 24.58 37.71 -11.71
N GLY E 274 24.15 38.56 -12.65
CA GLY E 274 23.72 39.90 -12.30
C GLY E 274 22.38 39.96 -11.61
N ALA E 275 22.39 39.70 -10.31
CA ALA E 275 21.17 39.72 -9.52
C ALA E 275 21.47 40.35 -8.17
N ASP E 276 20.44 40.86 -7.50
CA ASP E 276 20.62 41.47 -6.19
C ASP E 276 19.96 40.63 -5.11
N LEU E 277 20.56 40.65 -3.92
CA LEU E 277 19.99 39.93 -2.80
C LEU E 277 19.00 40.91 -2.17
N HIS E 278 17.76 40.47 -1.97
CA HIS E 278 16.73 41.31 -1.36
C HIS E 278 16.10 40.52 -0.22
N TYR E 279 16.30 40.97 1.02
CA TYR E 279 15.73 40.26 2.17
C TYR E 279 15.37 41.21 3.30
N HIS E 280 14.21 40.95 3.92
CA HIS E 280 13.73 41.77 5.03
C HIS E 280 14.66 41.66 6.25
N ALA E 281 15.29 42.78 6.61
CA ALA E 281 16.23 42.83 7.72
C ALA E 281 15.76 42.17 9.01
N PRO E 282 14.55 42.51 9.51
CA PRO E 282 14.07 41.89 10.75
C PRO E 282 14.10 40.36 10.71
N LEU E 283 13.91 39.78 9.53
CA LEU E 283 13.93 38.32 9.39
C LEU E 283 15.34 37.80 9.67
N ILE E 284 16.33 38.55 9.20
CA ILE E 284 17.73 38.19 9.38
C ILE E 284 18.15 38.23 10.85
N THR E 285 17.80 39.31 11.53
CA THR E 285 18.17 39.47 12.93
C THR E 285 17.41 38.51 13.86
N LEU E 286 16.10 38.37 13.64
CA LEU E 286 15.28 37.47 14.47
C LEU E 286 15.72 36.01 14.39
N SER E 287 16.18 35.59 13.22
CA SER E 287 16.59 34.20 13.03
C SER E 287 18.09 33.98 13.04
N GLU E 288 18.87 35.04 13.17
CA GLU E 288 20.32 34.92 13.17
C GLU E 288 20.79 34.23 11.90
N ILE E 289 20.15 34.52 10.77
CA ILE E 289 20.59 33.87 9.55
C ILE E 289 21.78 34.61 8.96
N GLN E 290 22.46 33.96 8.03
CA GLN E 290 23.61 34.56 7.40
C GLN E 290 23.64 34.28 5.92
N PHE E 291 24.00 35.29 5.14
CA PHE E 291 24.15 35.15 3.71
C PHE E 291 25.66 35.23 3.53
N VAL E 292 26.24 34.20 2.94
CA VAL E 292 27.69 34.18 2.75
C VAL E 292 28.07 33.90 1.31
N GLY E 293 28.97 34.70 0.78
CA GLY E 293 29.40 34.52 -0.59
C GLY E 293 30.69 33.73 -0.69
N SER E 294 30.90 33.10 -1.84
CA SER E 294 32.10 32.33 -2.08
C SER E 294 32.24 32.17 -3.59
N LEU E 295 33.46 32.00 -4.07
CA LEU E 295 33.66 31.87 -5.51
C LEU E 295 34.77 30.91 -5.91
N VAL E 296 35.90 30.99 -5.22
CA VAL E 296 37.03 30.13 -5.54
C VAL E 296 37.54 29.43 -4.28
N GLY E 297 38.86 29.40 -4.11
CA GLY E 297 39.41 28.72 -2.94
C GLY E 297 40.92 28.73 -2.91
N ASN E 298 41.48 28.28 -1.80
CA ASN E 298 42.93 28.27 -1.61
C ASN E 298 43.60 26.90 -1.69
N GLN E 299 44.88 26.86 -1.30
CA GLN E 299 45.65 25.62 -1.33
C GLN E 299 45.01 24.52 -0.48
N SER E 300 44.42 24.92 0.64
CA SER E 300 43.78 23.98 1.53
C SER E 300 42.56 23.34 0.85
N ASP E 301 41.79 24.15 0.15
CA ASP E 301 40.61 23.67 -0.56
C ASP E 301 41.03 22.70 -1.68
N PHE E 302 42.10 23.06 -2.39
CA PHE E 302 42.61 22.25 -3.47
C PHE E 302 43.09 20.90 -2.92
N LEU E 303 43.82 20.94 -1.82
CA LEU E 303 44.32 19.71 -1.22
C LEU E 303 43.15 18.82 -0.80
N GLY E 304 42.11 19.43 -0.25
CA GLY E 304 40.95 18.67 0.19
C GLY E 304 40.15 17.99 -0.92
N ILE E 305 39.83 18.74 -1.97
CA ILE E 305 39.06 18.16 -3.05
C ILE E 305 39.86 17.11 -3.81
N MET E 306 41.15 17.33 -3.98
CA MET E 306 41.98 16.36 -4.69
C MET E 306 42.14 15.06 -3.89
N ARG E 307 42.24 15.16 -2.57
CA ARG E 307 42.39 13.98 -1.73
C ARG E 307 41.11 13.16 -1.82
N LEU E 308 39.98 13.83 -1.82
CA LEU E 308 38.68 13.17 -1.91
C LEU E 308 38.50 12.51 -3.28
N ALA E 309 38.83 13.25 -4.33
CA ALA E 309 38.69 12.75 -5.70
C ALA E 309 39.63 11.56 -5.94
N GLU E 310 40.88 11.70 -5.55
CA GLU E 310 41.88 10.64 -5.72
C GLU E 310 41.49 9.36 -4.98
N ALA E 311 40.77 9.51 -3.88
CA ALA E 311 40.34 8.36 -3.09
C ALA E 311 39.01 7.84 -3.59
N GLY E 312 38.49 8.45 -4.65
CA GLY E 312 37.22 8.02 -5.21
C GLY E 312 36.00 8.42 -4.39
N LYS E 313 36.19 9.23 -3.34
CA LYS E 313 35.07 9.65 -2.51
C LYS E 313 34.18 10.68 -3.20
N VAL E 314 34.70 11.28 -4.27
CA VAL E 314 33.95 12.26 -5.05
C VAL E 314 34.30 11.94 -6.50
N LYS E 315 33.28 11.70 -7.32
CA LYS E 315 33.48 11.36 -8.73
C LYS E 315 33.78 12.56 -9.61
N PRO E 316 34.52 12.35 -10.70
CA PRO E 316 34.85 13.43 -11.64
C PRO E 316 33.57 13.90 -12.31
N MET E 317 33.58 15.11 -12.87
CA MET E 317 32.41 15.64 -13.55
C MET E 317 32.17 14.97 -14.90
N ILE E 318 30.93 14.98 -15.35
CA ILE E 318 30.61 14.41 -16.65
C ILE E 318 31.30 15.36 -17.63
N THR E 319 32.17 14.80 -18.45
CA THR E 319 32.96 15.60 -19.39
C THR E 319 32.76 15.31 -20.88
N LYS E 320 33.01 16.33 -21.69
CA LYS E 320 32.93 16.25 -23.15
C LYS E 320 34.27 16.76 -23.67
N THR E 321 35.11 15.86 -24.19
CA THR E 321 36.40 16.28 -24.69
C THR E 321 36.32 16.88 -26.09
N MET E 322 37.15 17.88 -26.33
CA MET E 322 37.18 18.58 -27.62
C MET E 322 38.62 18.96 -27.99
N LYS E 323 38.79 19.53 -29.17
CA LYS E 323 40.11 19.92 -29.64
C LYS E 323 40.43 21.36 -29.23
N LEU E 324 41.71 21.67 -29.14
CA LEU E 324 42.17 23.00 -28.75
C LEU E 324 41.56 24.08 -29.65
N GLU E 325 41.47 23.79 -30.95
CA GLU E 325 40.92 24.75 -31.92
C GLU E 325 39.44 25.03 -31.70
N GLU E 326 38.76 24.16 -30.96
CA GLU E 326 37.34 24.34 -30.70
C GLU E 326 37.06 25.21 -29.48
N ALA E 327 38.11 25.86 -28.99
CA ALA E 327 37.99 26.73 -27.82
C ALA E 327 36.83 27.70 -27.94
N ASN E 328 36.82 28.51 -29.00
CA ASN E 328 35.75 29.47 -29.23
C ASN E 328 34.39 28.81 -29.26
N GLU E 329 34.31 27.67 -29.94
CA GLU E 329 33.05 26.93 -30.04
C GLU E 329 32.59 26.53 -28.64
N ALA E 330 33.51 25.96 -27.86
CA ALA E 330 33.20 25.54 -26.49
C ALA E 330 32.64 26.71 -25.70
N ILE E 331 33.29 27.86 -25.78
CA ILE E 331 32.83 29.04 -25.07
C ILE E 331 31.47 29.50 -25.60
N ASP E 332 31.25 29.32 -26.90
CA ASP E 332 29.97 29.71 -27.49
C ASP E 332 28.86 28.90 -26.83
N ASN E 333 29.07 27.60 -26.68
CA ASN E 333 28.07 26.73 -26.07
C ASN E 333 27.93 27.00 -24.56
N GLY E 341 27.54 18.97 -19.16
CA GLY E 341 28.84 18.36 -18.97
C GLY E 341 29.98 19.34 -19.13
N ARG E 342 31.05 19.15 -18.35
CA ARG E 342 32.21 20.03 -18.43
C ARG E 342 32.99 19.77 -19.70
N GLN E 343 33.20 20.81 -20.50
CA GLN E 343 33.95 20.67 -21.74
C GLN E 343 35.44 20.77 -21.45
N VAL E 344 36.19 19.78 -21.93
CA VAL E 344 37.62 19.76 -21.71
C VAL E 344 38.35 19.70 -23.05
N LEU E 345 39.24 20.66 -23.25
CA LEU E 345 40.01 20.73 -24.48
C LEU E 345 41.27 19.89 -24.34
N ILE E 346 41.61 19.14 -25.39
CA ILE E 346 42.81 18.33 -25.36
C ILE E 346 43.76 18.79 -26.48
N PRO E 347 44.81 19.53 -26.12
CA PRO E 347 45.80 20.03 -27.09
C PRO E 347 46.35 18.96 -28.01
N MET F 1 7.88 -3.23 41.53
CA MET F 1 8.67 -3.68 40.35
C MET F 1 10.01 -4.25 40.78
N ARG F 2 10.64 -5.01 39.89
CA ARG F 2 11.95 -5.59 40.18
C ARG F 2 13.02 -4.56 39.86
N ALA F 3 14.14 -4.64 40.55
CA ALA F 3 15.23 -3.72 40.34
C ALA F 3 16.50 -4.22 41.01
N VAL F 4 17.59 -4.26 40.25
CA VAL F 4 18.87 -4.69 40.79
C VAL F 4 19.51 -3.42 41.29
N ARG F 5 19.90 -3.40 42.57
CA ARG F 5 20.48 -2.20 43.15
C ARG F 5 21.80 -2.43 43.87
N LEU F 6 22.61 -1.37 43.94
CA LEU F 6 23.89 -1.44 44.63
C LEU F 6 23.60 -1.07 46.08
N VAL F 7 23.43 -2.08 46.92
CA VAL F 7 23.13 -1.88 48.33
C VAL F 7 24.39 -1.69 49.17
N GLU F 8 25.52 -2.19 48.67
CA GLU F 8 26.78 -2.08 49.38
C GLU F 8 27.96 -2.20 48.41
N ILE F 9 29.04 -1.49 48.71
CA ILE F 9 30.23 -1.52 47.87
C ILE F 9 30.98 -2.85 48.04
N GLY F 10 31.70 -3.25 47.00
CA GLY F 10 32.45 -4.50 47.07
C GLY F 10 31.54 -5.71 46.93
N LYS F 11 30.42 -5.68 47.64
CA LYS F 11 29.46 -6.78 47.61
C LYS F 11 28.63 -6.72 46.32
N PRO F 12 28.04 -7.85 45.93
CA PRO F 12 27.22 -7.94 44.72
C PRO F 12 25.93 -7.14 44.82
N LEU F 13 25.35 -6.82 43.66
CA LEU F 13 24.11 -6.07 43.60
C LEU F 13 22.98 -6.94 44.12
N SER F 14 21.91 -6.32 44.59
CA SER F 14 20.77 -7.05 45.13
C SER F 14 19.50 -6.86 44.32
N LEU F 15 18.73 -7.94 44.16
CA LEU F 15 17.47 -7.89 43.43
C LEU F 15 16.35 -7.51 44.39
N GLN F 16 16.04 -6.22 44.45
CA GLN F 16 14.98 -5.75 45.33
C GLN F 16 13.64 -5.65 44.63
N GLU F 17 12.60 -5.40 45.41
CA GLU F 17 11.25 -5.26 44.90
C GLU F 17 10.71 -3.93 45.40
N ILE F 18 11.06 -2.86 44.70
CA ILE F 18 10.63 -1.53 45.09
C ILE F 18 9.41 -1.07 44.30
N GLY F 19 8.86 0.07 44.69
CA GLY F 19 7.70 0.61 44.01
C GLY F 19 8.02 1.36 42.73
N VAL F 20 7.00 1.51 41.89
CA VAL F 20 7.17 2.20 40.62
C VAL F 20 6.91 3.70 40.80
N PRO F 21 7.94 4.53 40.62
CA PRO F 21 7.80 5.98 40.77
C PRO F 21 6.69 6.53 39.88
N LYS F 22 6.13 7.67 40.30
CA LYS F 22 5.07 8.31 39.53
C LYS F 22 5.65 9.59 38.93
N PRO F 23 5.66 9.70 37.61
CA PRO F 23 6.20 10.88 36.93
C PRO F 23 5.41 12.15 37.19
N LYS F 24 6.11 13.21 37.59
CA LYS F 24 5.48 14.49 37.87
C LYS F 24 6.20 15.60 37.09
N GLY F 25 5.42 16.58 36.62
CA GLY F 25 6.00 17.68 35.88
C GLY F 25 6.64 17.29 34.56
N PRO F 26 7.93 17.60 34.36
CA PRO F 26 8.65 17.26 33.13
C PRO F 26 9.19 15.84 33.10
N GLN F 27 9.04 15.12 34.21
CA GLN F 27 9.53 13.76 34.30
C GLN F 27 8.78 12.81 33.37
N VAL F 28 9.43 11.71 33.04
CA VAL F 28 8.86 10.70 32.18
C VAL F 28 9.16 9.34 32.79
N LEU F 29 8.17 8.45 32.79
CA LEU F 29 8.38 7.11 33.32
C LEU F 29 8.55 6.19 32.11
N ILE F 30 9.65 5.46 32.08
CA ILE F 30 9.93 4.57 30.97
C ILE F 30 9.89 3.11 31.38
N LYS F 31 9.28 2.30 30.52
CA LYS F 31 9.23 0.86 30.76
C LYS F 31 10.47 0.37 30.03
N VAL F 32 11.50 0.04 30.80
CA VAL F 32 12.78 -0.42 30.26
C VAL F 32 12.69 -1.63 29.34
N GLU F 33 13.20 -1.48 28.12
CA GLU F 33 13.21 -2.59 27.16
C GLU F 33 14.66 -3.01 26.93
N ALA F 34 15.58 -2.14 27.30
CA ALA F 34 17.01 -2.43 27.13
C ALA F 34 17.84 -1.63 28.13
N ALA F 35 18.69 -2.35 28.86
CA ALA F 35 19.56 -1.71 29.84
C ALA F 35 20.99 -2.17 29.58
N GLY F 36 21.75 -1.32 28.90
CA GLY F 36 23.12 -1.66 28.60
C GLY F 36 23.99 -1.80 29.82
N VAL F 37 25.06 -2.58 29.69
CA VAL F 37 25.99 -2.82 30.78
C VAL F 37 27.38 -2.66 30.19
N CYS F 38 28.22 -1.87 30.86
CA CYS F 38 29.58 -1.64 30.37
C CYS F 38 30.57 -1.67 31.52
N HIS F 39 31.85 -1.65 31.21
CA HIS F 39 32.89 -1.70 32.22
C HIS F 39 32.70 -0.66 33.33
N SER F 40 32.05 0.46 33.00
CA SER F 40 31.81 1.49 34.00
C SER F 40 31.01 0.96 35.19
N ASP F 41 30.18 -0.05 34.94
CA ASP F 41 29.38 -0.64 36.01
C ASP F 41 30.24 -1.45 36.96
N VAL F 42 31.43 -1.82 36.49
CA VAL F 42 32.37 -2.57 37.33
C VAL F 42 32.90 -1.62 38.40
N HIS F 43 33.15 -0.39 37.99
CA HIS F 43 33.64 0.63 38.91
C HIS F 43 32.55 1.02 39.90
N MET F 44 31.31 1.03 39.43
CA MET F 44 30.17 1.38 40.28
C MET F 44 30.05 0.42 41.47
N ARG F 45 30.04 -0.87 41.18
CA ARG F 45 29.92 -1.88 42.21
C ARG F 45 31.12 -1.86 43.15
N GLN F 46 32.27 -1.45 42.64
CA GLN F 46 33.48 -1.38 43.45
C GLN F 46 33.57 -0.07 44.23
N GLY F 47 32.51 0.73 44.17
CA GLY F 47 32.48 1.99 44.89
C GLY F 47 33.40 3.07 44.34
N ARG F 48 34.21 2.72 43.34
CA ARG F 48 35.14 3.66 42.73
C ARG F 48 34.67 4.06 41.33
N PHE F 49 35.48 4.86 40.65
CA PHE F 49 35.14 5.32 39.30
C PHE F 49 36.30 6.14 38.75
N GLY F 50 37.31 5.45 38.23
CA GLY F 50 38.47 6.13 37.68
C GLY F 50 39.44 6.48 38.80
N ASN F 51 38.96 7.21 39.80
CA ASN F 51 39.76 7.62 40.93
C ASN F 51 38.94 8.47 41.89
N VAL F 60 26.90 9.90 45.69
CA VAL F 60 25.99 8.77 45.56
C VAL F 60 25.47 8.34 46.93
N LYS F 61 24.17 8.06 46.99
CA LYS F 61 23.54 7.63 48.23
C LYS F 61 22.90 6.26 48.05
N LEU F 62 23.48 5.26 48.71
CA LEU F 62 22.98 3.88 48.62
C LEU F 62 21.72 3.70 49.46
N PRO F 63 20.82 2.80 49.03
CA PRO F 63 20.97 2.00 47.81
C PRO F 63 20.57 2.76 46.55
N VAL F 64 21.08 2.32 45.40
CA VAL F 64 20.76 2.96 44.13
C VAL F 64 20.71 1.91 43.02
N THR F 65 19.79 2.10 42.08
CA THR F 65 19.63 1.20 40.96
C THR F 65 20.60 1.60 39.84
N LEU F 66 21.41 0.65 39.37
CA LEU F 66 22.37 0.91 38.30
C LEU F 66 21.69 0.95 36.93
N GLY F 67 22.48 1.19 35.90
CA GLY F 67 21.95 1.25 34.54
C GLY F 67 21.91 2.64 33.95
N HIS F 68 23.00 3.06 33.30
CA HIS F 68 23.05 4.39 32.70
C HIS F 68 22.87 4.33 31.18
N GLU F 69 22.58 3.14 30.66
CA GLU F 69 22.36 2.94 29.23
C GLU F 69 20.90 2.53 29.08
N ILE F 70 20.06 3.54 28.94
CA ILE F 70 18.60 3.41 28.87
C ILE F 70 17.88 3.55 27.52
N ALA F 71 16.91 2.68 27.30
CA ALA F 71 16.08 2.68 26.10
C ALA F 71 14.82 1.89 26.41
N GLY F 72 13.67 2.41 26.02
CA GLY F 72 12.42 1.72 26.27
C GLY F 72 11.20 2.49 25.81
N LYS F 73 10.01 2.00 26.19
CA LYS F 73 8.76 2.64 25.81
C LYS F 73 8.26 3.54 26.93
N ILE F 74 7.71 4.70 26.56
CA ILE F 74 7.18 5.62 27.54
C ILE F 74 5.93 5.02 28.20
N GLU F 75 5.98 4.84 29.50
CA GLU F 75 4.87 4.29 30.27
C GLU F 75 3.89 5.39 30.67
N GLU F 76 4.43 6.50 31.15
CA GLU F 76 3.62 7.64 31.57
C GLU F 76 4.45 8.92 31.59
N VAL F 77 3.83 10.04 31.25
CA VAL F 77 4.52 11.33 31.22
C VAL F 77 3.97 12.28 32.28
N GLY F 78 4.82 13.17 32.77
CA GLY F 78 4.40 14.14 33.76
C GLY F 78 3.46 15.13 33.10
N ASP F 79 2.75 15.91 33.89
CA ASP F 79 1.79 16.88 33.35
C ASP F 79 2.45 18.11 32.72
N GLU F 80 3.78 18.07 32.58
CA GLU F 80 4.51 19.18 31.98
C GLU F 80 5.22 18.75 30.71
N VAL F 81 5.26 17.44 30.50
CA VAL F 81 5.90 16.87 29.32
C VAL F 81 5.25 17.36 28.04
N VAL F 82 6.09 17.64 27.04
CA VAL F 82 5.59 18.12 25.75
C VAL F 82 6.35 17.42 24.61
N GLY F 83 5.62 16.99 23.60
CA GLY F 83 6.24 16.33 22.46
C GLY F 83 6.46 14.83 22.56
N TYR F 84 5.99 14.24 23.66
CA TYR F 84 6.14 12.81 23.85
C TYR F 84 4.86 12.21 24.42
N SER F 85 4.52 11.00 24.00
CA SER F 85 3.31 10.33 24.47
C SER F 85 3.60 8.90 24.90
N LYS F 86 2.69 8.34 25.69
CA LYS F 86 2.87 6.97 26.15
C LYS F 86 3.00 6.10 24.91
N GLY F 87 3.86 5.09 24.99
CA GLY F 87 4.05 4.21 23.85
C GLY F 87 5.25 4.59 23.00
N ASP F 88 5.71 5.83 23.10
CA ASP F 88 6.86 6.25 22.32
C ASP F 88 8.10 5.45 22.71
N LEU F 89 8.87 5.05 21.72
CA LEU F 89 10.10 4.31 21.96
C LEU F 89 11.20 5.38 22.03
N VAL F 90 11.99 5.35 23.11
CA VAL F 90 13.05 6.36 23.26
C VAL F 90 14.35 5.84 23.85
N ALA F 91 15.40 6.61 23.65
CA ALA F 91 16.73 6.33 24.18
C ALA F 91 16.92 7.51 25.13
N VAL F 92 17.80 7.40 26.11
CA VAL F 92 17.98 8.50 27.06
C VAL F 92 19.42 8.95 27.31
N ASN F 93 19.62 10.25 27.42
CA ASN F 93 20.93 10.82 27.75
C ASN F 93 20.91 10.83 29.28
N PRO F 94 21.69 9.95 29.92
CA PRO F 94 21.76 9.81 31.38
C PRO F 94 22.46 10.89 32.21
N LEU F 95 23.34 11.66 31.59
CA LEU F 95 24.10 12.70 32.28
C LEU F 95 23.42 14.07 32.17
N GLN F 96 22.82 14.51 33.26
CA GLN F 96 22.06 15.76 33.28
C GLN F 96 22.56 16.79 34.31
N GLY F 97 23.01 17.94 33.81
CA GLY F 97 23.53 18.98 34.69
C GLY F 97 22.49 19.77 35.48
N GLU F 98 22.91 20.25 36.66
CA GLU F 98 22.03 21.03 37.52
C GLU F 98 21.74 22.42 36.93
N GLY F 99 22.57 22.86 36.00
CA GLY F 99 22.33 24.14 35.34
C GLY F 99 22.97 25.45 35.80
N ASN F 100 23.33 25.54 37.07
CA ASN F 100 23.91 26.78 37.61
C ASN F 100 25.41 26.94 37.44
N CYS F 101 26.16 25.84 37.45
CA CYS F 101 27.61 25.92 37.35
C CYS F 101 28.12 26.42 35.99
N TYR F 102 29.40 26.74 35.96
CA TYR F 102 30.05 27.24 34.74
C TYR F 102 29.84 26.34 33.52
N TYR F 103 30.10 25.05 33.68
CA TYR F 103 29.97 24.09 32.59
C TYR F 103 28.56 23.96 32.06
N CYS F 104 27.58 24.02 32.95
CA CYS F 104 26.19 23.97 32.51
C CYS F 104 25.89 25.22 31.71
N ARG F 105 26.37 26.36 32.20
CA ARG F 105 26.11 27.61 31.52
C ARG F 105 26.71 27.73 30.13
N ILE F 106 27.89 27.15 29.93
CA ILE F 106 28.51 27.24 28.60
C ILE F 106 28.10 26.08 27.69
N GLY F 107 27.18 25.25 28.16
CA GLY F 107 26.71 24.15 27.33
C GLY F 107 27.49 22.84 27.37
N GLU F 108 28.27 22.63 28.42
CA GLU F 108 29.05 21.40 28.56
C GLU F 108 28.57 20.74 29.86
N GLU F 109 27.28 20.48 29.94
CA GLU F 109 26.67 19.91 31.14
C GLU F 109 27.19 18.55 31.58
N HIS F 110 27.87 17.83 30.70
CA HIS F 110 28.39 16.53 31.08
C HIS F 110 29.55 16.73 32.05
N LEU F 111 30.07 17.96 32.10
CA LEU F 111 31.17 18.29 33.00
C LEU F 111 30.64 19.07 34.21
N CYS F 112 29.33 19.01 34.40
CA CYS F 112 28.68 19.69 35.52
C CYS F 112 29.38 19.35 36.85
N ASP F 113 29.41 20.32 37.76
CA ASP F 113 30.05 20.12 39.07
C ASP F 113 29.23 19.17 39.95
N SER F 114 27.92 19.15 39.75
CA SER F 114 27.03 18.29 40.54
C SER F 114 25.94 17.76 39.62
N PRO F 115 26.29 16.84 38.71
CA PRO F 115 25.27 16.32 37.82
C PRO F 115 24.35 15.25 38.40
N ARG F 116 23.26 15.02 37.68
CA ARG F 116 22.30 13.99 38.04
C ARG F 116 22.60 12.96 36.96
N TRP F 117 23.18 11.84 37.37
CA TRP F 117 23.58 10.81 36.44
C TRP F 117 22.79 9.51 36.65
N LEU F 118 21.81 9.25 35.80
CA LEU F 118 21.01 8.03 35.93
C LEU F 118 21.89 6.78 35.87
N GLY F 119 21.73 5.90 36.85
CA GLY F 119 22.51 4.67 36.90
C GLY F 119 23.82 4.85 37.66
N ILE F 120 24.10 6.08 38.06
CA ILE F 120 25.32 6.38 38.79
C ILE F 120 25.00 6.97 40.16
N ASN F 121 24.34 8.12 40.18
CA ASN F 121 23.96 8.75 41.44
C ASN F 121 22.45 8.94 41.49
N PHE F 122 21.76 8.30 40.55
CA PHE F 122 20.30 8.38 40.47
C PHE F 122 19.86 7.00 39.96
N ASP F 123 18.69 6.52 40.37
CA ASP F 123 18.24 5.20 39.92
C ASP F 123 18.23 5.05 38.40
N GLY F 124 18.86 3.97 37.92
CA GLY F 124 18.96 3.70 36.49
C GLY F 124 18.00 2.68 35.89
N ALA F 125 18.43 2.09 34.78
CA ALA F 125 17.61 1.13 34.04
C ALA F 125 17.67 -0.34 34.47
N TYR F 126 18.40 -0.65 35.54
CA TYR F 126 18.48 -2.03 36.02
C TYR F 126 17.17 -2.33 36.73
N ALA F 127 16.06 -2.03 36.05
CA ALA F 127 14.74 -2.24 36.61
C ALA F 127 13.69 -2.31 35.52
N GLU F 128 12.45 -2.60 35.91
CA GLU F 128 11.36 -2.68 34.93
C GLU F 128 10.94 -1.31 34.46
N TYR F 129 11.12 -0.32 35.33
CA TYR F 129 10.75 1.05 35.00
C TYR F 129 11.81 2.01 35.51
N VAL F 130 11.92 3.17 34.87
CA VAL F 130 12.90 4.17 35.27
C VAL F 130 12.36 5.58 35.00
N ILE F 131 12.69 6.50 35.91
CA ILE F 131 12.27 7.89 35.79
C ILE F 131 13.34 8.75 35.11
N VAL F 132 12.92 9.52 34.11
CA VAL F 132 13.82 10.44 33.43
C VAL F 132 13.42 11.80 33.98
N PRO F 133 14.33 12.46 34.73
CA PRO F 133 14.09 13.77 35.32
C PRO F 133 13.41 14.80 34.41
N HIS F 134 13.90 14.93 33.18
CA HIS F 134 13.31 15.87 32.23
C HIS F 134 13.25 15.23 30.85
N TYR F 135 12.11 15.38 30.19
CA TYR F 135 11.91 14.80 28.86
C TYR F 135 12.88 15.25 27.77
N LYS F 136 13.54 16.39 27.97
CA LYS F 136 14.46 16.88 26.95
C LYS F 136 15.66 15.95 26.72
N TYR F 137 15.92 15.08 27.69
CA TYR F 137 17.05 14.16 27.57
C TYR F 137 16.74 12.88 26.78
N MET F 138 15.53 12.80 26.26
CA MET F 138 15.16 11.61 25.50
C MET F 138 15.30 11.86 24.01
N TYR F 139 15.29 10.77 23.25
CA TYR F 139 15.38 10.86 21.80
C TYR F 139 14.44 9.79 21.22
N LYS F 140 13.44 10.24 20.47
CA LYS F 140 12.47 9.33 19.85
C LYS F 140 13.11 8.42 18.82
N LEU F 141 13.00 7.12 19.02
CA LEU F 141 13.55 6.15 18.08
C LEU F 141 12.52 5.91 16.97
N ARG F 142 12.99 5.87 15.74
CA ARG F 142 12.08 5.65 14.62
C ARG F 142 12.55 4.48 13.77
N ARG F 143 13.85 4.24 13.77
CA ARG F 143 14.43 3.15 12.98
C ARG F 143 15.08 2.09 13.87
N LEU F 144 15.70 2.52 14.97
CA LEU F 144 16.36 1.61 15.89
C LEU F 144 15.39 1.07 16.94
N ASN F 145 15.67 -0.12 17.47
CA ASN F 145 14.84 -0.67 18.52
C ASN F 145 15.59 -0.39 19.83
N ALA F 146 14.95 -0.65 20.96
CA ALA F 146 15.56 -0.39 22.26
C ALA F 146 16.94 -1.01 22.45
N VAL F 147 17.10 -2.27 22.07
CA VAL F 147 18.37 -2.97 22.21
C VAL F 147 19.52 -2.32 21.45
N GLU F 148 19.25 -1.90 20.22
CA GLU F 148 20.28 -1.28 19.39
C GLU F 148 20.66 0.12 19.86
N ALA F 149 19.68 0.83 20.42
CA ALA F 149 19.90 2.20 20.86
C ALA F 149 20.58 2.37 22.22
N ALA F 150 20.21 1.54 23.18
CA ALA F 150 20.76 1.63 24.53
C ALA F 150 22.27 1.87 24.65
N PRO F 151 23.09 1.06 23.96
CA PRO F 151 24.54 1.27 24.09
C PRO F 151 24.99 2.63 23.54
N LEU F 152 24.24 3.16 22.59
CA LEU F 152 24.57 4.45 21.98
C LEU F 152 24.53 5.60 22.97
N THR F 153 23.73 5.45 24.03
CA THR F 153 23.60 6.49 25.05
C THR F 153 24.86 6.61 25.90
N CYS F 154 25.77 5.66 25.73
CA CYS F 154 27.01 5.66 26.49
C CYS F 154 28.20 5.67 25.53
N SER F 155 28.48 4.52 24.91
CA SER F 155 29.59 4.41 23.99
C SER F 155 29.42 5.28 22.75
N GLY F 156 28.17 5.43 22.30
CA GLY F 156 27.90 6.24 21.13
C GLY F 156 28.25 7.71 21.37
N ILE F 157 27.74 8.25 22.47
CA ILE F 157 27.99 9.64 22.85
C ILE F 157 29.51 9.84 23.04
N THR F 158 30.13 8.93 23.79
CA THR F 158 31.56 8.98 24.06
C THR F 158 32.41 9.00 22.79
N THR F 159 32.18 8.03 21.92
CA THR F 159 32.94 7.93 20.68
C THR F 159 32.70 9.11 19.73
N TYR F 160 31.46 9.57 19.66
CA TYR F 160 31.10 10.69 18.79
C TYR F 160 31.88 11.93 19.21
N ARG F 161 31.95 12.17 20.52
CA ARG F 161 32.67 13.32 21.02
C ARG F 161 34.19 13.16 20.80
N ALA F 162 34.69 11.95 20.98
CA ALA F 162 36.10 11.68 20.76
C ALA F 162 36.49 12.01 19.31
N VAL F 163 35.64 11.63 18.36
CA VAL F 163 35.93 11.91 16.96
C VAL F 163 35.95 13.42 16.73
N ARG F 164 35.00 14.14 17.31
CA ARG F 164 34.97 15.60 17.15
C ARG F 164 36.26 16.23 17.66
N LYS F 165 36.74 15.74 18.80
CA LYS F 165 37.96 16.29 19.38
C LYS F 165 39.19 16.00 18.53
N ALA F 166 39.08 15.06 17.61
CA ALA F 166 40.21 14.73 16.74
C ALA F 166 40.43 15.83 15.71
N SER F 167 39.45 16.73 15.57
CA SER F 167 39.52 17.85 14.62
C SER F 167 39.90 17.42 13.21
N LEU F 168 39.16 16.45 12.68
CA LEU F 168 39.42 15.91 11.35
C LEU F 168 38.84 16.69 10.17
N ASP F 169 39.44 16.47 9.00
CA ASP F 169 38.98 17.07 7.75
C ASP F 169 39.57 16.24 6.62
N PRO F 170 39.10 16.42 5.39
CA PRO F 170 39.60 15.65 4.24
C PRO F 170 41.10 15.65 3.96
N THR F 171 41.84 16.63 4.49
CA THR F 171 43.27 16.69 4.24
C THR F 171 44.04 15.90 5.29
N LYS F 172 43.34 15.37 6.27
CA LYS F 172 43.98 14.64 7.36
C LYS F 172 43.81 13.12 7.37
N THR F 173 44.64 12.46 8.18
CA THR F 173 44.59 11.02 8.34
C THR F 173 44.49 10.72 9.83
N LEU F 174 43.59 9.80 10.16
CA LEU F 174 43.32 9.40 11.53
C LEU F 174 43.74 7.96 11.80
N LEU F 175 44.29 7.73 12.99
CA LEU F 175 44.66 6.37 13.40
C LEU F 175 43.70 6.00 14.53
N VAL F 176 43.03 4.85 14.39
CA VAL F 176 42.14 4.39 15.44
C VAL F 176 42.82 3.16 16.04
N VAL F 177 43.13 3.21 17.33
CA VAL F 177 43.79 2.10 18.00
C VAL F 177 42.74 1.07 18.41
N GLY F 178 43.09 -0.21 18.31
CA GLY F 178 42.14 -1.27 18.65
C GLY F 178 40.90 -1.09 17.79
N ALA F 179 41.15 -0.79 16.51
CA ALA F 179 40.10 -0.53 15.54
C ALA F 179 39.08 -1.63 15.30
N GLY F 180 39.42 -2.85 15.72
CA GLY F 180 38.52 -3.96 15.54
C GLY F 180 37.60 -4.26 16.72
N GLY F 181 37.75 -3.51 17.81
CA GLY F 181 36.91 -3.72 18.98
C GLY F 181 35.58 -2.99 18.87
N GLY F 182 34.73 -3.14 19.89
CA GLY F 182 33.44 -2.50 19.88
C GLY F 182 33.54 -0.98 19.73
N LEU F 183 34.33 -0.37 20.59
CA LEU F 183 34.51 1.08 20.55
C LEU F 183 35.28 1.50 19.31
N GLY F 184 36.26 0.68 18.95
CA GLY F 184 37.09 0.97 17.79
C GLY F 184 36.33 1.05 16.48
N THR F 185 35.51 0.03 16.21
CA THR F 185 34.75 0.01 14.99
C THR F 185 33.77 1.16 14.94
N MET F 186 33.18 1.51 16.09
CA MET F 186 32.24 2.62 16.14
C MET F 186 32.96 3.93 15.82
N ALA F 187 34.20 4.05 16.28
CA ALA F 187 35.00 5.25 16.02
C ALA F 187 35.32 5.35 14.53
N VAL F 188 35.67 4.21 13.93
CA VAL F 188 35.97 4.20 12.52
C VAL F 188 34.72 4.59 11.73
N GLN F 189 33.58 4.01 12.08
CA GLN F 189 32.33 4.32 11.38
C GLN F 189 31.93 5.78 11.51
N ILE F 190 32.02 6.32 12.72
CA ILE F 190 31.68 7.72 12.94
C ILE F 190 32.63 8.61 12.14
N ALA F 191 33.92 8.35 12.26
CA ALA F 191 34.92 9.13 11.54
C ALA F 191 34.70 9.08 10.03
N LYS F 192 34.33 7.91 9.52
CA LYS F 192 34.11 7.79 8.08
C LYS F 192 32.82 8.49 7.68
N ALA F 193 31.84 8.53 8.56
CA ALA F 193 30.58 9.17 8.25
C ALA F 193 30.57 10.69 8.45
N VAL F 194 31.45 11.21 9.30
CA VAL F 194 31.43 12.66 9.54
C VAL F 194 32.63 13.53 9.19
N SER F 195 33.74 12.98 8.69
CA SER F 195 34.88 13.86 8.40
C SER F 195 35.55 13.83 7.03
N GLY F 196 35.47 12.71 6.31
CA GLY F 196 36.12 12.64 5.02
C GLY F 196 37.62 12.40 5.16
N ALA F 197 38.08 12.21 6.39
CA ALA F 197 39.49 11.95 6.65
C ALA F 197 39.85 10.54 6.24
N THR F 198 41.13 10.32 5.96
CA THR F 198 41.61 9.00 5.60
C THR F 198 41.75 8.28 6.94
N ILE F 199 41.31 7.03 7.02
CA ILE F 199 41.37 6.30 8.27
C ILE F 199 42.27 5.07 8.24
N ILE F 200 43.12 4.96 9.25
CA ILE F 200 44.01 3.81 9.41
C ILE F 200 43.57 3.12 10.70
N GLY F 201 43.18 1.86 10.60
CA GLY F 201 42.76 1.13 11.79
C GLY F 201 43.82 0.10 12.15
N VAL F 202 44.20 0.07 13.42
CA VAL F 202 45.20 -0.91 13.84
C VAL F 202 44.64 -1.79 14.93
N ASP F 203 45.00 -3.07 14.86
CA ASP F 203 44.59 -4.04 15.86
C ASP F 203 45.61 -5.17 15.88
N VAL F 204 45.39 -6.18 16.72
CA VAL F 204 46.38 -7.25 16.83
C VAL F 204 45.94 -8.66 16.44
N ARG F 205 44.79 -8.78 15.78
CA ARG F 205 44.30 -10.08 15.36
C ARG F 205 43.69 -9.93 13.98
N GLU F 206 43.81 -10.98 13.17
CA GLU F 206 43.26 -10.96 11.82
C GLU F 206 41.75 -10.69 11.89
N GLU F 207 41.08 -11.36 12.82
CA GLU F 207 39.64 -11.19 13.00
C GLU F 207 39.32 -9.72 13.28
N ALA F 208 40.14 -9.12 14.14
CA ALA F 208 39.98 -7.72 14.54
C ALA F 208 40.28 -6.80 13.37
N VAL F 209 41.41 -7.04 12.71
CA VAL F 209 41.80 -6.24 11.56
C VAL F 209 40.69 -6.33 10.52
N GLU F 210 40.07 -7.51 10.45
CA GLU F 210 39.00 -7.71 9.50
C GLU F 210 37.79 -6.86 9.87
N ALA F 211 37.47 -6.81 11.16
CA ALA F 211 36.33 -6.01 11.62
C ALA F 211 36.61 -4.53 11.35
N ALA F 212 37.87 -4.12 11.50
CA ALA F 212 38.27 -2.74 11.26
C ALA F 212 37.97 -2.39 9.80
N LYS F 213 38.31 -3.31 8.90
CA LYS F 213 38.06 -3.12 7.48
C LYS F 213 36.58 -2.97 7.20
N ARG F 214 35.77 -3.89 7.74
CA ARG F 214 34.33 -3.83 7.54
C ARG F 214 33.72 -2.55 8.12
N ALA F 215 34.39 -1.96 9.11
CA ALA F 215 33.90 -0.73 9.72
C ALA F 215 34.13 0.47 8.79
N GLY F 216 35.07 0.33 7.86
CA GLY F 216 35.32 1.41 6.93
C GLY F 216 36.73 1.96 6.89
N ALA F 217 37.67 1.34 7.60
CA ALA F 217 39.04 1.83 7.60
C ALA F 217 39.65 1.72 6.20
N ASP F 218 40.23 2.82 5.70
CA ASP F 218 40.86 2.85 4.38
C ASP F 218 42.09 1.93 4.34
N TYR F 219 42.80 1.89 5.47
CA TYR F 219 44.01 1.08 5.63
C TYR F 219 43.91 0.38 6.99
N VAL F 220 44.48 -0.81 7.11
CA VAL F 220 44.45 -1.53 8.36
C VAL F 220 45.83 -2.13 8.60
N ILE F 221 46.19 -2.31 9.85
CA ILE F 221 47.49 -2.86 10.20
C ILE F 221 47.34 -3.90 11.29
N ASN F 222 47.97 -5.04 11.10
CA ASN F 222 47.94 -6.10 12.10
C ASN F 222 49.25 -5.93 12.86
N ALA F 223 49.18 -5.27 14.02
CA ALA F 223 50.38 -5.02 14.83
C ALA F 223 51.13 -6.27 15.26
N SER F 224 50.48 -7.43 15.14
CA SER F 224 51.12 -8.69 15.51
C SER F 224 51.95 -9.24 14.37
N MET F 225 51.68 -8.78 13.16
CA MET F 225 52.39 -9.23 11.97
C MET F 225 53.27 -8.14 11.35
N GLN F 226 52.97 -6.88 11.66
CA GLN F 226 53.71 -5.77 11.09
C GLN F 226 54.11 -4.76 12.16
N ASP F 227 55.13 -3.96 11.89
CA ASP F 227 55.54 -2.91 12.83
C ASP F 227 54.56 -1.79 12.52
N PRO F 228 53.62 -1.53 13.44
CA PRO F 228 52.63 -0.47 13.23
C PRO F 228 53.20 0.92 12.95
N LEU F 229 54.22 1.33 13.70
CA LEU F 229 54.81 2.65 13.48
C LEU F 229 55.43 2.73 12.09
N ALA F 230 56.07 1.65 11.66
CA ALA F 230 56.70 1.62 10.35
C ALA F 230 55.64 1.72 9.25
N GLU F 231 54.58 0.95 9.37
CA GLU F 231 53.52 0.98 8.36
C GLU F 231 52.84 2.34 8.32
N ILE F 232 52.58 2.91 9.49
CA ILE F 232 51.93 4.22 9.55
C ILE F 232 52.78 5.24 8.81
N ARG F 233 54.09 5.20 9.03
CA ARG F 233 54.94 6.16 8.33
C ARG F 233 54.94 5.90 6.82
N ARG F 234 54.83 4.63 6.43
CA ARG F 234 54.79 4.29 5.02
C ARG F 234 53.51 4.88 4.40
N ILE F 235 52.37 4.54 4.99
CA ILE F 235 51.08 5.02 4.52
C ILE F 235 51.00 6.53 4.43
N THR F 236 51.48 7.23 5.46
CA THR F 236 51.43 8.69 5.49
C THR F 236 52.66 9.34 4.86
N GLU F 237 53.51 8.53 4.23
CA GLU F 237 54.72 9.04 3.61
C GLU F 237 55.60 9.83 4.57
N SER F 238 55.83 9.24 5.74
CA SER F 238 56.67 9.83 6.77
C SER F 238 56.08 10.99 7.57
N LYS F 239 54.89 11.45 7.20
CA LYS F 239 54.30 12.57 7.94
C LYS F 239 53.76 12.17 9.32
N GLY F 240 53.18 10.98 9.41
CA GLY F 240 52.58 10.57 10.67
C GLY F 240 51.11 10.92 10.56
N VAL F 241 50.30 10.58 11.56
CA VAL F 241 48.87 10.87 11.51
C VAL F 241 48.52 12.18 12.23
N ASP F 242 47.47 12.83 11.72
CA ASP F 242 47.03 14.10 12.27
C ASP F 242 46.24 13.94 13.56
N ALA F 243 45.84 12.70 13.87
CA ALA F 243 45.13 12.43 15.10
C ALA F 243 45.11 10.95 15.38
N VAL F 244 45.10 10.60 16.66
CA VAL F 244 45.01 9.21 17.07
C VAL F 244 43.86 9.18 18.05
N ILE F 245 42.98 8.20 17.91
CA ILE F 245 41.90 8.05 18.87
C ILE F 245 42.20 6.73 19.56
N ASP F 246 42.50 6.83 20.85
CA ASP F 246 42.86 5.68 21.66
C ASP F 246 41.76 5.43 22.69
N LEU F 247 40.80 4.61 22.33
CA LEU F 247 39.67 4.28 23.21
C LEU F 247 40.13 3.12 24.09
N ASN F 248 39.95 3.29 25.40
CA ASN F 248 40.38 2.28 26.35
C ASN F 248 41.90 2.12 26.23
N TYR F 249 42.61 3.23 26.41
CA TYR F 249 44.06 3.24 26.34
C TYR F 249 44.66 2.32 27.40
N SER F 250 45.93 1.99 27.23
CA SER F 250 46.64 1.15 28.18
C SER F 250 48.04 1.69 28.29
N GLU F 251 48.83 1.12 29.19
CA GLU F 251 50.21 1.55 29.38
C GLU F 251 50.98 1.40 28.08
N LYS F 252 50.70 0.33 27.34
CA LYS F 252 51.36 0.07 26.08
C LYS F 252 50.98 1.05 24.98
N THR F 253 49.69 1.26 24.76
CA THR F 253 49.25 2.16 23.71
C THR F 253 49.80 3.59 23.89
N LEU F 254 49.79 4.08 25.13
CA LEU F 254 50.29 5.42 25.40
C LEU F 254 51.79 5.56 25.20
N SER F 255 52.51 4.45 25.29
CA SER F 255 53.96 4.47 25.13
C SER F 255 54.36 4.30 23.67
N VAL F 256 53.46 3.77 22.86
CA VAL F 256 53.75 3.53 21.45
C VAL F 256 53.17 4.49 20.43
N TYR F 257 51.86 4.58 20.37
CA TYR F 257 51.19 5.40 19.38
C TYR F 257 51.43 6.91 19.34
N PRO F 258 51.77 7.54 20.48
CA PRO F 258 52.02 8.98 20.40
C PRO F 258 53.14 9.23 19.39
N LYS F 259 53.99 8.23 19.19
CA LYS F 259 55.13 8.35 18.28
C LYS F 259 54.71 8.40 16.82
N ALA F 260 53.46 8.04 16.54
CA ALA F 260 52.97 8.05 15.16
C ALA F 260 52.36 9.40 14.79
N LEU F 261 52.28 10.29 15.76
CA LEU F 261 51.69 11.61 15.53
C LEU F 261 52.49 12.51 14.60
N ALA F 262 51.78 13.18 13.70
CA ALA F 262 52.40 14.13 12.79
C ALA F 262 52.50 15.44 13.55
N LYS F 263 53.14 16.44 12.96
CA LYS F 263 53.22 17.74 13.62
C LYS F 263 51.77 18.23 13.72
N GLN F 264 51.44 18.88 14.84
CA GLN F 264 50.10 19.38 15.13
C GLN F 264 49.12 18.25 15.38
N GLY F 265 49.63 17.03 15.49
CA GLY F 265 48.75 15.90 15.72
C GLY F 265 48.07 15.93 17.09
N LYS F 266 46.84 15.43 17.15
CA LYS F 266 46.10 15.39 18.40
C LYS F 266 45.90 13.95 18.86
N TYR F 267 46.34 13.65 20.07
CA TYR F 267 46.17 12.31 20.62
C TYR F 267 44.96 12.31 21.55
N VAL F 268 43.87 11.73 21.08
CA VAL F 268 42.61 11.68 21.84
C VAL F 268 42.55 10.40 22.66
N MET F 269 42.66 10.54 23.97
CA MET F 269 42.62 9.43 24.91
C MET F 269 41.24 9.33 25.55
N VAL F 270 40.71 8.12 25.62
CA VAL F 270 39.41 7.89 26.23
C VAL F 270 39.49 6.66 27.13
N GLY F 271 38.96 6.75 28.34
CA GLY F 271 39.01 5.62 29.25
C GLY F 271 39.36 5.99 30.67
N LEU F 272 39.48 4.97 31.53
CA LEU F 272 39.81 5.17 32.94
C LEU F 272 40.88 4.22 33.47
N PHE F 273 41.63 3.59 32.57
CA PHE F 273 42.67 2.66 33.02
C PHE F 273 43.77 3.35 33.83
N GLY F 274 44.20 2.69 34.90
CA GLY F 274 45.23 3.25 35.77
C GLY F 274 46.60 3.27 35.15
N ALA F 275 46.85 4.24 34.28
CA ALA F 275 48.15 4.39 33.62
C ALA F 275 48.49 5.88 33.54
N ASP F 276 49.76 6.18 33.40
CA ASP F 276 50.18 7.58 33.31
C ASP F 276 50.67 7.91 31.92
N LEU F 277 50.48 9.16 31.52
CA LEU F 277 50.96 9.61 30.24
C LEU F 277 52.38 10.07 30.50
N HIS F 278 53.33 9.59 29.70
CA HIS F 278 54.73 9.99 29.88
C HIS F 278 55.27 10.35 28.51
N TYR F 279 55.66 11.61 28.33
CA TYR F 279 56.19 12.04 27.05
C TYR F 279 57.18 13.19 27.22
N HIS F 280 58.23 13.16 26.42
CA HIS F 280 59.27 14.19 26.46
C HIS F 280 58.73 15.55 26.02
N ALA F 281 58.76 16.50 26.93
CA ALA F 281 58.24 17.85 26.66
C ALA F 281 58.71 18.51 25.36
N PRO F 282 60.03 18.50 25.09
CA PRO F 282 60.55 19.10 23.86
C PRO F 282 59.88 18.54 22.60
N LEU F 283 59.45 17.29 22.65
CA LEU F 283 58.79 16.66 21.52
C LEU F 283 57.41 17.29 21.32
N ILE F 284 56.76 17.62 22.42
CA ILE F 284 55.44 18.22 22.36
C ILE F 284 55.50 19.63 21.78
N THR F 285 56.43 20.45 22.26
CA THR F 285 56.56 21.82 21.80
C THR F 285 57.07 21.93 20.35
N LEU F 286 58.07 21.12 20.01
CA LEU F 286 58.64 21.11 18.66
C LEU F 286 57.62 20.77 17.59
N SER F 287 56.71 19.85 17.92
CA SER F 287 55.70 19.41 16.96
C SER F 287 54.31 19.97 17.17
N GLU F 288 54.14 20.79 18.20
CA GLU F 288 52.82 21.35 18.48
C GLU F 288 51.78 20.24 18.65
N ILE F 289 52.18 19.12 19.24
CA ILE F 289 51.22 18.06 19.43
C ILE F 289 50.35 18.37 20.63
N GLN F 290 49.23 17.67 20.71
CA GLN F 290 48.31 17.85 21.82
C GLN F 290 47.82 16.50 22.32
N PHE F 291 47.69 16.39 23.62
CA PHE F 291 47.16 15.19 24.24
C PHE F 291 45.83 15.70 24.81
N VAL F 292 44.73 15.05 24.42
CA VAL F 292 43.44 15.51 24.90
C VAL F 292 42.57 14.37 25.38
N GLY F 293 42.00 14.54 26.57
CA GLY F 293 41.16 13.52 27.14
C GLY F 293 39.69 13.75 26.89
N SER F 294 38.92 12.67 26.95
CA SER F 294 37.48 12.74 26.75
C SER F 294 36.91 11.49 27.41
N LEU F 295 35.65 11.54 27.82
CA LEU F 295 35.06 10.39 28.47
C LEU F 295 33.57 10.22 28.19
N VAL F 296 32.81 11.30 28.28
CA VAL F 296 31.39 11.23 28.04
C VAL F 296 30.95 12.22 26.96
N GLY F 297 29.82 12.89 27.14
CA GLY F 297 29.36 13.84 26.14
C GLY F 297 28.07 14.54 26.52
N ASN F 298 27.72 15.57 25.76
CA ASN F 298 26.52 16.36 26.06
C ASN F 298 25.33 16.11 25.11
N GLN F 299 24.32 16.96 25.20
CA GLN F 299 23.12 16.83 24.35
C GLN F 299 23.45 16.90 22.87
N SER F 300 24.44 17.72 22.52
CA SER F 300 24.85 17.87 21.13
C SER F 300 25.45 16.56 20.62
N ASP F 301 26.29 15.93 21.43
CA ASP F 301 26.90 14.66 21.04
C ASP F 301 25.81 13.59 20.92
N PHE F 302 24.84 13.59 21.83
CA PHE F 302 23.75 12.62 21.80
C PHE F 302 22.92 12.79 20.52
N LEU F 303 22.55 14.03 20.23
CA LEU F 303 21.76 14.33 19.04
C LEU F 303 22.53 13.86 17.79
N GLY F 304 23.84 14.08 17.79
CA GLY F 304 24.64 13.69 16.64
C GLY F 304 24.71 12.19 16.39
N ILE F 305 25.09 11.42 17.40
CA ILE F 305 25.20 9.98 17.24
C ILE F 305 23.86 9.32 16.95
N MET F 306 22.78 9.85 17.52
CA MET F 306 21.47 9.26 17.27
C MET F 306 21.01 9.53 15.85
N ARG F 307 21.31 10.72 15.35
CA ARG F 307 20.94 11.09 13.98
C ARG F 307 21.66 10.15 13.02
N LEU F 308 22.94 9.90 13.29
CA LEU F 308 23.75 9.01 12.46
C LEU F 308 23.21 7.59 12.49
N ALA F 309 22.98 7.07 13.69
CA ALA F 309 22.49 5.71 13.84
C ALA F 309 21.09 5.53 13.25
N GLU F 310 20.20 6.47 13.51
CA GLU F 310 18.84 6.40 12.99
C GLU F 310 18.81 6.45 11.46
N ALA F 311 19.87 7.01 10.87
CA ALA F 311 19.95 7.12 9.41
C ALA F 311 20.73 5.93 8.87
N GLY F 312 21.18 5.08 9.77
CA GLY F 312 21.94 3.91 9.37
C GLY F 312 23.38 4.17 8.98
N LYS F 313 23.85 5.39 9.18
CA LYS F 313 25.23 5.74 8.83
C LYS F 313 26.22 5.13 9.81
N VAL F 314 25.71 4.71 10.96
CA VAL F 314 26.52 4.08 12.00
C VAL F 314 25.71 2.91 12.53
N LYS F 315 26.29 1.72 12.48
CA LYS F 315 25.61 0.49 12.91
C LYS F 315 25.62 0.26 14.41
N PRO F 316 24.57 -0.40 14.93
CA PRO F 316 24.50 -0.69 16.37
C PRO F 316 25.65 -1.61 16.76
N MET F 317 25.96 -1.64 18.05
CA MET F 317 27.04 -2.48 18.53
C MET F 317 26.64 -3.97 18.54
N ILE F 318 27.62 -4.85 18.37
CA ILE F 318 27.35 -6.28 18.41
C ILE F 318 26.89 -6.48 19.86
N THR F 319 25.68 -7.01 20.02
CA THR F 319 25.12 -7.17 21.36
C THR F 319 24.72 -8.58 21.78
N LYS F 320 24.70 -8.79 23.10
CA LYS F 320 24.31 -10.06 23.69
C LYS F 320 23.25 -9.73 24.73
N THR F 321 22.00 -10.15 24.45
CA THR F 321 20.90 -9.89 25.37
C THR F 321 20.87 -10.86 26.55
N MET F 322 20.51 -10.33 27.72
CA MET F 322 20.45 -11.14 28.93
C MET F 322 19.25 -10.73 29.79
N LYS F 323 19.06 -11.43 30.90
CA LYS F 323 17.95 -11.16 31.80
C LYS F 323 18.39 -10.17 32.88
N LEU F 324 17.43 -9.42 33.43
CA LEU F 324 17.73 -8.45 34.46
C LEU F 324 18.43 -9.07 35.65
N GLU F 325 18.05 -10.30 35.98
CA GLU F 325 18.65 -11.01 37.10
C GLU F 325 20.11 -11.39 36.87
N GLU F 326 20.55 -11.35 35.62
CA GLU F 326 21.92 -11.70 35.28
C GLU F 326 22.86 -10.49 35.33
N ALA F 327 22.37 -9.40 35.93
CA ALA F 327 23.15 -8.17 36.04
C ALA F 327 24.55 -8.41 36.60
N ASN F 328 24.62 -9.01 37.80
CA ASN F 328 25.91 -9.28 38.43
C ASN F 328 26.79 -10.14 37.55
N GLU F 329 26.18 -11.11 36.88
CA GLU F 329 26.91 -12.00 36.00
C GLU F 329 27.52 -11.16 34.87
N ALA F 330 26.69 -10.33 34.25
CA ALA F 330 27.15 -9.47 33.17
C ALA F 330 28.35 -8.64 33.61
N ILE F 331 28.25 -8.07 34.81
CA ILE F 331 29.33 -7.25 35.35
C ILE F 331 30.57 -8.10 35.63
N ASP F 332 30.36 -9.32 36.10
CA ASP F 332 31.49 -10.21 36.38
C ASP F 332 32.23 -10.49 35.08
N ASN F 333 31.45 -10.72 34.02
CA ASN F 333 32.04 -11.00 32.71
C ASN F 333 32.98 -9.86 32.36
N LEU F 334 32.61 -8.65 32.75
CA LEU F 334 33.42 -7.48 32.47
C LEU F 334 34.67 -7.44 33.34
N GLU F 335 34.56 -7.89 34.59
CA GLU F 335 35.71 -7.90 35.48
C GLU F 335 36.73 -8.94 35.04
N GLY F 341 31.27 -8.61 23.61
CA GLY F 341 30.13 -7.89 23.06
C GLY F 341 29.39 -7.13 24.15
N ARG F 342 28.71 -6.05 23.77
CA ARG F 342 27.96 -5.24 24.72
C ARG F 342 26.75 -6.01 25.23
N GLN F 343 26.71 -6.24 26.54
CA GLN F 343 25.61 -6.96 27.17
C GLN F 343 24.47 -6.01 27.49
N VAL F 344 23.26 -6.39 27.09
CA VAL F 344 22.08 -5.57 27.33
C VAL F 344 21.03 -6.35 28.11
N LEU F 345 20.68 -5.85 29.30
CA LEU F 345 19.67 -6.52 30.13
C LEU F 345 18.28 -6.17 29.61
N ILE F 346 17.38 -7.15 29.66
CA ILE F 346 16.02 -6.94 29.20
C ILE F 346 15.04 -7.37 30.28
N PRO F 347 14.61 -6.41 31.13
CA PRO F 347 13.66 -6.70 32.20
C PRO F 347 12.41 -7.40 31.68
ZN ZN G . -27.76 12.45 -9.02
ZN ZN H . -17.94 10.87 -27.36
ZN ZN I . -15.66 -30.48 -12.13
ZN ZN J . -35.75 -30.88 -6.41
ZN ZN K . -11.46 15.14 -0.83
ZN ZN L . -20.86 12.25 17.64
ZN ZN M . -11.08 -29.06 5.88
ZN ZN N . 8.33 -24.15 -0.17
ZN ZN O . 48.35 38.82 -1.78
ZN ZN P . 36.58 27.28 -14.53
ZN ZN Q . 26.22 22.17 36.35
ZN ZN R . 28.09 2.51 29.81
#